data_8I33
# 
_entry.id   8I33 
# 
_audit_conform.dict_name       mmcif_pdbx.dic 
_audit_conform.dict_version    5.398 
_audit_conform.dict_location   http://mmcif.pdb.org/dictionaries/ascii/mmcif_pdbx.dic 
# 
loop_
_database_2.database_id 
_database_2.database_code 
_database_2.pdbx_database_accession 
_database_2.pdbx_DOI 
PDB   8I33         pdb_00008i33 10.2210/pdb8i33/pdb 
WWPDB D_1300034457 ?            ?                   
# 
loop_
_pdbx_audit_revision_history.ordinal 
_pdbx_audit_revision_history.data_content_type 
_pdbx_audit_revision_history.major_revision 
_pdbx_audit_revision_history.minor_revision 
_pdbx_audit_revision_history.revision_date 
1 'Structure model' 1 0 2024-01-24 
2 'Structure model' 1 1 2024-11-06 
# 
_pdbx_audit_revision_details.ordinal             1 
_pdbx_audit_revision_details.revision_ordinal    1 
_pdbx_audit_revision_details.data_content_type   'Structure model' 
_pdbx_audit_revision_details.provider            repository 
_pdbx_audit_revision_details.type                'Initial release' 
_pdbx_audit_revision_details.description         ? 
_pdbx_audit_revision_details.details             ? 
# 
_pdbx_audit_revision_group.ordinal             1 
_pdbx_audit_revision_group.revision_ordinal    2 
_pdbx_audit_revision_group.data_content_type   'Structure model' 
_pdbx_audit_revision_group.group               'Structure summary' 
# 
loop_
_pdbx_audit_revision_category.ordinal 
_pdbx_audit_revision_category.revision_ordinal 
_pdbx_audit_revision_category.data_content_type 
_pdbx_audit_revision_category.category 
1 2 'Structure model' pdbx_entry_details        
2 2 'Structure model' pdbx_modification_feature 
# 
_pdbx_audit_revision_item.ordinal             1 
_pdbx_audit_revision_item.revision_ordinal    2 
_pdbx_audit_revision_item.data_content_type   'Structure model' 
_pdbx_audit_revision_item.item                '_pdbx_entry_details.has_protein_modification' 
# 
_pdbx_database_status.status_code                     REL 
_pdbx_database_status.status_code_sf                  REL 
_pdbx_database_status.status_code_mr                  ? 
_pdbx_database_status.entry_id                        8I33 
_pdbx_database_status.recvd_initial_deposition_date   2023-01-16 
_pdbx_database_status.SG_entry                        N 
_pdbx_database_status.deposit_site                    PDBJ 
_pdbx_database_status.process_site                    PDBJ 
_pdbx_database_status.status_code_cs                  ? 
_pdbx_database_status.status_code_nmr_data            ? 
_pdbx_database_status.methods_development_category    ? 
_pdbx_database_status.pdb_format_compatible           Y 
# 
_pdbx_contact_author.id                 2 
_pdbx_contact_author.email              hanc210@snu.ac.kr 
_pdbx_contact_author.name_first         Nam-Chul 
_pdbx_contact_author.name_last          Ha 
_pdbx_contact_author.name_mi            ? 
_pdbx_contact_author.role               'principal investigator/group leader' 
_pdbx_contact_author.identifier_ORCID   0000-0003-4813-748X 
# 
loop_
_audit_author.name 
_audit_author.pdbx_ordinal 
_audit_author.identifier_ORCID 
'Jeong, S.' 1 0000-0002-5746-7117 
'Ha, N.C.'  2 0000-0003-4813-748X 
# 
_citation.abstract                  ? 
_citation.abstract_id_CAS           ? 
_citation.book_id_ISBN              ? 
_citation.book_publisher            ? 
_citation.book_publisher_city       ? 
_citation.book_title                ? 
_citation.coordinate_linkage        ? 
_citation.country                   ? 
_citation.database_id_Medline       ? 
_citation.details                   ? 
_citation.id                        primary 
_citation.journal_abbrev            'To Be Published' 
_citation.journal_id_ASTM           ? 
_citation.journal_id_CSD            0353 
_citation.journal_id_ISSN           ? 
_citation.journal_full              ? 
_citation.journal_issue             ? 
_citation.journal_volume            ? 
_citation.language                  ? 
_citation.page_first                ? 
_citation.page_last                 ? 
_citation.title                     'Coil 1a of lamin A (residue 25-65)' 
_citation.year                      ? 
_citation.database_id_CSD           ? 
_citation.pdbx_database_id_DOI      ? 
_citation.pdbx_database_id_PubMed   ? 
_citation.pdbx_database_id_patent   ? 
_citation.unpublished_flag          ? 
# 
loop_
_citation_author.citation_id 
_citation_author.name 
_citation_author.ordinal 
_citation_author.identifier_ORCID 
primary 'Jeong, S.' 1 0000-0002-5746-7117 
primary 'Ha, N.C.'  2 0000-0003-4813-748X 
# 
loop_
_entity.id 
_entity.type 
_entity.src_method 
_entity.pdbx_description 
_entity.formula_weight 
_entity.pdbx_number_of_molecules 
_entity.pdbx_ec 
_entity.pdbx_mutation 
_entity.pdbx_fragment 
_entity.details 
1 polymer syn Prelamin-A/C 4958.617 4  ? ? ? ? 
2 water   nat water        18.015   85 ? ? ? ? 
# 
_entity_poly.entity_id                      1 
_entity_poly.type                           'polypeptide(L)' 
_entity_poly.nstd_linkage                   no 
_entity_poly.nstd_monomer                   yes 
_entity_poly.pdbx_seq_one_letter_code       '(ACE)RITRLQEKEDLQELNDRLAVYIDRVRSLETENAGLRLRITE(NH2)' 
_entity_poly.pdbx_seq_one_letter_code_can   XRITRLQEKEDLQELNDRLAVYIDRVRSLETENAGLRLRITEX 
_entity_poly.pdbx_strand_id                 A,B,C,D 
_entity_poly.pdbx_target_identifier         ? 
# 
_pdbx_entity_nonpoly.entity_id   2 
_pdbx_entity_nonpoly.name        water 
_pdbx_entity_nonpoly.comp_id     HOH 
# 
loop_
_entity_poly_seq.entity_id 
_entity_poly_seq.num 
_entity_poly_seq.mon_id 
_entity_poly_seq.hetero 
1 1  ACE n 
1 2  ARG n 
1 3  ILE n 
1 4  THR n 
1 5  ARG n 
1 6  LEU n 
1 7  GLN n 
1 8  GLU n 
1 9  LYS n 
1 10 GLU n 
1 11 ASP n 
1 12 LEU n 
1 13 GLN n 
1 14 GLU n 
1 15 LEU n 
1 16 ASN n 
1 17 ASP n 
1 18 ARG n 
1 19 LEU n 
1 20 ALA n 
1 21 VAL n 
1 22 TYR n 
1 23 ILE n 
1 24 ASP n 
1 25 ARG n 
1 26 VAL n 
1 27 ARG n 
1 28 SER n 
1 29 LEU n 
1 30 GLU n 
1 31 THR n 
1 32 GLU n 
1 33 ASN n 
1 34 ALA n 
1 35 GLY n 
1 36 LEU n 
1 37 ARG n 
1 38 LEU n 
1 39 ARG n 
1 40 ILE n 
1 41 THR n 
1 42 GLU n 
1 43 NH2 n 
# 
_pdbx_entity_src_syn.entity_id              1 
_pdbx_entity_src_syn.pdbx_src_id            1 
_pdbx_entity_src_syn.pdbx_alt_source_flag   sample 
_pdbx_entity_src_syn.pdbx_beg_seq_num       1 
_pdbx_entity_src_syn.pdbx_end_seq_num       43 
_pdbx_entity_src_syn.organism_scientific    'Homo sapiens' 
_pdbx_entity_src_syn.organism_common_name   human 
_pdbx_entity_src_syn.ncbi_taxonomy_id       9606 
_pdbx_entity_src_syn.details                ? 
# 
loop_
_chem_comp.id 
_chem_comp.type 
_chem_comp.mon_nstd_flag 
_chem_comp.name 
_chem_comp.pdbx_synonyms 
_chem_comp.formula 
_chem_comp.formula_weight 
ACE non-polymer         . 'ACETYL GROUP'  ? 'C2 H4 O'        44.053  
ALA 'L-peptide linking' y ALANINE         ? 'C3 H7 N O2'     89.093  
ARG 'L-peptide linking' y ARGININE        ? 'C6 H15 N4 O2 1' 175.209 
ASN 'L-peptide linking' y ASPARAGINE      ? 'C4 H8 N2 O3'    132.118 
ASP 'L-peptide linking' y 'ASPARTIC ACID' ? 'C4 H7 N O4'     133.103 
GLN 'L-peptide linking' y GLUTAMINE       ? 'C5 H10 N2 O3'   146.144 
GLU 'L-peptide linking' y 'GLUTAMIC ACID' ? 'C5 H9 N O4'     147.129 
GLY 'peptide linking'   y GLYCINE         ? 'C2 H5 N O2'     75.067  
HOH non-polymer         . WATER           ? 'H2 O'           18.015  
ILE 'L-peptide linking' y ISOLEUCINE      ? 'C6 H13 N O2'    131.173 
LEU 'L-peptide linking' y LEUCINE         ? 'C6 H13 N O2'    131.173 
LYS 'L-peptide linking' y LYSINE          ? 'C6 H15 N2 O2 1' 147.195 
NH2 non-polymer         . 'AMINO GROUP'   ? 'H2 N'           16.023  
SER 'L-peptide linking' y SERINE          ? 'C3 H7 N O3'     105.093 
THR 'L-peptide linking' y THREONINE       ? 'C4 H9 N O3'     119.119 
TYR 'L-peptide linking' y TYROSINE        ? 'C9 H11 N O3'    181.189 
VAL 'L-peptide linking' y VALINE          ? 'C5 H11 N O2'    117.146 
# 
loop_
_pdbx_poly_seq_scheme.asym_id 
_pdbx_poly_seq_scheme.entity_id 
_pdbx_poly_seq_scheme.seq_id 
_pdbx_poly_seq_scheme.mon_id 
_pdbx_poly_seq_scheme.ndb_seq_num 
_pdbx_poly_seq_scheme.pdb_seq_num 
_pdbx_poly_seq_scheme.auth_seq_num 
_pdbx_poly_seq_scheme.pdb_mon_id 
_pdbx_poly_seq_scheme.auth_mon_id 
_pdbx_poly_seq_scheme.pdb_strand_id 
_pdbx_poly_seq_scheme.pdb_ins_code 
_pdbx_poly_seq_scheme.hetero 
A 1 1  ACE 1  24 ?  ?   ?   A . n 
A 1 2  ARG 2  25 ?  ?   ?   A . n 
A 1 3  ILE 3  26 26 ILE ILE A . n 
A 1 4  THR 4  27 27 THR THR A . n 
A 1 5  ARG 5  28 28 ARG ARG A . n 
A 1 6  LEU 6  29 29 LEU LEU A . n 
A 1 7  GLN 7  30 30 GLN GLN A . n 
A 1 8  GLU 8  31 31 GLU GLU A . n 
A 1 9  LYS 9  32 32 LYS LYS A . n 
A 1 10 GLU 10 33 33 GLU GLU A . n 
A 1 11 ASP 11 34 34 ASP ASP A . n 
A 1 12 LEU 12 35 35 LEU LEU A . n 
A 1 13 GLN 13 36 36 GLN GLN A . n 
A 1 14 GLU 14 37 37 GLU GLU A . n 
A 1 15 LEU 15 38 38 LEU LEU A . n 
A 1 16 ASN 16 39 39 ASN ASN A . n 
A 1 17 ASP 17 40 40 ASP ASP A . n 
A 1 18 ARG 18 41 41 ARG ARG A . n 
A 1 19 LEU 19 42 42 LEU LEU A . n 
A 1 20 ALA 20 43 43 ALA ALA A . n 
A 1 21 VAL 21 44 44 VAL VAL A . n 
A 1 22 TYR 22 45 45 TYR TYR A . n 
A 1 23 ILE 23 46 46 ILE ILE A . n 
A 1 24 ASP 24 47 47 ASP ASP A . n 
A 1 25 ARG 25 48 48 ARG ARG A . n 
A 1 26 VAL 26 49 49 VAL VAL A . n 
A 1 27 ARG 27 50 50 ARG ARG A . n 
A 1 28 SER 28 51 51 SER SER A . n 
A 1 29 LEU 29 52 52 LEU LEU A . n 
A 1 30 GLU 30 53 53 GLU GLU A . n 
A 1 31 THR 31 54 54 THR THR A . n 
A 1 32 GLU 32 55 55 GLU GLU A . n 
A 1 33 ASN 33 56 56 ASN ASN A . n 
A 1 34 ALA 34 57 57 ALA ALA A . n 
A 1 35 GLY 35 58 58 GLY GLY A . n 
A 1 36 LEU 36 59 59 LEU LEU A . n 
A 1 37 ARG 37 60 60 ARG ARG A . n 
A 1 38 LEU 38 61 61 LEU LEU A . n 
A 1 39 ARG 39 62 62 ARG ARG A . n 
A 1 40 ILE 40 63 63 ILE ILE A . n 
A 1 41 THR 41 64 64 THR THR A . n 
A 1 42 GLU 42 65 65 GLU GLU A . n 
A 1 43 NH2 43 66 66 NH2 NH2 A . n 
B 1 1  ACE 1  24 24 ACE ACE B . n 
B 1 2  ARG 2  25 25 ARG ARG B . n 
B 1 3  ILE 3  26 26 ILE ILE B . n 
B 1 4  THR 4  27 27 THR THR B . n 
B 1 5  ARG 5  28 28 ARG ARG B . n 
B 1 6  LEU 6  29 29 LEU LEU B . n 
B 1 7  GLN 7  30 30 GLN GLN B . n 
B 1 8  GLU 8  31 31 GLU GLU B . n 
B 1 9  LYS 9  32 32 LYS LYS B . n 
B 1 10 GLU 10 33 33 GLU GLU B . n 
B 1 11 ASP 11 34 34 ASP ASP B . n 
B 1 12 LEU 12 35 35 LEU LEU B . n 
B 1 13 GLN 13 36 36 GLN GLN B . n 
B 1 14 GLU 14 37 37 GLU GLU B . n 
B 1 15 LEU 15 38 38 LEU LEU B . n 
B 1 16 ASN 16 39 39 ASN ASN B . n 
B 1 17 ASP 17 40 40 ASP ASP B . n 
B 1 18 ARG 18 41 41 ARG ARG B . n 
B 1 19 LEU 19 42 42 LEU LEU B . n 
B 1 20 ALA 20 43 43 ALA ALA B . n 
B 1 21 VAL 21 44 44 VAL VAL B . n 
B 1 22 TYR 22 45 45 TYR TYR B . n 
B 1 23 ILE 23 46 46 ILE ILE B . n 
B 1 24 ASP 24 47 47 ASP ASP B . n 
B 1 25 ARG 25 48 48 ARG ARG B . n 
B 1 26 VAL 26 49 49 VAL VAL B . n 
B 1 27 ARG 27 50 50 ARG ARG B . n 
B 1 28 SER 28 51 51 SER SER B . n 
B 1 29 LEU 29 52 52 LEU LEU B . n 
B 1 30 GLU 30 53 53 GLU GLU B . n 
B 1 31 THR 31 54 54 THR THR B . n 
B 1 32 GLU 32 55 55 GLU GLU B . n 
B 1 33 ASN 33 56 56 ASN ASN B . n 
B 1 34 ALA 34 57 57 ALA ALA B . n 
B 1 35 GLY 35 58 58 GLY GLY B . n 
B 1 36 LEU 36 59 59 LEU LEU B . n 
B 1 37 ARG 37 60 60 ARG ARG B . n 
B 1 38 LEU 38 61 61 LEU LEU B . n 
B 1 39 ARG 39 62 62 ARG ARG B . n 
B 1 40 ILE 40 63 63 ILE ILE B . n 
B 1 41 THR 41 64 64 THR THR B . n 
B 1 42 GLU 42 65 65 GLU GLU B . n 
B 1 43 NH2 43 66 ?  ?   ?   B . n 
C 1 1  ACE 1  24 24 ACE ACE C . n 
C 1 2  ARG 2  25 25 ARG ARG C . n 
C 1 3  ILE 3  26 26 ILE ILE C . n 
C 1 4  THR 4  27 27 THR THR C . n 
C 1 5  ARG 5  28 28 ARG ARG C . n 
C 1 6  LEU 6  29 29 LEU LEU C . n 
C 1 7  GLN 7  30 30 GLN GLN C . n 
C 1 8  GLU 8  31 31 GLU GLU C . n 
C 1 9  LYS 9  32 32 LYS LYS C . n 
C 1 10 GLU 10 33 33 GLU GLU C . n 
C 1 11 ASP 11 34 34 ASP ASP C . n 
C 1 12 LEU 12 35 35 LEU LEU C . n 
C 1 13 GLN 13 36 36 GLN GLN C . n 
C 1 14 GLU 14 37 37 GLU GLU C . n 
C 1 15 LEU 15 38 38 LEU LEU C . n 
C 1 16 ASN 16 39 39 ASN ASN C . n 
C 1 17 ASP 17 40 40 ASP ASP C . n 
C 1 18 ARG 18 41 41 ARG ARG C . n 
C 1 19 LEU 19 42 42 LEU LEU C . n 
C 1 20 ALA 20 43 43 ALA ALA C . n 
C 1 21 VAL 21 44 44 VAL VAL C . n 
C 1 22 TYR 22 45 45 TYR TYR C . n 
C 1 23 ILE 23 46 46 ILE ILE C . n 
C 1 24 ASP 24 47 47 ASP ASP C . n 
C 1 25 ARG 25 48 48 ARG ARG C . n 
C 1 26 VAL 26 49 49 VAL VAL C . n 
C 1 27 ARG 27 50 50 ARG ARG C . n 
C 1 28 SER 28 51 51 SER SER C . n 
C 1 29 LEU 29 52 52 LEU LEU C . n 
C 1 30 GLU 30 53 53 GLU GLU C . n 
C 1 31 THR 31 54 54 THR THR C . n 
C 1 32 GLU 32 55 55 GLU GLU C . n 
C 1 33 ASN 33 56 56 ASN ASN C . n 
C 1 34 ALA 34 57 57 ALA ALA C . n 
C 1 35 GLY 35 58 58 GLY GLY C . n 
C 1 36 LEU 36 59 59 LEU LEU C . n 
C 1 37 ARG 37 60 60 ARG ARG C . n 
C 1 38 LEU 38 61 61 LEU LEU C . n 
C 1 39 ARG 39 62 62 ARG ARG C . n 
C 1 40 ILE 40 63 63 ILE ILE C . n 
C 1 41 THR 41 64 64 THR THR C . n 
C 1 42 GLU 42 65 65 GLU GLU C . n 
C 1 43 NH2 43 66 ?  ?   ?   C . n 
D 1 1  ACE 1  24 ?  ?   ?   D . n 
D 1 2  ARG 2  25 ?  ?   ?   D . n 
D 1 3  ILE 3  26 26 ILE ILE D . n 
D 1 4  THR 4  27 27 THR THR D . n 
D 1 5  ARG 5  28 28 ARG ARG D . n 
D 1 6  LEU 6  29 29 LEU LEU D . n 
D 1 7  GLN 7  30 30 GLN GLN D . n 
D 1 8  GLU 8  31 31 GLU GLU D . n 
D 1 9  LYS 9  32 32 LYS LYS D . n 
D 1 10 GLU 10 33 33 GLU GLU D . n 
D 1 11 ASP 11 34 34 ASP ASP D . n 
D 1 12 LEU 12 35 35 LEU LEU D . n 
D 1 13 GLN 13 36 36 GLN GLN D . n 
D 1 14 GLU 14 37 37 GLU GLU D . n 
D 1 15 LEU 15 38 38 LEU LEU D . n 
D 1 16 ASN 16 39 39 ASN ASN D . n 
D 1 17 ASP 17 40 40 ASP ASP D . n 
D 1 18 ARG 18 41 41 ARG ARG D . n 
D 1 19 LEU 19 42 42 LEU LEU D . n 
D 1 20 ALA 20 43 43 ALA ALA D . n 
D 1 21 VAL 21 44 44 VAL VAL D . n 
D 1 22 TYR 22 45 45 TYR TYR D . n 
D 1 23 ILE 23 46 46 ILE ILE D . n 
D 1 24 ASP 24 47 47 ASP ASP D . n 
D 1 25 ARG 25 48 48 ARG ARG D . n 
D 1 26 VAL 26 49 49 VAL VAL D . n 
D 1 27 ARG 27 50 50 ARG ARG D . n 
D 1 28 SER 28 51 51 SER SER D . n 
D 1 29 LEU 29 52 52 LEU LEU D . n 
D 1 30 GLU 30 53 53 GLU GLU D . n 
D 1 31 THR 31 54 54 THR THR D . n 
D 1 32 GLU 32 55 55 GLU GLU D . n 
D 1 33 ASN 33 56 56 ASN ASN D . n 
D 1 34 ALA 34 57 57 ALA ALA D . n 
D 1 35 GLY 35 58 58 GLY GLY D . n 
D 1 36 LEU 36 59 59 LEU LEU D . n 
D 1 37 ARG 37 60 60 ARG ARG D . n 
D 1 38 LEU 38 61 61 LEU LEU D . n 
D 1 39 ARG 39 62 62 ARG ARG D . n 
D 1 40 ILE 40 63 63 ILE ILE D . n 
D 1 41 THR 41 64 64 THR THR D . n 
D 1 42 GLU 42 65 65 GLU GLU D . n 
D 1 43 NH2 43 66 66 NH2 NH2 D . n 
# 
_pdbx_entity_instance_feature.ordinal        1 
_pdbx_entity_instance_feature.comp_id        ACE 
_pdbx_entity_instance_feature.asym_id        ? 
_pdbx_entity_instance_feature.seq_num        ? 
_pdbx_entity_instance_feature.auth_comp_id   ACE 
_pdbx_entity_instance_feature.auth_asym_id   ? 
_pdbx_entity_instance_feature.auth_seq_num   ? 
_pdbx_entity_instance_feature.feature_type   'SUBJECT OF INVESTIGATION' 
_pdbx_entity_instance_feature.details        ? 
# 
loop_
_pdbx_nonpoly_scheme.asym_id 
_pdbx_nonpoly_scheme.entity_id 
_pdbx_nonpoly_scheme.mon_id 
_pdbx_nonpoly_scheme.ndb_seq_num 
_pdbx_nonpoly_scheme.pdb_seq_num 
_pdbx_nonpoly_scheme.auth_seq_num 
_pdbx_nonpoly_scheme.pdb_mon_id 
_pdbx_nonpoly_scheme.auth_mon_id 
_pdbx_nonpoly_scheme.pdb_strand_id 
_pdbx_nonpoly_scheme.pdb_ins_code 
E 2 HOH 1  101 85 HOH HOH A . 
E 2 HOH 2  102 41 HOH HOH A . 
E 2 HOH 3  103 45 HOH HOH A . 
E 2 HOH 4  104 25 HOH HOH A . 
E 2 HOH 5  105 10 HOH HOH A . 
E 2 HOH 6  106 80 HOH HOH A . 
E 2 HOH 7  107 13 HOH HOH A . 
E 2 HOH 8  108 8  HOH HOH A . 
E 2 HOH 9  109 18 HOH HOH A . 
E 2 HOH 10 110 64 HOH HOH A . 
E 2 HOH 11 111 5  HOH HOH A . 
E 2 HOH 12 112 32 HOH HOH A . 
E 2 HOH 13 113 30 HOH HOH A . 
E 2 HOH 14 114 4  HOH HOH A . 
E 2 HOH 15 115 73 HOH HOH A . 
E 2 HOH 16 116 68 HOH HOH A . 
E 2 HOH 17 117 12 HOH HOH A . 
E 2 HOH 18 118 36 HOH HOH A . 
E 2 HOH 19 119 69 HOH HOH A . 
F 2 HOH 1  101 39 HOH HOH B . 
F 2 HOH 2  102 31 HOH HOH B . 
F 2 HOH 3  103 35 HOH HOH B . 
F 2 HOH 4  104 82 HOH HOH B . 
F 2 HOH 5  105 76 HOH HOH B . 
F 2 HOH 6  106 50 HOH HOH B . 
F 2 HOH 7  107 21 HOH HOH B . 
F 2 HOH 8  108 52 HOH HOH B . 
F 2 HOH 9  109 24 HOH HOH B . 
F 2 HOH 10 110 54 HOH HOH B . 
F 2 HOH 11 111 53 HOH HOH B . 
F 2 HOH 12 112 71 HOH HOH B . 
F 2 HOH 13 113 74 HOH HOH B . 
F 2 HOH 14 114 3  HOH HOH B . 
F 2 HOH 15 115 22 HOH HOH B . 
F 2 HOH 16 116 33 HOH HOH B . 
F 2 HOH 17 117 83 HOH HOH B . 
F 2 HOH 18 118 44 HOH HOH B . 
F 2 HOH 19 119 17 HOH HOH B . 
F 2 HOH 20 120 55 HOH HOH B . 
F 2 HOH 21 121 66 HOH HOH B . 
F 2 HOH 22 122 46 HOH HOH B . 
F 2 HOH 23 123 67 HOH HOH B . 
F 2 HOH 24 124 75 HOH HOH B . 
G 2 HOH 1  101 51 HOH HOH C . 
G 2 HOH 2  102 29 HOH HOH C . 
G 2 HOH 3  103 37 HOH HOH C . 
G 2 HOH 4  104 40 HOH HOH C . 
G 2 HOH 5  105 42 HOH HOH C . 
G 2 HOH 6  106 27 HOH HOH C . 
G 2 HOH 7  107 26 HOH HOH C . 
G 2 HOH 8  108 63 HOH HOH C . 
G 2 HOH 9  109 11 HOH HOH C . 
G 2 HOH 10 110 84 HOH HOH C . 
G 2 HOH 11 111 65 HOH HOH C . 
G 2 HOH 12 112 2  HOH HOH C . 
G 2 HOH 13 113 81 HOH HOH C . 
G 2 HOH 14 114 6  HOH HOH C . 
G 2 HOH 15 115 19 HOH HOH C . 
G 2 HOH 16 116 7  HOH HOH C . 
G 2 HOH 17 117 87 HOH HOH C . 
G 2 HOH 18 118 72 HOH HOH C . 
G 2 HOH 19 119 57 HOH HOH C . 
G 2 HOH 20 120 86 HOH HOH C . 
H 2 HOH 1  101 23 HOH HOH D . 
H 2 HOH 2  102 49 HOH HOH D . 
H 2 HOH 3  103 43 HOH HOH D . 
H 2 HOH 4  104 38 HOH HOH D . 
H 2 HOH 5  105 60 HOH HOH D . 
H 2 HOH 6  106 16 HOH HOH D . 
H 2 HOH 7  107 28 HOH HOH D . 
H 2 HOH 8  108 9  HOH HOH D . 
H 2 HOH 9  109 14 HOH HOH D . 
H 2 HOH 10 110 34 HOH HOH D . 
H 2 HOH 11 111 48 HOH HOH D . 
H 2 HOH 12 112 79 HOH HOH D . 
H 2 HOH 13 113 58 HOH HOH D . 
H 2 HOH 14 114 56 HOH HOH D . 
H 2 HOH 15 115 15 HOH HOH D . 
H 2 HOH 16 116 1  HOH HOH D . 
H 2 HOH 17 117 77 HOH HOH D . 
H 2 HOH 18 118 61 HOH HOH D . 
H 2 HOH 19 119 59 HOH HOH D . 
H 2 HOH 20 120 62 HOH HOH D . 
H 2 HOH 21 121 47 HOH HOH D . 
H 2 HOH 22 122 78 HOH HOH D . 
# 
loop_
_software.citation_id 
_software.classification 
_software.compiler_name 
_software.compiler_version 
_software.contact_author 
_software.contact_author_email 
_software.date 
_software.description 
_software.dependencies 
_software.hardware 
_software.language 
_software.location 
_software.mods 
_software.name 
_software.os 
_software.os_version 
_software.type 
_software.version 
_software.pdbx_ordinal 
? refinement       ? ? ? ? ? ? ? ? ? ? ? PHENIX   ? ? ? 1.20.1_4487 1 
? 'data reduction' ? ? ? ? ? ? ? ? ? ? ? HKL-2000 ? ? ? .           2 
? 'data scaling'   ? ? ? ? ? ? ? ? ? ? ? HKL-2000 ? ? ? .           3 
# 
_cell.angle_alpha                  97.280 
_cell.angle_alpha_esd              ? 
_cell.angle_beta                   91.200 
_cell.angle_beta_esd               ? 
_cell.angle_gamma                  94.630 
_cell.angle_gamma_esd              ? 
_cell.entry_id                     8I33 
_cell.details                      ? 
_cell.formula_units_Z              ? 
_cell.length_a                     22.933 
_cell.length_a_esd                 ? 
_cell.length_b                     33.703 
_cell.length_b_esd                 ? 
_cell.length_c                     49.229 
_cell.length_c_esd                 ? 
_cell.volume                       37601.037 
_cell.volume_esd                   ? 
_cell.Z_PDB                        4 
_cell.reciprocal_angle_alpha       ? 
_cell.reciprocal_angle_beta        ? 
_cell.reciprocal_angle_gamma       ? 
_cell.reciprocal_angle_alpha_esd   ? 
_cell.reciprocal_angle_beta_esd    ? 
_cell.reciprocal_angle_gamma_esd   ? 
_cell.reciprocal_length_a          ? 
_cell.reciprocal_length_b          ? 
_cell.reciprocal_length_c          ? 
_cell.reciprocal_length_a_esd      ? 
_cell.reciprocal_length_b_esd      ? 
_cell.reciprocal_length_c_esd      ? 
_cell.pdbx_unique_axis             ? 
_cell.pdbx_esd_method              ? 
# 
_symmetry.entry_id                         8I33 
_symmetry.cell_setting                     ? 
_symmetry.Int_Tables_number                1 
_symmetry.space_group_name_Hall            'P 1' 
_symmetry.space_group_name_H-M             'P 1' 
_symmetry.pdbx_full_space_group_name_H-M   ? 
# 
_exptl.absorpt_coefficient_mu     ? 
_exptl.absorpt_correction_T_max   ? 
_exptl.absorpt_correction_T_min   ? 
_exptl.absorpt_correction_type    ? 
_exptl.absorpt_process_details    ? 
_exptl.entry_id                   8I33 
_exptl.crystals_number            1 
_exptl.details                    ? 
_exptl.method                     'X-RAY DIFFRACTION' 
_exptl.method_details             ? 
# 
_exptl_crystal.colour                       ? 
_exptl_crystal.density_diffrn               ? 
_exptl_crystal.density_Matthews             1.90 
_exptl_crystal.density_method               ? 
_exptl_crystal.density_percent_sol          35.43 
_exptl_crystal.description                  ? 
_exptl_crystal.F_000                        ? 
_exptl_crystal.id                           1 
_exptl_crystal.preparation                  ? 
_exptl_crystal.size_max                     ? 
_exptl_crystal.size_mid                     ? 
_exptl_crystal.size_min                     ? 
_exptl_crystal.size_rad                     ? 
_exptl_crystal.colour_lustre                ? 
_exptl_crystal.colour_modifier              ? 
_exptl_crystal.colour_primary               ? 
_exptl_crystal.density_meas                 ? 
_exptl_crystal.density_meas_esd             ? 
_exptl_crystal.density_meas_gt              ? 
_exptl_crystal.density_meas_lt              ? 
_exptl_crystal.density_meas_temp            ? 
_exptl_crystal.density_meas_temp_esd        ? 
_exptl_crystal.density_meas_temp_gt         ? 
_exptl_crystal.density_meas_temp_lt         ? 
_exptl_crystal.pdbx_crystal_image_url       ? 
_exptl_crystal.pdbx_crystal_image_format    ? 
_exptl_crystal.pdbx_mosaicity               ? 
_exptl_crystal.pdbx_mosaicity_esd           ? 
_exptl_crystal.pdbx_mosaic_method           ? 
_exptl_crystal.pdbx_mosaic_block_size       ? 
_exptl_crystal.pdbx_mosaic_block_size_esd   ? 
# 
_exptl_crystal_grow.apparatus       ? 
_exptl_crystal_grow.atmosphere      ? 
_exptl_crystal_grow.crystal_id      1 
_exptl_crystal_grow.details         ? 
_exptl_crystal_grow.method          'VAPOR DIFFUSION, HANGING DROP' 
_exptl_crystal_grow.method_ref      ? 
_exptl_crystal_grow.pH              ? 
_exptl_crystal_grow.pressure        ? 
_exptl_crystal_grow.pressure_esd    ? 
_exptl_crystal_grow.seeding         ? 
_exptl_crystal_grow.seeding_ref     ? 
_exptl_crystal_grow.temp_details    ? 
_exptl_crystal_grow.temp_esd        ? 
_exptl_crystal_grow.time            ? 
_exptl_crystal_grow.pdbx_details    'NaCl, PEG 6000, sodium thiocyanate' 
_exptl_crystal_grow.pdbx_pH_range   ? 
_exptl_crystal_grow.temp            287 
# 
_diffrn.ambient_environment              ? 
_diffrn.ambient_temp                     100 
_diffrn.ambient_temp_details             ? 
_diffrn.ambient_temp_esd                 ? 
_diffrn.crystal_id                       1 
_diffrn.crystal_support                  ? 
_diffrn.crystal_treatment                ? 
_diffrn.details                          ? 
_diffrn.id                               1 
_diffrn.ambient_pressure                 ? 
_diffrn.ambient_pressure_esd             ? 
_diffrn.ambient_pressure_gt              ? 
_diffrn.ambient_pressure_lt              ? 
_diffrn.ambient_temp_gt                  ? 
_diffrn.ambient_temp_lt                  ? 
_diffrn.pdbx_serial_crystal_experiment   N 
# 
_diffrn_detector.details                      ? 
_diffrn_detector.detector                     PIXEL 
_diffrn_detector.diffrn_id                    1 
_diffrn_detector.type                         'DECTRIS EIGER X 9M' 
_diffrn_detector.area_resol_mean              ? 
_diffrn_detector.dtime                        ? 
_diffrn_detector.pdbx_frames_total            ? 
_diffrn_detector.pdbx_collection_time_total   ? 
_diffrn_detector.pdbx_collection_date         2022-10-20 
_diffrn_detector.pdbx_frequency               ? 
# 
_diffrn_radiation.collimation                      ? 
_diffrn_radiation.diffrn_id                        1 
_diffrn_radiation.filter_edge                      ? 
_diffrn_radiation.inhomogeneity                    ? 
_diffrn_radiation.monochromator                    ? 
_diffrn_radiation.polarisn_norm                    ? 
_diffrn_radiation.polarisn_ratio                   ? 
_diffrn_radiation.probe                            ? 
_diffrn_radiation.type                             ? 
_diffrn_radiation.xray_symbol                      ? 
_diffrn_radiation.wavelength_id                    1 
_diffrn_radiation.pdbx_monochromatic_or_laue_m_l   M 
_diffrn_radiation.pdbx_wavelength_list             ? 
_diffrn_radiation.pdbx_wavelength                  ? 
_diffrn_radiation.pdbx_diffrn_protocol             'SINGLE WAVELENGTH' 
_diffrn_radiation.pdbx_analyzer                    ? 
_diffrn_radiation.pdbx_scattering_type             x-ray 
# 
_diffrn_radiation_wavelength.id           1 
_diffrn_radiation_wavelength.wavelength   1.0 
_diffrn_radiation_wavelength.wt           1.0 
# 
_diffrn_source.current                     ? 
_diffrn_source.details                     ? 
_diffrn_source.diffrn_id                   1 
_diffrn_source.power                       ? 
_diffrn_source.size                        ? 
_diffrn_source.source                      SYNCHROTRON 
_diffrn_source.target                      ? 
_diffrn_source.type                        'PAL/PLS BEAMLINE 5C (4A)' 
_diffrn_source.voltage                     ? 
_diffrn_source.take-off_angle              ? 
_diffrn_source.pdbx_wavelength_list        1.0 
_diffrn_source.pdbx_wavelength             ? 
_diffrn_source.pdbx_synchrotron_beamline   '5C (4A)' 
_diffrn_source.pdbx_synchrotron_site       PAL/PLS 
# 
_reflns.B_iso_Wilson_estimate                          13.06 
_reflns.entry_id                                       8I33 
_reflns.data_reduction_details                         ? 
_reflns.data_reduction_method                          ? 
_reflns.d_resolution_high                              1.62 
_reflns.d_resolution_low                               50 
_reflns.details                                        ? 
_reflns.limit_h_max                                    ? 
_reflns.limit_h_min                                    ? 
_reflns.limit_k_max                                    ? 
_reflns.limit_k_min                                    ? 
_reflns.limit_l_max                                    ? 
_reflns.limit_l_min                                    ? 
_reflns.number_all                                     ? 
_reflns.number_obs                                     136711 
_reflns.observed_criterion                             ? 
_reflns.observed_criterion_F_max                       ? 
_reflns.observed_criterion_F_min                       ? 
_reflns.observed_criterion_I_max                       ? 
_reflns.observed_criterion_I_min                       ? 
_reflns.observed_criterion_sigma_F                     ? 
_reflns.observed_criterion_sigma_I                     ? 
_reflns.percent_possible_obs                           96.6 
_reflns.R_free_details                                 ? 
_reflns.Rmerge_F_all                                   ? 
_reflns.Rmerge_F_obs                                   ? 
_reflns.Friedel_coverage                               ? 
_reflns.number_gt                                      ? 
_reflns.threshold_expression                           ? 
_reflns.pdbx_redundancy                                3.6 
_reflns.pdbx_netI_over_av_sigmaI                       ? 
_reflns.pdbx_netI_over_sigmaI                          24.29 
_reflns.pdbx_res_netI_over_av_sigmaI_2                 ? 
_reflns.pdbx_res_netI_over_sigmaI_2                    ? 
_reflns.pdbx_chi_squared                               ? 
_reflns.pdbx_scaling_rejects                           ? 
_reflns.pdbx_d_res_high_opt                            ? 
_reflns.pdbx_d_res_low_opt                             ? 
_reflns.pdbx_d_res_opt_method                          ? 
_reflns.phase_calculation_details                      ? 
_reflns.pdbx_Rrim_I_all                                ? 
_reflns.pdbx_Rpim_I_all                                ? 
_reflns.pdbx_d_opt                                     ? 
_reflns.pdbx_number_measured_all                       ? 
_reflns.pdbx_diffrn_id                                 1 
_reflns.pdbx_ordinal                                   1 
_reflns.pdbx_CC_half                                   0.993 
_reflns.pdbx_CC_star                                   ? 
_reflns.pdbx_R_split                                   ? 
_reflns.pdbx_Rmerge_I_obs                              ? 
_reflns.pdbx_Rmerge_I_all                              ? 
_reflns.pdbx_Rsym_value                                ? 
_reflns.pdbx_CC_split_method                           ? 
_reflns.pdbx_aniso_diffraction_limit_axis_1_ortho[1]   ? 
_reflns.pdbx_aniso_diffraction_limit_axis_1_ortho[2]   ? 
_reflns.pdbx_aniso_diffraction_limit_axis_1_ortho[3]   ? 
_reflns.pdbx_aniso_diffraction_limit_axis_2_ortho[1]   ? 
_reflns.pdbx_aniso_diffraction_limit_axis_2_ortho[2]   ? 
_reflns.pdbx_aniso_diffraction_limit_axis_2_ortho[3]   ? 
_reflns.pdbx_aniso_diffraction_limit_axis_3_ortho[1]   ? 
_reflns.pdbx_aniso_diffraction_limit_axis_3_ortho[2]   ? 
_reflns.pdbx_aniso_diffraction_limit_axis_3_ortho[3]   ? 
_reflns.pdbx_aniso_diffraction_limit_1                 ? 
_reflns.pdbx_aniso_diffraction_limit_2                 ? 
_reflns.pdbx_aniso_diffraction_limit_3                 ? 
_reflns.pdbx_aniso_B_tensor_eigenvector_1_ortho[1]     ? 
_reflns.pdbx_aniso_B_tensor_eigenvector_1_ortho[2]     ? 
_reflns.pdbx_aniso_B_tensor_eigenvector_1_ortho[3]     ? 
_reflns.pdbx_aniso_B_tensor_eigenvector_2_ortho[1]     ? 
_reflns.pdbx_aniso_B_tensor_eigenvector_2_ortho[2]     ? 
_reflns.pdbx_aniso_B_tensor_eigenvector_2_ortho[3]     ? 
_reflns.pdbx_aniso_B_tensor_eigenvector_3_ortho[1]     ? 
_reflns.pdbx_aniso_B_tensor_eigenvector_3_ortho[2]     ? 
_reflns.pdbx_aniso_B_tensor_eigenvector_3_ortho[3]     ? 
_reflns.pdbx_aniso_B_tensor_eigenvalue_1               ? 
_reflns.pdbx_aniso_B_tensor_eigenvalue_2               ? 
_reflns.pdbx_aniso_B_tensor_eigenvalue_3               ? 
_reflns.pdbx_orthogonalization_convention              ? 
_reflns.pdbx_percent_possible_ellipsoidal              ? 
_reflns.pdbx_percent_possible_spherical                ? 
_reflns.pdbx_percent_possible_ellipsoidal_anomalous    ? 
_reflns.pdbx_percent_possible_spherical_anomalous      ? 
_reflns.pdbx_redundancy_anomalous                      ? 
_reflns.pdbx_CC_half_anomalous                         ? 
_reflns.pdbx_absDiff_over_sigma_anomalous              ? 
_reflns.pdbx_percent_possible_anomalous                ? 
_reflns.pdbx_observed_signal_threshold                 ? 
_reflns.pdbx_signal_type                               ? 
_reflns.pdbx_signal_details                            ? 
_reflns.pdbx_signal_software_id                        ? 
# 
_reflns_shell.d_res_high                                    1.62 
_reflns_shell.d_res_low                                     1.65 
_reflns_shell.meanI_over_sigI_all                           ? 
_reflns_shell.meanI_over_sigI_obs                           6.74 
_reflns_shell.number_measured_all                           ? 
_reflns_shell.number_measured_obs                           ? 
_reflns_shell.number_possible                               ? 
_reflns_shell.number_unique_all                             ? 
_reflns_shell.number_unique_obs                             18503 
_reflns_shell.percent_possible_obs                          ? 
_reflns_shell.Rmerge_F_all                                  ? 
_reflns_shell.Rmerge_F_obs                                  ? 
_reflns_shell.meanI_over_sigI_gt                            ? 
_reflns_shell.meanI_over_uI_all                             ? 
_reflns_shell.meanI_over_uI_gt                              ? 
_reflns_shell.number_measured_gt                            ? 
_reflns_shell.number_unique_gt                              ? 
_reflns_shell.percent_possible_gt                           ? 
_reflns_shell.Rmerge_F_gt                                   ? 
_reflns_shell.Rmerge_I_gt                                   ? 
_reflns_shell.pdbx_redundancy                               3.1 
_reflns_shell.pdbx_chi_squared                              ? 
_reflns_shell.pdbx_netI_over_sigmaI_all                     ? 
_reflns_shell.pdbx_netI_over_sigmaI_obs                     ? 
_reflns_shell.pdbx_Rrim_I_all                               ? 
_reflns_shell.pdbx_Rpim_I_all                               0.108 
_reflns_shell.pdbx_rejects                                  ? 
_reflns_shell.pdbx_ordinal                                  1 
_reflns_shell.pdbx_diffrn_id                                1 
_reflns_shell.pdbx_CC_half                                  0.977 
_reflns_shell.pdbx_CC_star                                  ? 
_reflns_shell.pdbx_R_split                                  ? 
_reflns_shell.percent_possible_all                          91.8 
_reflns_shell.Rmerge_I_all                                  ? 
_reflns_shell.Rmerge_I_obs                                  ? 
_reflns_shell.pdbx_Rsym_value                               ? 
_reflns_shell.pdbx_percent_possible_ellipsoidal             ? 
_reflns_shell.pdbx_percent_possible_spherical               ? 
_reflns_shell.pdbx_percent_possible_ellipsoidal_anomalous   ? 
_reflns_shell.pdbx_percent_possible_spherical_anomalous     ? 
_reflns_shell.pdbx_redundancy_anomalous                     ? 
_reflns_shell.pdbx_CC_half_anomalous                        ? 
_reflns_shell.pdbx_absDiff_over_sigma_anomalous             ? 
_reflns_shell.pdbx_percent_possible_anomalous               ? 
# 
_refine.aniso_B[1][1]                            ? 
_refine.aniso_B[1][2]                            ? 
_refine.aniso_B[1][3]                            ? 
_refine.aniso_B[2][2]                            ? 
_refine.aniso_B[2][3]                            ? 
_refine.aniso_B[3][3]                            ? 
_refine.B_iso_max                                ? 
_refine.B_iso_mean                               15.23 
_refine.B_iso_min                                ? 
_refine.correlation_coeff_Fo_to_Fc               ? 
_refine.correlation_coeff_Fo_to_Fc_free          ? 
_refine.details                                  ? 
_refine.diff_density_max                         ? 
_refine.diff_density_max_esd                     ? 
_refine.diff_density_min                         ? 
_refine.diff_density_min_esd                     ? 
_refine.diff_density_rms                         ? 
_refine.diff_density_rms_esd                     ? 
_refine.entry_id                                 8I33 
_refine.pdbx_refine_id                           'X-RAY DIFFRACTION' 
_refine.ls_abs_structure_details                 ? 
_refine.ls_abs_structure_Flack                   ? 
_refine.ls_abs_structure_Flack_esd               ? 
_refine.ls_abs_structure_Rogers                  ? 
_refine.ls_abs_structure_Rogers_esd              ? 
_refine.ls_d_res_high                            1.62 
_refine.ls_d_res_low                             33.31 
_refine.ls_extinction_coef                       ? 
_refine.ls_extinction_coef_esd                   ? 
_refine.ls_extinction_expression                 ? 
_refine.ls_extinction_method                     ? 
_refine.ls_goodness_of_fit_all                   ? 
_refine.ls_goodness_of_fit_all_esd               ? 
_refine.ls_goodness_of_fit_obs                   ? 
_refine.ls_goodness_of_fit_obs_esd               ? 
_refine.ls_hydrogen_treatment                    ? 
_refine.ls_matrix_type                           ? 
_refine.ls_number_constraints                    ? 
_refine.ls_number_parameters                     ? 
_refine.ls_number_reflns_all                     ? 
_refine.ls_number_reflns_obs                     17828 
_refine.ls_number_reflns_R_free                  888 
_refine.ls_number_reflns_R_work                  16940 
_refine.ls_number_restraints                     ? 
_refine.ls_percent_reflns_obs                    96.26 
_refine.ls_percent_reflns_R_free                 4.98 
_refine.ls_R_factor_all                          ? 
_refine.ls_R_factor_obs                          0.1982 
_refine.ls_R_factor_R_free                       0.2249 
_refine.ls_R_factor_R_free_error                 ? 
_refine.ls_R_factor_R_free_error_details         ? 
_refine.ls_R_factor_R_work                       0.1967 
_refine.ls_R_Fsqd_factor_obs                     ? 
_refine.ls_R_I_factor_obs                        ? 
_refine.ls_redundancy_reflns_all                 ? 
_refine.ls_redundancy_reflns_obs                 ? 
_refine.ls_restrained_S_all                      ? 
_refine.ls_restrained_S_obs                      ? 
_refine.ls_shift_over_esd_max                    ? 
_refine.ls_shift_over_esd_mean                   ? 
_refine.ls_structure_factor_coef                 ? 
_refine.ls_weighting_details                     ? 
_refine.ls_weighting_scheme                      ? 
_refine.ls_wR_factor_all                         ? 
_refine.ls_wR_factor_obs                         ? 
_refine.ls_wR_factor_R_free                      ? 
_refine.ls_wR_factor_R_work                      ? 
_refine.occupancy_max                            ? 
_refine.occupancy_min                            ? 
_refine.solvent_model_details                    'FLAT BULK SOLVENT MODEL' 
_refine.solvent_model_param_bsol                 ? 
_refine.solvent_model_param_ksol                 ? 
_refine.pdbx_R_complete                          ? 
_refine.ls_R_factor_gt                           ? 
_refine.ls_goodness_of_fit_gt                    ? 
_refine.ls_goodness_of_fit_ref                   ? 
_refine.ls_shift_over_su_max                     ? 
_refine.ls_shift_over_su_max_lt                  ? 
_refine.ls_shift_over_su_mean                    ? 
_refine.ls_shift_over_su_mean_lt                 ? 
_refine.pdbx_ls_sigma_I                          ? 
_refine.pdbx_ls_sigma_F                          1.98 
_refine.pdbx_ls_sigma_Fsqd                       ? 
_refine.pdbx_data_cutoff_high_absF               ? 
_refine.pdbx_data_cutoff_high_rms_absF           ? 
_refine.pdbx_data_cutoff_low_absF                ? 
_refine.pdbx_isotropic_thermal_model             ? 
_refine.pdbx_ls_cross_valid_method               'FREE R-VALUE' 
_refine.pdbx_method_to_determine_struct          'MOLECULAR REPLACEMENT' 
_refine.pdbx_starting_model                      ? 
_refine.pdbx_stereochemistry_target_values       'GeoStd + Monomer Library + CDL v1.2' 
_refine.pdbx_R_Free_selection_details            ? 
_refine.pdbx_stereochem_target_val_spec_case     ? 
_refine.pdbx_overall_ESU_R                       ? 
_refine.pdbx_overall_ESU_R_Free                  ? 
_refine.pdbx_solvent_vdw_probe_radii             1.1000 
_refine.pdbx_solvent_ion_probe_radii             ? 
_refine.pdbx_solvent_shrinkage_radii             0.9000 
_refine.pdbx_real_space_R                        ? 
_refine.pdbx_density_correlation                 ? 
_refine.pdbx_pd_number_of_powder_patterns        ? 
_refine.pdbx_pd_number_of_points                 ? 
_refine.pdbx_pd_meas_number_of_points            ? 
_refine.pdbx_pd_proc_ls_prof_R_factor            ? 
_refine.pdbx_pd_proc_ls_prof_wR_factor           ? 
_refine.pdbx_pd_Marquardt_correlation_coeff      ? 
_refine.pdbx_pd_Fsqrd_R_factor                   ? 
_refine.pdbx_pd_ls_matrix_band_width             ? 
_refine.pdbx_overall_phase_error                 23.4180 
_refine.pdbx_overall_SU_R_free_Cruickshank_DPI   ? 
_refine.pdbx_overall_SU_R_free_Blow_DPI          ? 
_refine.pdbx_overall_SU_R_Blow_DPI               ? 
_refine.pdbx_TLS_residual_ADP_flag               ? 
_refine.pdbx_diffrn_id                           1 
_refine.overall_SU_B                             ? 
_refine.overall_SU_ML                            0.1379 
_refine.overall_SU_R_Cruickshank_DPI             ? 
_refine.overall_SU_R_free                        ? 
_refine.overall_FOM_free_R_set                   ? 
_refine.overall_FOM_work_R_set                   ? 
_refine.pdbx_average_fsc_overall                 ? 
_refine.pdbx_average_fsc_work                    ? 
_refine.pdbx_average_fsc_free                    ? 
# 
_refine_hist.pdbx_refine_id                   'X-RAY DIFFRACTION' 
_refine_hist.cycle_id                         LAST 
_refine_hist.details                          ? 
_refine_hist.d_res_high                       1.62 
_refine_hist.d_res_low                        33.31 
_refine_hist.number_atoms_solvent             85 
_refine_hist.number_atoms_total               1451 
_refine_hist.number_reflns_all                ? 
_refine_hist.number_reflns_obs                ? 
_refine_hist.number_reflns_R_free             ? 
_refine_hist.number_reflns_R_work             ? 
_refine_hist.R_factor_all                     ? 
_refine_hist.R_factor_obs                     ? 
_refine_hist.R_factor_R_free                  ? 
_refine_hist.R_factor_R_work                  ? 
_refine_hist.pdbx_number_residues_total       ? 
_refine_hist.pdbx_B_iso_mean_ligand           ? 
_refine_hist.pdbx_B_iso_mean_solvent          ? 
_refine_hist.pdbx_number_atoms_protein        1358 
_refine_hist.pdbx_number_atoms_nucleic_acid   0 
_refine_hist.pdbx_number_atoms_ligand         8 
_refine_hist.pdbx_number_atoms_lipid          ? 
_refine_hist.pdbx_number_atoms_carb           ? 
_refine_hist.pdbx_pseudo_atom_details         ? 
# 
loop_
_refine_ls_restr.pdbx_refine_id 
_refine_ls_restr.criterion 
_refine_ls_restr.dev_ideal 
_refine_ls_restr.dev_ideal_target 
_refine_ls_restr.number 
_refine_ls_restr.rejects 
_refine_ls_restr.type 
_refine_ls_restr.weight 
_refine_ls_restr.pdbx_restraint_function 
'X-RAY DIFFRACTION' ? 0.0061 ? 1366 ? f_bond_d           ? ? 
'X-RAY DIFFRACTION' ? 0.7090 ? 1832 ? f_angle_d          ? ? 
'X-RAY DIFFRACTION' ? 0.0459 ? 218  ? f_chiral_restr     ? ? 
'X-RAY DIFFRACTION' ? 0.0082 ? 244  ? f_plane_restr      ? ? 
'X-RAY DIFFRACTION' ? 3.2867 ? 192  ? f_dihedral_angle_d ? ? 
# 
loop_
_refine_ls_shell.pdbx_refine_id 
_refine_ls_shell.d_res_high 
_refine_ls_shell.d_res_low 
_refine_ls_shell.number_reflns_all 
_refine_ls_shell.number_reflns_obs 
_refine_ls_shell.number_reflns_R_free 
_refine_ls_shell.number_reflns_R_work 
_refine_ls_shell.percent_reflns_obs 
_refine_ls_shell.percent_reflns_R_free 
_refine_ls_shell.R_factor_all 
_refine_ls_shell.R_factor_obs 
_refine_ls_shell.R_factor_R_free_error 
_refine_ls_shell.R_factor_R_work 
_refine_ls_shell.redundancy_reflns_all 
_refine_ls_shell.redundancy_reflns_obs 
_refine_ls_shell.wR_factor_all 
_refine_ls_shell.wR_factor_obs 
_refine_ls_shell.wR_factor_R_free 
_refine_ls_shell.wR_factor_R_work 
_refine_ls_shell.pdbx_R_complete 
_refine_ls_shell.pdbx_total_number_of_bins_used 
_refine_ls_shell.pdbx_phase_error 
_refine_ls_shell.pdbx_fsc_work 
_refine_ls_shell.pdbx_fsc_free 
_refine_ls_shell.R_factor_R_free 
'X-RAY DIFFRACTION' 1.62 1.72  . . 136 2698 92.28 . . . . 0.1891 . . . . . . . . . . . 0.2395 
'X-RAY DIFFRACTION' 1.72 1.85  . . 147 2796 95.03 . . . . 0.2014 . . . . . . . . . . . 0.2757 
'X-RAY DIFFRACTION' 1.85 2.04  . . 146 2830 96.34 . . . . 0.2003 . . . . . . . . . . . 0.2399 
'X-RAY DIFFRACTION' 2.04 2.34  . . 170 2836 97.25 . . . . 0.1880 . . . . . . . . . . . 0.2256 
'X-RAY DIFFRACTION' 2.34 2.94  . . 138 2886 97.93 . . . . 0.1971 . . . . . . . . . . . 0.2350 
'X-RAY DIFFRACTION' 2.94 33.31 . . 151 2894 98.70 . . . . 0.1998 . . . . . . . . . . . 0.1996 
# 
_struct.entry_id                     8I33 
_struct.title                        'Coil 1a of lamin A (residue 25-65)' 
_struct.pdbx_model_details           ? 
_struct.pdbx_formula_weight          ? 
_struct.pdbx_formula_weight_method   ? 
_struct.pdbx_model_type_details      ? 
_struct.pdbx_CASP_flag               N 
# 
_struct_keywords.entry_id        8I33 
_struct_keywords.text            'Lamin A, coil 1a, coiled-coil, STRUCTURAL PROTEIN' 
_struct_keywords.pdbx_keywords   'STRUCTURAL PROTEIN' 
# 
loop_
_struct_asym.id 
_struct_asym.pdbx_blank_PDB_chainid_flag 
_struct_asym.pdbx_modified 
_struct_asym.entity_id 
_struct_asym.details 
A N N 1 ? 
B N N 1 ? 
C N N 1 ? 
D N N 1 ? 
E N N 2 ? 
F N N 2 ? 
G N N 2 ? 
H N N 2 ? 
# 
_struct_ref.id                         1 
_struct_ref.db_name                    UNP 
_struct_ref.db_code                    A0A6Q8PFJ0_HUMAN 
_struct_ref.pdbx_db_accession          A0A6Q8PFJ0 
_struct_ref.pdbx_db_isoform            ? 
_struct_ref.entity_id                  1 
_struct_ref.pdbx_seq_one_letter_code   RITRLQEKEDLQELNDRLAVYIDRVRSLETENAGLRLRITE 
_struct_ref.pdbx_align_begin           25 
# 
loop_
_struct_ref_seq.align_id 
_struct_ref_seq.ref_id 
_struct_ref_seq.pdbx_PDB_id_code 
_struct_ref_seq.pdbx_strand_id 
_struct_ref_seq.seq_align_beg 
_struct_ref_seq.pdbx_seq_align_beg_ins_code 
_struct_ref_seq.seq_align_end 
_struct_ref_seq.pdbx_seq_align_end_ins_code 
_struct_ref_seq.pdbx_db_accession 
_struct_ref_seq.db_align_beg 
_struct_ref_seq.pdbx_db_align_beg_ins_code 
_struct_ref_seq.db_align_end 
_struct_ref_seq.pdbx_db_align_end_ins_code 
_struct_ref_seq.pdbx_auth_seq_align_beg 
_struct_ref_seq.pdbx_auth_seq_align_end 
1 1 8I33 A 2 ? 42 ? A0A6Q8PFJ0 25 ? 65 ? 25 65 
2 1 8I33 B 2 ? 42 ? A0A6Q8PFJ0 25 ? 65 ? 25 65 
3 1 8I33 C 2 ? 42 ? A0A6Q8PFJ0 25 ? 65 ? 25 65 
4 1 8I33 D 2 ? 42 ? A0A6Q8PFJ0 25 ? 65 ? 25 65 
# 
loop_
_struct_ref_seq_dif.align_id 
_struct_ref_seq_dif.pdbx_pdb_id_code 
_struct_ref_seq_dif.mon_id 
_struct_ref_seq_dif.pdbx_pdb_strand_id 
_struct_ref_seq_dif.seq_num 
_struct_ref_seq_dif.pdbx_pdb_ins_code 
_struct_ref_seq_dif.pdbx_seq_db_name 
_struct_ref_seq_dif.pdbx_seq_db_accession_code 
_struct_ref_seq_dif.db_mon_id 
_struct_ref_seq_dif.pdbx_seq_db_seq_num 
_struct_ref_seq_dif.details 
_struct_ref_seq_dif.pdbx_auth_seq_num 
_struct_ref_seq_dif.pdbx_ordinal 
1 8I33 ACE A 1  ? UNP A0A6Q8PFJ0 ? ? acetylation 24 1 
1 8I33 NH2 A 43 ? UNP A0A6Q8PFJ0 ? ? amidation   66 2 
2 8I33 ACE B 1  ? UNP A0A6Q8PFJ0 ? ? acetylation 24 3 
2 8I33 NH2 B 43 ? UNP A0A6Q8PFJ0 ? ? amidation   66 4 
3 8I33 ACE C 1  ? UNP A0A6Q8PFJ0 ? ? acetylation 24 5 
3 8I33 NH2 C 43 ? UNP A0A6Q8PFJ0 ? ? amidation   66 6 
4 8I33 ACE D 1  ? UNP A0A6Q8PFJ0 ? ? acetylation 24 7 
4 8I33 NH2 D 43 ? UNP A0A6Q8PFJ0 ? ? amidation   66 8 
# 
loop_
_pdbx_struct_assembly.id 
_pdbx_struct_assembly.details 
_pdbx_struct_assembly.method_details 
_pdbx_struct_assembly.oligomeric_details 
_pdbx_struct_assembly.oligomeric_count 
1 author_and_software_defined_assembly PISA dimeric 2 
2 author_and_software_defined_assembly PISA dimeric 2 
# 
loop_
_pdbx_struct_assembly_prop.biol_id 
_pdbx_struct_assembly_prop.type 
_pdbx_struct_assembly_prop.value 
_pdbx_struct_assembly_prop.details 
1 'ABSA (A^2)' 2050 ? 
1 MORE         -16  ? 
1 'SSA (A^2)'  6630 ? 
2 'ABSA (A^2)' 2240 ? 
2 MORE         -15  ? 
2 'SSA (A^2)'  6580 ? 
# 
loop_
_pdbx_struct_assembly_gen.assembly_id 
_pdbx_struct_assembly_gen.oper_expression 
_pdbx_struct_assembly_gen.asym_id_list 
1 1 A,C,E,G 
2 1 B,D,F,H 
# 
_pdbx_struct_assembly_auth_evidence.id                     1 
_pdbx_struct_assembly_auth_evidence.assembly_id            1 
_pdbx_struct_assembly_auth_evidence.experimental_support   'gel filtration' 
_pdbx_struct_assembly_auth_evidence.details                ? 
# 
_pdbx_struct_oper_list.id                   1 
_pdbx_struct_oper_list.type                 'identity operation' 
_pdbx_struct_oper_list.name                 1_555 
_pdbx_struct_oper_list.symmetry_operation   x,y,z 
_pdbx_struct_oper_list.matrix[1][1]         1.0000000000 
_pdbx_struct_oper_list.matrix[1][2]         0.0000000000 
_pdbx_struct_oper_list.matrix[1][3]         0.0000000000 
_pdbx_struct_oper_list.vector[1]            0.0000000000 
_pdbx_struct_oper_list.matrix[2][1]         0.0000000000 
_pdbx_struct_oper_list.matrix[2][2]         1.0000000000 
_pdbx_struct_oper_list.matrix[2][3]         0.0000000000 
_pdbx_struct_oper_list.vector[2]            0.0000000000 
_pdbx_struct_oper_list.matrix[3][1]         0.0000000000 
_pdbx_struct_oper_list.matrix[3][2]         0.0000000000 
_pdbx_struct_oper_list.matrix[3][3]         1.0000000000 
_pdbx_struct_oper_list.vector[3]            0.0000000000 
# 
loop_
_struct_conf.conf_type_id 
_struct_conf.id 
_struct_conf.pdbx_PDB_helix_id 
_struct_conf.beg_label_comp_id 
_struct_conf.beg_label_asym_id 
_struct_conf.beg_label_seq_id 
_struct_conf.pdbx_beg_PDB_ins_code 
_struct_conf.end_label_comp_id 
_struct_conf.end_label_asym_id 
_struct_conf.end_label_seq_id 
_struct_conf.pdbx_end_PDB_ins_code 
_struct_conf.beg_auth_comp_id 
_struct_conf.beg_auth_asym_id 
_struct_conf.beg_auth_seq_id 
_struct_conf.end_auth_comp_id 
_struct_conf.end_auth_asym_id 
_struct_conf.end_auth_seq_id 
_struct_conf.pdbx_PDB_helix_class 
_struct_conf.details 
_struct_conf.pdbx_PDB_helix_length 
HELX_P HELX_P1 AA1 THR A 4 ? GLU A 42 ? THR A 27 GLU A 65 1 ? 39 
HELX_P HELX_P2 AA2 THR B 4 ? GLU B 42 ? THR B 27 GLU B 65 1 ? 39 
HELX_P HELX_P3 AA3 THR C 4 ? GLU C 42 ? THR C 27 GLU C 65 1 ? 39 
HELX_P HELX_P4 AA4 THR D 4 ? GLU D 42 ? THR D 27 GLU D 65 1 ? 39 
# 
_struct_conf_type.id          HELX_P 
_struct_conf_type.criteria    ? 
_struct_conf_type.reference   ? 
# 
loop_
_struct_conn.id 
_struct_conn.conn_type_id 
_struct_conn.pdbx_leaving_atom_flag 
_struct_conn.pdbx_PDB_id 
_struct_conn.ptnr1_label_asym_id 
_struct_conn.ptnr1_label_comp_id 
_struct_conn.ptnr1_label_seq_id 
_struct_conn.ptnr1_label_atom_id 
_struct_conn.pdbx_ptnr1_label_alt_id 
_struct_conn.pdbx_ptnr1_PDB_ins_code 
_struct_conn.pdbx_ptnr1_standard_comp_id 
_struct_conn.ptnr1_symmetry 
_struct_conn.ptnr2_label_asym_id 
_struct_conn.ptnr2_label_comp_id 
_struct_conn.ptnr2_label_seq_id 
_struct_conn.ptnr2_label_atom_id 
_struct_conn.pdbx_ptnr2_label_alt_id 
_struct_conn.pdbx_ptnr2_PDB_ins_code 
_struct_conn.ptnr1_auth_asym_id 
_struct_conn.ptnr1_auth_comp_id 
_struct_conn.ptnr1_auth_seq_id 
_struct_conn.ptnr2_auth_asym_id 
_struct_conn.ptnr2_auth_comp_id 
_struct_conn.ptnr2_auth_seq_id 
_struct_conn.ptnr2_symmetry 
_struct_conn.pdbx_ptnr3_label_atom_id 
_struct_conn.pdbx_ptnr3_label_seq_id 
_struct_conn.pdbx_ptnr3_label_comp_id 
_struct_conn.pdbx_ptnr3_label_asym_id 
_struct_conn.pdbx_ptnr3_label_alt_id 
_struct_conn.pdbx_ptnr3_PDB_ins_code 
_struct_conn.details 
_struct_conn.pdbx_dist_value 
_struct_conn.pdbx_value_order 
_struct_conn.pdbx_role 
covale1 covale both ? A GLU 42 C ? ? ? 1_555 A NH2 43 N ? ? A GLU 65 A NH2 66 1_555 ? ? ? ? ? ? ? 1.333 ? ? 
covale2 covale both ? B ACE 1  C ? ? ? 1_555 B ARG 2  N ? ? B ACE 24 B ARG 25 1_555 ? ? ? ? ? ? ? 1.327 ? ? 
covale3 covale both ? C ACE 1  C ? ? ? 1_555 C ARG 2  N ? ? C ACE 24 C ARG 25 1_555 ? ? ? ? ? ? ? 1.326 ? ? 
covale4 covale both ? D GLU 42 C ? ? ? 1_555 D NH2 43 N ? ? D GLU 65 D NH2 66 1_555 ? ? ? ? ? ? ? 1.332 ? ? 
# 
_struct_conn_type.id          covale 
_struct_conn_type.criteria    ? 
_struct_conn_type.reference   ? 
# 
loop_
_pdbx_modification_feature.ordinal 
_pdbx_modification_feature.label_comp_id 
_pdbx_modification_feature.label_asym_id 
_pdbx_modification_feature.label_seq_id 
_pdbx_modification_feature.label_alt_id 
_pdbx_modification_feature.modified_residue_label_comp_id 
_pdbx_modification_feature.modified_residue_label_asym_id 
_pdbx_modification_feature.modified_residue_label_seq_id 
_pdbx_modification_feature.modified_residue_label_alt_id 
_pdbx_modification_feature.auth_comp_id 
_pdbx_modification_feature.auth_asym_id 
_pdbx_modification_feature.auth_seq_id 
_pdbx_modification_feature.PDB_ins_code 
_pdbx_modification_feature.symmetry 
_pdbx_modification_feature.modified_residue_auth_comp_id 
_pdbx_modification_feature.modified_residue_auth_asym_id 
_pdbx_modification_feature.modified_residue_auth_seq_id 
_pdbx_modification_feature.modified_residue_PDB_ins_code 
_pdbx_modification_feature.modified_residue_symmetry 
_pdbx_modification_feature.comp_id_linking_atom 
_pdbx_modification_feature.modified_residue_id_linking_atom 
_pdbx_modification_feature.modified_residue_id 
_pdbx_modification_feature.ref_pcm_id 
_pdbx_modification_feature.ref_comp_id 
_pdbx_modification_feature.type 
_pdbx_modification_feature.category 
1 ACE B 1  ? ARG B 2  ? ACE B 24 ? 1_555 ARG B 25 ? 1_555 . . ARG 8  ACE None 'Terminal acetylation' 
2 ACE C 1  ? ARG C 2  ? ACE C 24 ? 1_555 ARG C 25 ? 1_555 . . ARG 8  ACE None 'Terminal acetylation' 
3 NH2 A 43 ? GLU A 42 ? NH2 A 66 ? 1_555 GLU A 65 ? 1_555 . . GLU 10 NH2 None 'Terminal amidation'   
4 NH2 D 43 ? GLU D 42 ? NH2 D 66 ? 1_555 GLU D 65 ? 1_555 . . GLU 10 NH2 None 'Terminal amidation'   
# 
_pdbx_entry_details.entry_id                   8I33 
_pdbx_entry_details.has_ligand_of_interest     Y 
_pdbx_entry_details.compound_details           ? 
_pdbx_entry_details.source_details             ? 
_pdbx_entry_details.nonpolymer_details         ? 
_pdbx_entry_details.sequence_details           ? 
_pdbx_entry_details.has_protein_modification   Y 
# 
loop_
_pdbx_validate_close_contact.id 
_pdbx_validate_close_contact.PDB_model_num 
_pdbx_validate_close_contact.auth_atom_id_1 
_pdbx_validate_close_contact.auth_asym_id_1 
_pdbx_validate_close_contact.auth_comp_id_1 
_pdbx_validate_close_contact.auth_seq_id_1 
_pdbx_validate_close_contact.PDB_ins_code_1 
_pdbx_validate_close_contact.label_alt_id_1 
_pdbx_validate_close_contact.auth_atom_id_2 
_pdbx_validate_close_contact.auth_asym_id_2 
_pdbx_validate_close_contact.auth_comp_id_2 
_pdbx_validate_close_contact.auth_seq_id_2 
_pdbx_validate_close_contact.PDB_ins_code_2 
_pdbx_validate_close_contact.label_alt_id_2 
_pdbx_validate_close_contact.dist 
1 1 O  B HOH 123 ? ? O B HOH 124 ? ? 1.92 
2 1 OH B TYR 45  ? ? O B HOH 101 ? ? 2.09 
3 1 O  A HOH 115 ? ? O A HOH 116 ? ? 2.10 
# 
_pdbx_validate_symm_contact.id                1 
_pdbx_validate_symm_contact.PDB_model_num     1 
_pdbx_validate_symm_contact.auth_atom_id_1    O 
_pdbx_validate_symm_contact.auth_asym_id_1    C 
_pdbx_validate_symm_contact.auth_comp_id_1    HOH 
_pdbx_validate_symm_contact.auth_seq_id_1     111 
_pdbx_validate_symm_contact.PDB_ins_code_1    ? 
_pdbx_validate_symm_contact.label_alt_id_1    ? 
_pdbx_validate_symm_contact.site_symmetry_1   1_555 
_pdbx_validate_symm_contact.auth_atom_id_2    O 
_pdbx_validate_symm_contact.auth_asym_id_2    D 
_pdbx_validate_symm_contact.auth_comp_id_2    HOH 
_pdbx_validate_symm_contact.auth_seq_id_2     121 
_pdbx_validate_symm_contact.PDB_ins_code_2    ? 
_pdbx_validate_symm_contact.label_alt_id_2    ? 
_pdbx_validate_symm_contact.site_symmetry_2   1_454 
_pdbx_validate_symm_contact.dist              2.04 
# 
_space_group_symop.id              1 
_space_group_symop.operation_xyz   x,y,z 
# 
loop_
_pdbx_unobs_or_zero_occ_residues.id 
_pdbx_unobs_or_zero_occ_residues.PDB_model_num 
_pdbx_unobs_or_zero_occ_residues.polymer_flag 
_pdbx_unobs_or_zero_occ_residues.occupancy_flag 
_pdbx_unobs_or_zero_occ_residues.auth_asym_id 
_pdbx_unobs_or_zero_occ_residues.auth_comp_id 
_pdbx_unobs_or_zero_occ_residues.auth_seq_id 
_pdbx_unobs_or_zero_occ_residues.PDB_ins_code 
_pdbx_unobs_or_zero_occ_residues.label_asym_id 
_pdbx_unobs_or_zero_occ_residues.label_comp_id 
_pdbx_unobs_or_zero_occ_residues.label_seq_id 
1 1 Y 1 A ACE 24 ? A ACE 1  
2 1 Y 1 A ARG 25 ? A ARG 2  
3 1 Y 1 B NH2 66 ? B NH2 43 
4 1 Y 1 C NH2 66 ? C NH2 43 
5 1 Y 1 D ACE 24 ? D ACE 1  
6 1 Y 1 D ARG 25 ? D ARG 2  
# 
loop_
_chem_comp_atom.comp_id 
_chem_comp_atom.atom_id 
_chem_comp_atom.type_symbol 
_chem_comp_atom.pdbx_aromatic_flag 
_chem_comp_atom.pdbx_stereo_config 
_chem_comp_atom.pdbx_ordinal 
ACE C    C N N 1   
ACE O    O N N 2   
ACE CH3  C N N 3   
ACE H    H N N 4   
ACE H1   H N N 5   
ACE H2   H N N 6   
ACE H3   H N N 7   
ALA N    N N N 8   
ALA CA   C N S 9   
ALA C    C N N 10  
ALA O    O N N 11  
ALA CB   C N N 12  
ALA OXT  O N N 13  
ALA H    H N N 14  
ALA H2   H N N 15  
ALA HA   H N N 16  
ALA HB1  H N N 17  
ALA HB2  H N N 18  
ALA HB3  H N N 19  
ALA HXT  H N N 20  
ARG N    N N N 21  
ARG CA   C N S 22  
ARG C    C N N 23  
ARG O    O N N 24  
ARG CB   C N N 25  
ARG CG   C N N 26  
ARG CD   C N N 27  
ARG NE   N N N 28  
ARG CZ   C N N 29  
ARG NH1  N N N 30  
ARG NH2  N N N 31  
ARG OXT  O N N 32  
ARG H    H N N 33  
ARG H2   H N N 34  
ARG HA   H N N 35  
ARG HB2  H N N 36  
ARG HB3  H N N 37  
ARG HG2  H N N 38  
ARG HG3  H N N 39  
ARG HD2  H N N 40  
ARG HD3  H N N 41  
ARG HE   H N N 42  
ARG HH11 H N N 43  
ARG HH12 H N N 44  
ARG HH21 H N N 45  
ARG HH22 H N N 46  
ARG HXT  H N N 47  
ASN N    N N N 48  
ASN CA   C N S 49  
ASN C    C N N 50  
ASN O    O N N 51  
ASN CB   C N N 52  
ASN CG   C N N 53  
ASN OD1  O N N 54  
ASN ND2  N N N 55  
ASN OXT  O N N 56  
ASN H    H N N 57  
ASN H2   H N N 58  
ASN HA   H N N 59  
ASN HB2  H N N 60  
ASN HB3  H N N 61  
ASN HD21 H N N 62  
ASN HD22 H N N 63  
ASN HXT  H N N 64  
ASP N    N N N 65  
ASP CA   C N S 66  
ASP C    C N N 67  
ASP O    O N N 68  
ASP CB   C N N 69  
ASP CG   C N N 70  
ASP OD1  O N N 71  
ASP OD2  O N N 72  
ASP OXT  O N N 73  
ASP H    H N N 74  
ASP H2   H N N 75  
ASP HA   H N N 76  
ASP HB2  H N N 77  
ASP HB3  H N N 78  
ASP HD2  H N N 79  
ASP HXT  H N N 80  
GLN N    N N N 81  
GLN CA   C N S 82  
GLN C    C N N 83  
GLN O    O N N 84  
GLN CB   C N N 85  
GLN CG   C N N 86  
GLN CD   C N N 87  
GLN OE1  O N N 88  
GLN NE2  N N N 89  
GLN OXT  O N N 90  
GLN H    H N N 91  
GLN H2   H N N 92  
GLN HA   H N N 93  
GLN HB2  H N N 94  
GLN HB3  H N N 95  
GLN HG2  H N N 96  
GLN HG3  H N N 97  
GLN HE21 H N N 98  
GLN HE22 H N N 99  
GLN HXT  H N N 100 
GLU N    N N N 101 
GLU CA   C N S 102 
GLU C    C N N 103 
GLU O    O N N 104 
GLU CB   C N N 105 
GLU CG   C N N 106 
GLU CD   C N N 107 
GLU OE1  O N N 108 
GLU OE2  O N N 109 
GLU OXT  O N N 110 
GLU H    H N N 111 
GLU H2   H N N 112 
GLU HA   H N N 113 
GLU HB2  H N N 114 
GLU HB3  H N N 115 
GLU HG2  H N N 116 
GLU HG3  H N N 117 
GLU HE2  H N N 118 
GLU HXT  H N N 119 
GLY N    N N N 120 
GLY CA   C N N 121 
GLY C    C N N 122 
GLY O    O N N 123 
GLY OXT  O N N 124 
GLY H    H N N 125 
GLY H2   H N N 126 
GLY HA2  H N N 127 
GLY HA3  H N N 128 
GLY HXT  H N N 129 
HOH O    O N N 130 
HOH H1   H N N 131 
HOH H2   H N N 132 
ILE N    N N N 133 
ILE CA   C N S 134 
ILE C    C N N 135 
ILE O    O N N 136 
ILE CB   C N S 137 
ILE CG1  C N N 138 
ILE CG2  C N N 139 
ILE CD1  C N N 140 
ILE OXT  O N N 141 
ILE H    H N N 142 
ILE H2   H N N 143 
ILE HA   H N N 144 
ILE HB   H N N 145 
ILE HG12 H N N 146 
ILE HG13 H N N 147 
ILE HG21 H N N 148 
ILE HG22 H N N 149 
ILE HG23 H N N 150 
ILE HD11 H N N 151 
ILE HD12 H N N 152 
ILE HD13 H N N 153 
ILE HXT  H N N 154 
LEU N    N N N 155 
LEU CA   C N S 156 
LEU C    C N N 157 
LEU O    O N N 158 
LEU CB   C N N 159 
LEU CG   C N N 160 
LEU CD1  C N N 161 
LEU CD2  C N N 162 
LEU OXT  O N N 163 
LEU H    H N N 164 
LEU H2   H N N 165 
LEU HA   H N N 166 
LEU HB2  H N N 167 
LEU HB3  H N N 168 
LEU HG   H N N 169 
LEU HD11 H N N 170 
LEU HD12 H N N 171 
LEU HD13 H N N 172 
LEU HD21 H N N 173 
LEU HD22 H N N 174 
LEU HD23 H N N 175 
LEU HXT  H N N 176 
LYS N    N N N 177 
LYS CA   C N S 178 
LYS C    C N N 179 
LYS O    O N N 180 
LYS CB   C N N 181 
LYS CG   C N N 182 
LYS CD   C N N 183 
LYS CE   C N N 184 
LYS NZ   N N N 185 
LYS OXT  O N N 186 
LYS H    H N N 187 
LYS H2   H N N 188 
LYS HA   H N N 189 
LYS HB2  H N N 190 
LYS HB3  H N N 191 
LYS HG2  H N N 192 
LYS HG3  H N N 193 
LYS HD2  H N N 194 
LYS HD3  H N N 195 
LYS HE2  H N N 196 
LYS HE3  H N N 197 
LYS HZ1  H N N 198 
LYS HZ2  H N N 199 
LYS HZ3  H N N 200 
LYS HXT  H N N 201 
NH2 N    N N N 202 
NH2 HN1  H N N 203 
NH2 HN2  H N N 204 
SER N    N N N 205 
SER CA   C N S 206 
SER C    C N N 207 
SER O    O N N 208 
SER CB   C N N 209 
SER OG   O N N 210 
SER OXT  O N N 211 
SER H    H N N 212 
SER H2   H N N 213 
SER HA   H N N 214 
SER HB2  H N N 215 
SER HB3  H N N 216 
SER HG   H N N 217 
SER HXT  H N N 218 
THR N    N N N 219 
THR CA   C N S 220 
THR C    C N N 221 
THR O    O N N 222 
THR CB   C N R 223 
THR OG1  O N N 224 
THR CG2  C N N 225 
THR OXT  O N N 226 
THR H    H N N 227 
THR H2   H N N 228 
THR HA   H N N 229 
THR HB   H N N 230 
THR HG1  H N N 231 
THR HG21 H N N 232 
THR HG22 H N N 233 
THR HG23 H N N 234 
THR HXT  H N N 235 
TYR N    N N N 236 
TYR CA   C N S 237 
TYR C    C N N 238 
TYR O    O N N 239 
TYR CB   C N N 240 
TYR CG   C Y N 241 
TYR CD1  C Y N 242 
TYR CD2  C Y N 243 
TYR CE1  C Y N 244 
TYR CE2  C Y N 245 
TYR CZ   C Y N 246 
TYR OH   O N N 247 
TYR OXT  O N N 248 
TYR H    H N N 249 
TYR H2   H N N 250 
TYR HA   H N N 251 
TYR HB2  H N N 252 
TYR HB3  H N N 253 
TYR HD1  H N N 254 
TYR HD2  H N N 255 
TYR HE1  H N N 256 
TYR HE2  H N N 257 
TYR HH   H N N 258 
TYR HXT  H N N 259 
VAL N    N N N 260 
VAL CA   C N S 261 
VAL C    C N N 262 
VAL O    O N N 263 
VAL CB   C N N 264 
VAL CG1  C N N 265 
VAL CG2  C N N 266 
VAL OXT  O N N 267 
VAL H    H N N 268 
VAL H2   H N N 269 
VAL HA   H N N 270 
VAL HB   H N N 271 
VAL HG11 H N N 272 
VAL HG12 H N N 273 
VAL HG13 H N N 274 
VAL HG21 H N N 275 
VAL HG22 H N N 276 
VAL HG23 H N N 277 
VAL HXT  H N N 278 
# 
loop_
_chem_comp_bond.comp_id 
_chem_comp_bond.atom_id_1 
_chem_comp_bond.atom_id_2 
_chem_comp_bond.value_order 
_chem_comp_bond.pdbx_aromatic_flag 
_chem_comp_bond.pdbx_stereo_config 
_chem_comp_bond.pdbx_ordinal 
ACE C   O    doub N N 1   
ACE C   CH3  sing N N 2   
ACE C   H    sing N N 3   
ACE CH3 H1   sing N N 4   
ACE CH3 H2   sing N N 5   
ACE CH3 H3   sing N N 6   
ALA N   CA   sing N N 7   
ALA N   H    sing N N 8   
ALA N   H2   sing N N 9   
ALA CA  C    sing N N 10  
ALA CA  CB   sing N N 11  
ALA CA  HA   sing N N 12  
ALA C   O    doub N N 13  
ALA C   OXT  sing N N 14  
ALA CB  HB1  sing N N 15  
ALA CB  HB2  sing N N 16  
ALA CB  HB3  sing N N 17  
ALA OXT HXT  sing N N 18  
ARG N   CA   sing N N 19  
ARG N   H    sing N N 20  
ARG N   H2   sing N N 21  
ARG CA  C    sing N N 22  
ARG CA  CB   sing N N 23  
ARG CA  HA   sing N N 24  
ARG C   O    doub N N 25  
ARG C   OXT  sing N N 26  
ARG CB  CG   sing N N 27  
ARG CB  HB2  sing N N 28  
ARG CB  HB3  sing N N 29  
ARG CG  CD   sing N N 30  
ARG CG  HG2  sing N N 31  
ARG CG  HG3  sing N N 32  
ARG CD  NE   sing N N 33  
ARG CD  HD2  sing N N 34  
ARG CD  HD3  sing N N 35  
ARG NE  CZ   sing N N 36  
ARG NE  HE   sing N N 37  
ARG CZ  NH1  sing N N 38  
ARG CZ  NH2  doub N N 39  
ARG NH1 HH11 sing N N 40  
ARG NH1 HH12 sing N N 41  
ARG NH2 HH21 sing N N 42  
ARG NH2 HH22 sing N N 43  
ARG OXT HXT  sing N N 44  
ASN N   CA   sing N N 45  
ASN N   H    sing N N 46  
ASN N   H2   sing N N 47  
ASN CA  C    sing N N 48  
ASN CA  CB   sing N N 49  
ASN CA  HA   sing N N 50  
ASN C   O    doub N N 51  
ASN C   OXT  sing N N 52  
ASN CB  CG   sing N N 53  
ASN CB  HB2  sing N N 54  
ASN CB  HB3  sing N N 55  
ASN CG  OD1  doub N N 56  
ASN CG  ND2  sing N N 57  
ASN ND2 HD21 sing N N 58  
ASN ND2 HD22 sing N N 59  
ASN OXT HXT  sing N N 60  
ASP N   CA   sing N N 61  
ASP N   H    sing N N 62  
ASP N   H2   sing N N 63  
ASP CA  C    sing N N 64  
ASP CA  CB   sing N N 65  
ASP CA  HA   sing N N 66  
ASP C   O    doub N N 67  
ASP C   OXT  sing N N 68  
ASP CB  CG   sing N N 69  
ASP CB  HB2  sing N N 70  
ASP CB  HB3  sing N N 71  
ASP CG  OD1  doub N N 72  
ASP CG  OD2  sing N N 73  
ASP OD2 HD2  sing N N 74  
ASP OXT HXT  sing N N 75  
GLN N   CA   sing N N 76  
GLN N   H    sing N N 77  
GLN N   H2   sing N N 78  
GLN CA  C    sing N N 79  
GLN CA  CB   sing N N 80  
GLN CA  HA   sing N N 81  
GLN C   O    doub N N 82  
GLN C   OXT  sing N N 83  
GLN CB  CG   sing N N 84  
GLN CB  HB2  sing N N 85  
GLN CB  HB3  sing N N 86  
GLN CG  CD   sing N N 87  
GLN CG  HG2  sing N N 88  
GLN CG  HG3  sing N N 89  
GLN CD  OE1  doub N N 90  
GLN CD  NE2  sing N N 91  
GLN NE2 HE21 sing N N 92  
GLN NE2 HE22 sing N N 93  
GLN OXT HXT  sing N N 94  
GLU N   CA   sing N N 95  
GLU N   H    sing N N 96  
GLU N   H2   sing N N 97  
GLU CA  C    sing N N 98  
GLU CA  CB   sing N N 99  
GLU CA  HA   sing N N 100 
GLU C   O    doub N N 101 
GLU C   OXT  sing N N 102 
GLU CB  CG   sing N N 103 
GLU CB  HB2  sing N N 104 
GLU CB  HB3  sing N N 105 
GLU CG  CD   sing N N 106 
GLU CG  HG2  sing N N 107 
GLU CG  HG3  sing N N 108 
GLU CD  OE1  doub N N 109 
GLU CD  OE2  sing N N 110 
GLU OE2 HE2  sing N N 111 
GLU OXT HXT  sing N N 112 
GLY N   CA   sing N N 113 
GLY N   H    sing N N 114 
GLY N   H2   sing N N 115 
GLY CA  C    sing N N 116 
GLY CA  HA2  sing N N 117 
GLY CA  HA3  sing N N 118 
GLY C   O    doub N N 119 
GLY C   OXT  sing N N 120 
GLY OXT HXT  sing N N 121 
HOH O   H1   sing N N 122 
HOH O   H2   sing N N 123 
ILE N   CA   sing N N 124 
ILE N   H    sing N N 125 
ILE N   H2   sing N N 126 
ILE CA  C    sing N N 127 
ILE CA  CB   sing N N 128 
ILE CA  HA   sing N N 129 
ILE C   O    doub N N 130 
ILE C   OXT  sing N N 131 
ILE CB  CG1  sing N N 132 
ILE CB  CG2  sing N N 133 
ILE CB  HB   sing N N 134 
ILE CG1 CD1  sing N N 135 
ILE CG1 HG12 sing N N 136 
ILE CG1 HG13 sing N N 137 
ILE CG2 HG21 sing N N 138 
ILE CG2 HG22 sing N N 139 
ILE CG2 HG23 sing N N 140 
ILE CD1 HD11 sing N N 141 
ILE CD1 HD12 sing N N 142 
ILE CD1 HD13 sing N N 143 
ILE OXT HXT  sing N N 144 
LEU N   CA   sing N N 145 
LEU N   H    sing N N 146 
LEU N   H2   sing N N 147 
LEU CA  C    sing N N 148 
LEU CA  CB   sing N N 149 
LEU CA  HA   sing N N 150 
LEU C   O    doub N N 151 
LEU C   OXT  sing N N 152 
LEU CB  CG   sing N N 153 
LEU CB  HB2  sing N N 154 
LEU CB  HB3  sing N N 155 
LEU CG  CD1  sing N N 156 
LEU CG  CD2  sing N N 157 
LEU CG  HG   sing N N 158 
LEU CD1 HD11 sing N N 159 
LEU CD1 HD12 sing N N 160 
LEU CD1 HD13 sing N N 161 
LEU CD2 HD21 sing N N 162 
LEU CD2 HD22 sing N N 163 
LEU CD2 HD23 sing N N 164 
LEU OXT HXT  sing N N 165 
LYS N   CA   sing N N 166 
LYS N   H    sing N N 167 
LYS N   H2   sing N N 168 
LYS CA  C    sing N N 169 
LYS CA  CB   sing N N 170 
LYS CA  HA   sing N N 171 
LYS C   O    doub N N 172 
LYS C   OXT  sing N N 173 
LYS CB  CG   sing N N 174 
LYS CB  HB2  sing N N 175 
LYS CB  HB3  sing N N 176 
LYS CG  CD   sing N N 177 
LYS CG  HG2  sing N N 178 
LYS CG  HG3  sing N N 179 
LYS CD  CE   sing N N 180 
LYS CD  HD2  sing N N 181 
LYS CD  HD3  sing N N 182 
LYS CE  NZ   sing N N 183 
LYS CE  HE2  sing N N 184 
LYS CE  HE3  sing N N 185 
LYS NZ  HZ1  sing N N 186 
LYS NZ  HZ2  sing N N 187 
LYS NZ  HZ3  sing N N 188 
LYS OXT HXT  sing N N 189 
NH2 N   HN1  sing N N 190 
NH2 N   HN2  sing N N 191 
SER N   CA   sing N N 192 
SER N   H    sing N N 193 
SER N   H2   sing N N 194 
SER CA  C    sing N N 195 
SER CA  CB   sing N N 196 
SER CA  HA   sing N N 197 
SER C   O    doub N N 198 
SER C   OXT  sing N N 199 
SER CB  OG   sing N N 200 
SER CB  HB2  sing N N 201 
SER CB  HB3  sing N N 202 
SER OG  HG   sing N N 203 
SER OXT HXT  sing N N 204 
THR N   CA   sing N N 205 
THR N   H    sing N N 206 
THR N   H2   sing N N 207 
THR CA  C    sing N N 208 
THR CA  CB   sing N N 209 
THR CA  HA   sing N N 210 
THR C   O    doub N N 211 
THR C   OXT  sing N N 212 
THR CB  OG1  sing N N 213 
THR CB  CG2  sing N N 214 
THR CB  HB   sing N N 215 
THR OG1 HG1  sing N N 216 
THR CG2 HG21 sing N N 217 
THR CG2 HG22 sing N N 218 
THR CG2 HG23 sing N N 219 
THR OXT HXT  sing N N 220 
TYR N   CA   sing N N 221 
TYR N   H    sing N N 222 
TYR N   H2   sing N N 223 
TYR CA  C    sing N N 224 
TYR CA  CB   sing N N 225 
TYR CA  HA   sing N N 226 
TYR C   O    doub N N 227 
TYR C   OXT  sing N N 228 
TYR CB  CG   sing N N 229 
TYR CB  HB2  sing N N 230 
TYR CB  HB3  sing N N 231 
TYR CG  CD1  doub Y N 232 
TYR CG  CD2  sing Y N 233 
TYR CD1 CE1  sing Y N 234 
TYR CD1 HD1  sing N N 235 
TYR CD2 CE2  doub Y N 236 
TYR CD2 HD2  sing N N 237 
TYR CE1 CZ   doub Y N 238 
TYR CE1 HE1  sing N N 239 
TYR CE2 CZ   sing Y N 240 
TYR CE2 HE2  sing N N 241 
TYR CZ  OH   sing N N 242 
TYR OH  HH   sing N N 243 
TYR OXT HXT  sing N N 244 
VAL N   CA   sing N N 245 
VAL N   H    sing N N 246 
VAL N   H2   sing N N 247 
VAL CA  C    sing N N 248 
VAL CA  CB   sing N N 249 
VAL CA  HA   sing N N 250 
VAL C   O    doub N N 251 
VAL C   OXT  sing N N 252 
VAL CB  CG1  sing N N 253 
VAL CB  CG2  sing N N 254 
VAL CB  HB   sing N N 255 
VAL CG1 HG11 sing N N 256 
VAL CG1 HG12 sing N N 257 
VAL CG1 HG13 sing N N 258 
VAL CG2 HG21 sing N N 259 
VAL CG2 HG22 sing N N 260 
VAL CG2 HG23 sing N N 261 
VAL OXT HXT  sing N N 262 
# 
_pdbx_audit_support.funding_organization   'National Research Foundation (NRF, Korea)' 
_pdbx_audit_support.country                'Korea, Republic Of' 
_pdbx_audit_support.grant_number           ? 
_pdbx_audit_support.ordinal                1 
# 
_pdbx_initial_refinement_model.id               1 
_pdbx_initial_refinement_model.entity_id_list   ? 
_pdbx_initial_refinement_model.type             'in silico model' 
_pdbx_initial_refinement_model.source_name      Other 
_pdbx_initial_refinement_model.accession_code   ? 
_pdbx_initial_refinement_model.details          'ARCHIMBORDO_lite in within CCP4i' 
# 
_space_group.name_H-M_alt     'P 1' 
_space_group.name_Hall        'P 1' 
_space_group.IT_number        1 
_space_group.crystal_system   triclinic 
_space_group.id               1 
# 
_atom_sites.entry_id                    8I33 
_atom_sites.Cartn_transf_matrix[1][1]   ? 
_atom_sites.Cartn_transf_matrix[1][2]   ? 
_atom_sites.Cartn_transf_matrix[1][3]   ? 
_atom_sites.Cartn_transf_matrix[2][1]   ? 
_atom_sites.Cartn_transf_matrix[2][2]   ? 
_atom_sites.Cartn_transf_matrix[2][3]   ? 
_atom_sites.Cartn_transf_matrix[3][1]   ? 
_atom_sites.Cartn_transf_matrix[3][2]   ? 
_atom_sites.Cartn_transf_matrix[3][3]   ? 
_atom_sites.Cartn_transf_vector[1]      ? 
_atom_sites.Cartn_transf_vector[2]      ? 
_atom_sites.Cartn_transf_vector[3]      ? 
_atom_sites.fract_transf_matrix[1][1]   -0.00834726 
_atom_sites.fract_transf_matrix[1][2]   0.02273781 
_atom_sites.fract_transf_matrix[1][3]   -0.03645660 
_atom_sites.fract_transf_matrix[2][1]   -0.01253667 
_atom_sites.fract_transf_matrix[2][2]   -0.02307099 
_atom_sites.fract_transf_matrix[2][3]   -0.01454841 
_atom_sites.fract_transf_matrix[3][1]   -0.01935085 
_atom_sites.fract_transf_matrix[3][2]   0.00342736 
_atom_sites.fract_transf_matrix[3][3]   0.00579274 
_atom_sites.fract_transf_vector[1]      -0.068368 
_atom_sites.fract_transf_vector[2]      -0.053023 
_atom_sites.fract_transf_vector[3]      -0.041682 
_atom_sites.solution_primary            ? 
_atom_sites.solution_secondary          ? 
_atom_sites.solution_hydrogens          ? 
_atom_sites.special_details             ? 
# 
loop_
_atom_type.symbol 
_atom_type.scat_dispersion_real 
_atom_type.scat_dispersion_imag 
_atom_type.scat_Cromer_Mann_a1 
_atom_type.scat_Cromer_Mann_a2 
_atom_type.scat_Cromer_Mann_a3 
_atom_type.scat_Cromer_Mann_a4 
_atom_type.scat_Cromer_Mann_b1 
_atom_type.scat_Cromer_Mann_b2 
_atom_type.scat_Cromer_Mann_b3 
_atom_type.scat_Cromer_Mann_b4 
_atom_type.scat_Cromer_Mann_c 
_atom_type.scat_source 
_atom_type.scat_dispersion_source 
C ? ? 3.54356 2.42580 ? ? 25.62398 1.50364 ? ? 0.0 
;2-Gaussian fit: Grosse-Kunstleve RW, Sauter NK, Adams PD: Newsletter of the IUCr Commission on Crystallographic Computing 2004, 3, 22-31.
;
? 
H ? ? ?       ?       ? ? ?        ?       ? ? ?   ? ? 
N ? ? 4.01032 2.96436 ? ? 19.97189 1.75589 ? ? 0.0 
;2-Gaussian fit: Grosse-Kunstleve RW, Sauter NK, Adams PD: Newsletter of the IUCr Commission on Crystallographic Computing 2004, 3, 22-31.
;
? 
O ? ? 4.49882 3.47563 ? ? 15.80542 1.70748 ? ? 0.0 
;2-Gaussian fit: Grosse-Kunstleve RW, Sauter NK, Adams PD: Newsletter of the IUCr Commission on Crystallographic Computing 2004, 3, 22-31.
;
? 
# 
loop_
_atom_site.group_PDB 
_atom_site.id 
_atom_site.type_symbol 
_atom_site.label_atom_id 
_atom_site.label_alt_id 
_atom_site.label_comp_id 
_atom_site.label_asym_id 
_atom_site.label_entity_id 
_atom_site.label_seq_id 
_atom_site.pdbx_PDB_ins_code 
_atom_site.Cartn_x 
_atom_site.Cartn_y 
_atom_site.Cartn_z 
_atom_site.occupancy 
_atom_site.B_iso_or_equiv 
_atom_site.pdbx_formal_charge 
_atom_site.auth_seq_id 
_atom_site.auth_comp_id 
_atom_site.auth_asym_id 
_atom_site.auth_atom_id 
_atom_site.pdbx_PDB_model_num 
ATOM   1    N N   . ILE A 1 3  ? 30.93657  -9.18037  -2.06042  1.000 17.53792 ? 26  ILE A N   1 
ATOM   2    C CA  . ILE A 1 3  ? 30.61313  -7.84823  -2.55061  1.000 14.39284 ? 26  ILE A CA  1 
ATOM   3    C C   . ILE A 1 3  ? 31.15465  -6.76373  -1.59000  1.000 15.68737 ? 26  ILE A C   1 
ATOM   4    O O   . ILE A 1 3  ? 31.55415  -7.07622  -0.46710  1.000 19.12645 ? 26  ILE A O   1 
ATOM   5    C CB  . ILE A 1 3  ? 29.08174  -7.72780  -2.79453  1.000 12.42680 ? 26  ILE A CB  1 
ATOM   6    C CG1 . ILE A 1 3  ? 28.29071  -7.83879  -1.48760  1.000 12.31416 ? 26  ILE A CG1 1 
ATOM   7    C CG2 . ILE A 1 3  ? 28.60553  -8.77133  -3.80037  1.000 14.49323 ? 26  ILE A CG2 1 
ATOM   8    C CD1 . ILE A 1 3  ? 26.79042  -7.58257  -1.67709  1.000 12.72162 ? 26  ILE A CD1 1 
ATOM   9    N N   . THR A 1 4  ? 31.21456  -5.50844  -2.03854  1.000 15.08251 ? 27  THR A N   1 
ATOM   10   C CA  . THR A 1 4  ? 31.80377  -4.45156  -1.22559  1.000 14.31777 ? 27  THR A CA  1 
ATOM   11   C C   . THR A 1 4  ? 30.85237  -4.03793  -0.10838  1.000 17.94081 ? 27  THR A C   1 
ATOM   12   O O   . THR A 1 4  ? 29.66666  -4.37851  -0.10392  1.000 17.89407 ? 27  THR A O   1 
ATOM   13   C CB  . THR A 1 4  ? 32.15467  -3.22852  -2.06758  1.000 16.55349 ? 27  THR A CB  1 
ATOM   14   O OG1 . THR A 1 4  ? 30.95395  -2.54297  -2.44025  1.000 19.25304 ? 27  THR A OG1 1 
ATOM   15   C CG2 . THR A 1 4  ? 32.92766  -3.62841  -3.31586  1.000 16.64514 ? 27  THR A CG2 1 
ATOM   16   N N   . ARG A 1 5  ? 31.39499  -3.29385  0.86120   1.000 20.42926 ? 28  ARG A N   1 
ATOM   17   C CA  . ARG A 1 5  ? 30.55886  -2.80133  1.95251   1.000 18.33253 ? 28  ARG A CA  1 
ATOM   18   C C   . ARG A 1 5  ? 29.51919  -1.81826  1.43641   1.000 16.92644 ? 28  ARG A C   1 
ATOM   19   O O   . ARG A 1 5  ? 28.36963  -1.81062  1.90637   1.000 14.76897 ? 28  ARG A O   1 
ATOM   20   C CB  . ARG A 1 5  ? 31.43005  -2.15678  3.03020   1.000 22.29794 ? 28  ARG A CB  1 
ATOM   21   C CG  . ARG A 1 5  ? 30.65212  -1.30933  4.02870   1.000 26.59762 ? 28  ARG A CG  1 
ATOM   22   C CD  . ARG A 1 5  ? 31.44776  -1.07213  5.30460   1.000 30.65915 ? 28  ARG A CD  1 
ATOM   23   N NE  . ARG A 1 5  ? 32.23095  0.15695   5.23958   1.000 38.22488 ? 28  ARG A NE  1 
ATOM   24   C CZ  . ARG A 1 5  ? 33.16114  0.49907   6.12126   1.000 37.60893 ? 28  ARG A CZ  1 
ATOM   25   N NH1 . ARG A 1 5  ? 33.46709  -0.28516  7.14254   1.000 34.80714 ? 28  ARG A NH1 1 
ATOM   26   N NH2 . ARG A 1 5  ? 33.79685  1.65904   5.97766   1.000 38.70120 ? 28  ARG A NH2 1 
ATOM   27   N N   . LEU A 1 6  ? 29.89369  -0.97435  0.47368   1.000 14.69457 ? 29  LEU A N   1 
ATOM   28   C CA  . LEU A 1 6  ? 28.89132  -0.12289  -0.15258  1.000 17.26872 ? 29  LEU A CA  1 
ATOM   29   C C   . LEU A 1 6  ? 27.79028  -0.96597  -0.77784  1.000 19.08420 ? 29  LEU A C   1 
ATOM   30   O O   . LEU A 1 6  ? 26.60242  -0.63377  -0.66622  1.000 18.30875 ? 29  LEU A O   1 
ATOM   31   C CB  . LEU A 1 6  ? 29.54176  0.77916   -1.20196  1.000 17.72469 ? 29  LEU A CB  1 
ATOM   32   C CG  . LEU A 1 6  ? 30.26258  2.03386   -0.72050  1.000 24.41782 ? 29  LEU A CG  1 
ATOM   33   C CD1 . LEU A 1 6  ? 30.52220  2.97263   -1.88652  1.000 25.03459 ? 29  LEU A CD1 1 
ATOM   34   C CD2 . LEU A 1 6  ? 29.42723  2.74385   0.34123   1.000 28.32992 ? 29  LEU A CD2 1 
ATOM   35   N N   . GLN A 1 7  ? 28.16896  -2.06272  -1.44195  1.000 16.64371 ? 30  GLN A N   1 
ATOM   36   C CA  . GLN A 1 7  ? 27.17555  -2.93123  -2.06556  1.000 13.88065 ? 30  GLN A CA  1 
ATOM   37   C C   . GLN A 1 7  ? 26.32023  -3.64233  -1.02213  1.000 11.14266 ? 30  GLN A C   1 
ATOM   38   O O   . GLN A 1 7  ? 25.10961  -3.77427  -1.21020  1.000 13.18245 ? 30  GLN A O   1 
ATOM   39   C CB  . GLN A 1 7  ? 27.85908  -3.93414  -2.99899  1.000 14.88661 ? 30  GLN A CB  1 
ATOM   40   C CG  . GLN A 1 7  ? 28.48353  -3.26550  -4.23814  1.000 16.57169 ? 30  GLN A CG  1 
ATOM   41   C CD  . GLN A 1 7  ? 29.31501  -4.21442  -5.08606  1.000 13.67239 ? 30  GLN A CD  1 
ATOM   42   O OE1 . GLN A 1 7  ? 30.04659  -5.05696  -4.56681  1.000 12.62037 ? 30  GLN A OE1 1 
ATOM   43   N NE2 . GLN A 1 7  ? 29.20316  -4.07758  -6.40335  1.000 13.88692 ? 30  GLN A NE2 1 
ATOM   44   N N   . GLU A 1 8  ? 26.93005  -4.12732  0.06712   1.000 14.40447 ? 31  GLU A N   1 
ATOM   45   C CA  . GLU A 1 8  ? 26.15316  -4.70941  1.16540   1.000 13.93078 ? 31  GLU A CA  1 
ATOM   46   C C   . GLU A 1 8  ? 25.10733  -3.73796  1.66743   1.000 11.75947 ? 31  GLU A C   1 
ATOM   47   O O   . GLU A 1 8  ? 23.93110  -4.09664  1.84109   1.000 13.22526 ? 31  GLU A O   1 
ATOM   48   C CB  . GLU A 1 8  ? 27.06077  -5.07110  2.33241   1.000 13.01578 ? 31  GLU A CB  1 
ATOM   49   C CG  . GLU A 1 8  ? 28.06356  -6.10669  2.01737   1.000 18.52630 ? 31  GLU A CG  1 
ATOM   50   C CD  . GLU A 1 8  ? 27.47806  -7.48237  2.08674   1.000 17.37565 ? 31  GLU A CD  1 
ATOM   51   O OE1 . GLU A 1 8  ? 26.23538  -7.61032  2.23936   1.000 17.83221 ? 31  GLU A OE1 1 
ATOM   52   O OE2 . GLU A 1 8  ? 28.27371  -8.43549  1.98870   1.000 19.01017 ? 31  GLU A OE2 1 
ATOM   53   N N   . LYS A 1 9  ? 25.54148  -2.51542  1.98615   1.000 13.31755 ? 32  LYS A N   1 
ATOM   54   C CA  . LYS A 1 9  ? 24.61744  -1.51547  2.51333   1.000 15.00125 ? 32  LYS A CA  1 
ATOM   55   C C   . LYS A 1 9  ? 23.54166  -1.18039  1.49868   1.000 13.56492 ? 32  LYS A C   1 
ATOM   56   O O   . LYS A 1 9  ? 22.36378  -1.04471  1.85316   1.000 12.46952 ? 32  LYS A O   1 
ATOM   57   C CB  . LYS A 1 9  ? 25.36603  -0.23825  2.89755   1.000 16.61632 ? 32  LYS A CB  1 
ATOM   58   C CG  . LYS A 1 9  ? 26.21339  -0.33915  4.12139   1.000 17.93353 ? 32  LYS A CG  1 
ATOM   59   C CD  . LYS A 1 9  ? 27.16784  0.86174   4.19787   1.000 19.23755 ? 32  LYS A CD  1 
ATOM   60   C CE  . LYS A 1 9  ? 27.89499  0.89416   5.52425   1.000 24.00573 ? 32  LYS A CE  1 
ATOM   61   N NZ  . LYS A 1 9  ? 29.05585  1.81745   5.48318   1.000 29.99328 ? 32  LYS A NZ  1 
ATOM   62   N N   . GLU A 1 10 ? 23.93198  -1.00393  0.23442   1.000 12.70603 ? 33  GLU A N   1 
ATOM   63   C CA  . GLU A 1 10 ? 22.96581  -0.64429  -0.79485  1.000 13.68029 ? 33  GLU A CA  1 
ATOM   64   C C   . GLU A 1 10 ? 21.95974  -1.76048  -1.02493  1.000 12.52333 ? 33  GLU A C   1 
ATOM   65   O O   . GLU A 1 10 ? 20.75777  -1.49934  -1.15960  1.000 13.84864 ? 33  GLU A O   1 
ATOM   66   C CB  . GLU A 1 10 ? 23.69128  -0.30125  -2.09630  1.000 17.38589 ? 33  GLU A CB  1 
ATOM   67   C CG  . GLU A 1 10 ? 24.33299  1.07417   -2.07988  1.000 21.67080 ? 33  GLU A CG  1 
ATOM   68   C CD  . GLU A 1 10 ? 25.63090  1.13309   -2.86168  1.000 24.56594 ? 33  GLU A CD  1 
ATOM   69   O OE1 . GLU A 1 10 ? 26.19331  2.24231   -2.97531  1.000 31.70539 ? 33  GLU A OE1 1 
ATOM   70   O OE2 . GLU A 1 10 ? 26.08690  0.08669   -3.36728  1.000 27.09756 ? 33  GLU A OE2 1 
ATOM   71   N N   . ASP A 1 11 ? 22.42434  -3.01183  -1.07210  1.000 12.67000 ? 34  ASP A N   1 
ATOM   72   C CA  . ASP A 1 11 ? 21.49113  -4.12312  -1.23137  1.000 9.33313  ? 34  ASP A CA  1 
ATOM   73   C C   . ASP A 1 11 ? 20.51010  -4.16621  -0.07246  1.000 9.74364  ? 34  ASP A C   1 
ATOM   74   O O   . ASP A 1 11 ? 19.31935  -4.43550  -0.26358  1.000 9.39118  ? 34  ASP A O   1 
ATOM   75   C CB  . ASP A 1 11 ? 22.24293  -5.45286  -1.32254  1.000 9.52489  ? 34  ASP A CB  1 
ATOM   76   C CG  . ASP A 1 11 ? 23.00267  -5.60513  -2.62082  1.000 12.94215 ? 34  ASP A CG  1 
ATOM   77   O OD1 . ASP A 1 11 ? 22.86491  -4.71656  -3.48152  1.000 11.59696 ? 34  ASP A OD1 1 
ATOM   78   O OD2 . ASP A 1 11 ? 23.73883  -6.60936  -2.78365  1.000 8.11911  ? 34  ASP A OD2 1 
ATOM   79   N N   . LEU A 1 12 ? 21.00084  -3.94091  1.14443   1.000 7.51239  ? 35  LEU A N   1 
ATOM   80   C CA  . LEU A 1 12 ? 20.12235  -4.03955  2.30097   1.000 7.60873  ? 35  LEU A CA  1 
ATOM   81   C C   . LEU A 1 12 ? 19.17297  -2.85833  2.36123   1.000 7.87627  ? 35  LEU A C   1 
ATOM   82   O O   . LEU A 1 12 ? 17.98671  -3.02242  2.68133   1.000 8.74245  ? 35  LEU A O   1 
ATOM   83   C CB  . LEU A 1 12 ? 20.95758  -4.14088  3.57974   1.000 8.47920  ? 35  LEU A CB  1 
ATOM   84   C CG  . LEU A 1 12 ? 20.17454  -3.98435  4.88600   1.000 6.93576  ? 35  LEU A CG  1 
ATOM   85   C CD1 . LEU A 1 12 ? 19.10880  -5.07698  5.03712   1.000 8.93923  ? 35  LEU A CD1 1 
ATOM   86   C CD2 . LEU A 1 12 ? 21.12111  -3.98551  6.07778   1.000 10.29842 ? 35  LEU A CD2 1 
ATOM   87   N N   . GLN A 1 13 ? 19.66736  -1.66087  2.04723   1.000 10.26764 ? 36  GLN A N   1 
ATOM   88   C CA  . GLN A 1 13 ? 18.78547  -0.50151  2.00478   1.000 12.24392 ? 36  GLN A CA  1 
ATOM   89   C C   . GLN A 1 13 ? 17.62618  -0.73910  1.04980   1.000 13.40446 ? 36  GLN A C   1 
ATOM   90   O O   . GLN A 1 13 ? 16.47694  -0.39461  1.35116   1.000 10.72930 ? 36  GLN A O   1 
ATOM   91   C CB  . GLN A 1 13 ? 19.57654  0.74027   1.58654   1.000 12.87019 ? 36  GLN A CB  1 
ATOM   92   C CG  . GLN A 1 13 ? 18.77267  2.04055   1.71290   1.000 16.08733 ? 36  GLN A CG  1 
ATOM   93   C CD  . GLN A 1 13 ? 18.36791  2.32096   3.14861   1.000 19.12362 ? 36  GLN A CD  1 
ATOM   94   O OE1 . GLN A 1 13 ? 19.15146  2.11268   4.08617   1.000 16.46780 ? 36  GLN A OE1 1 
ATOM   95   N NE2 . GLN A 1 13 ? 17.13228  2.78693   3.33363   1.000 22.22764 ? 36  GLN A NE2 1 
ATOM   96   N N   . GLU A 1 14 ? 17.90664  -1.34288  -0.10307  1.000 9.46709  ? 37  GLU A N   1 
ATOM   97   C CA  . GLU A 1 14 ? 16.85809  -1.61421  -1.07898  1.000 10.37254 ? 37  GLU A CA  1 
ATOM   98   C C   . GLU A 1 14 ? 15.86375  -2.63976  -0.55014  1.000 10.36541 ? 37  GLU A C   1 
ATOM   99   O O   . GLU A 1 14 ? 14.65332  -2.47733  -0.72537  1.000 10.74188 ? 37  GLU A O   1 
ATOM   100  C CB  . GLU A 1 14 ? 17.48424  -2.09374  -2.38553  1.000 16.16329 ? 37  GLU A CB  1 
ATOM   101  C CG  . GLU A 1 14 ? 16.50302  -2.32247  -3.52344  1.000 17.90931 ? 37  GLU A CG  1 
ATOM   102  C CD  . GLU A 1 14 ? 17.15651  -3.03631  -4.69229  1.000 31.24711 ? 37  GLU A CD  1 
ATOM   103  O OE1 . GLU A 1 14 ? 18.15273  -2.49637  -5.22639  1.000 36.64593 ? 37  GLU A OE1 1 
ATOM   104  O OE2 . GLU A 1 14 ? 16.68375  -4.13255  -5.07215  1.000 39.01381 ? 37  GLU A OE2 1 
ATOM   105  N N   . LEU A 1 15 ? 16.35780  -3.70769  0.09698   1.000 7.96310  ? 38  LEU A N   1 
ATOM   106  C CA  . LEU A 1 15 ? 15.46198  -4.69587  0.69797   1.000 9.02059  ? 38  LEU A CA  1 
ATOM   107  C C   . LEU A 1 15 ? 14.59351  -4.07289  1.78363   1.000 9.98592  ? 38  LEU A C   1 
ATOM   108  O O   . LEU A 1 15 ? 13.39291  -4.36036  1.88004   1.000 8.98261  ? 38  LEU A O   1 
ATOM   109  C CB  . LEU A 1 15 ? 16.28374  -5.85623  1.27204   1.000 10.78826 ? 38  LEU A CB  1 
ATOM   110  C CG  . LEU A 1 15 ? 15.65089  -7.23743  1.27058   1.000 22.29933 ? 38  LEU A CG  1 
ATOM   111  C CD1 . LEU A 1 15 ? 15.40488  -7.70699  -0.15679  1.000 21.99595 ? 38  LEU A CD1 1 
ATOM   112  C CD2 . LEU A 1 15 ? 16.59592  -8.20295  1.99385   1.000 18.99653 ? 38  LEU A CD2 1 
ATOM   113  N N   . ASN A 1 16 ? 15.18084  -3.22637  2.63156   1.000 7.52055  ? 39  ASN A N   1 
ATOM   114  C CA  . ASN A 1 16 ? 14.37737  -2.57050  3.66079   1.000 7.23085  ? 39  ASN A CA  1 
ATOM   115  C C   . ASN A 1 16 ? 13.30788  -1.67471  3.04768   1.000 9.70449  ? 39  ASN A C   1 
ATOM   116  O O   . ASN A 1 16 ? 12.17845  -1.62029  3.54771   1.000 9.42938  ? 39  ASN A O   1 
ATOM   117  C CB  . ASN A 1 16 ? 15.27413  -1.75319  4.57950   1.000 8.21725  ? 39  ASN A CB  1 
ATOM   118  C CG  . ASN A 1 16 ? 16.05822  -2.61408  5.53130   1.000 10.03250 ? 39  ASN A CG  1 
ATOM   119  O OD1 . ASN A 1 16 ? 15.68291  -3.75241  5.81156   1.000 8.60532  ? 39  ASN A OD1 1 
ATOM   120  N ND2 . ASN A 1 16 ? 17.15273  -2.07273  6.04602   1.000 10.32846 ? 39  ASN A ND2 1 
ATOM   121  N N   . ASP A 1 17 ? 13.66622  -0.91938  2.00603   1.000 9.36322  ? 40  ASP A N   1 
ATOM   122  C CA  . ASP A 1 17 ? 12.67525  -0.09036  1.31745   1.000 8.49675  ? 40  ASP A CA  1 
ATOM   123  C C   . ASP A 1 17 ? 11.55084  -0.94484  0.75756   1.000 9.49278  ? 40  ASP A C   1 
ATOM   124  O O   . ASP A 1 17 ? 10.36686  -0.61050  0.92068   1.000 8.80521  ? 40  ASP A O   1 
ATOM   125  C CB  . ASP A 1 17 ? 13.33536  0.72024   0.19747   1.000 11.09882 ? 40  ASP A CB  1 
ATOM   126  C CG  . ASP A 1 17 ? 14.28525  1.78841   0.71839   1.000 12.66669 ? 40  ASP A CG  1 
ATOM   127  O OD1 . ASP A 1 17 ? 14.32517  2.02092   1.94580   1.000 17.11819 ? 40  ASP A OD1 1 
ATOM   128  O OD2 . ASP A 1 17 ? 14.99879  2.40942   -0.10859  1.000 19.58587 ? 40  ASP A OD2 1 
ATOM   129  N N   . ARG A 1 18 ? 11.89647  -2.06390  0.11639   1.000 9.37215  ? 41  ARG A N   1 
ATOM   130  C CA  . ARG A 1 18 ? 10.87715  -2.91628  -0.48893  1.000 7.98652  ? 41  ARG A CA  1 
ATOM   131  C C   . ARG A 1 18 ? 9.98478   -3.55348  0.57218   1.000 8.38069  ? 41  ARG A C   1 
ATOM   132  O O   . ARG A 1 18 ? 8.76534   -3.63417  0.39163   1.000 8.82348  ? 41  ARG A O   1 
ATOM   133  C CB  . ARG A 1 18 ? 11.53211  -3.99180  -1.35868  1.000 8.89252  ? 41  ARG A CB  1 
ATOM   134  C CG  . ARG A 1 18 ? 12.33388  -3.47484  -2.54060  1.000 14.71762 ? 41  ARG A CG  1 
ATOM   135  C CD  . ARG A 1 18 ? 12.45350  -4.61352  -3.55339  1.000 22.93615 ? 41  ARG A CD  1 
ATOM   136  N NE  . ARG A 1 18 ? 11.35887  -4.56798  -4.51722  1.000 28.00653 ? 41  ARG A NE  1 
ATOM   137  C CZ  . ARG A 1 18 ? 10.82671  -5.62667  -5.11619  1.000 28.41796 ? 41  ARG A CZ  1 
ATOM   138  N NH1 . ARG A 1 18 ? 11.23575  -6.85475  -4.84500  1.000 25.70030 ? 41  ARG A NH1 1 
ATOM   139  N NH2 . ARG A 1 18 ? 9.84537   -5.44800  -5.99891  1.000 33.18964 ? 41  ARG A NH2 1 
ATOM   140  N N   . LEU A 1 19 ? 10.57018  -4.02102  1.67932   1.000 8.76392  ? 42  LEU A N   1 
ATOM   141  C CA  . LEU A 1 19 ? 9.75497   -4.55548  2.76778   1.000 6.64666  ? 42  LEU A CA  1 
ATOM   142  C C   . LEU A 1 19 ? 8.74282   -3.52255  3.24622   1.000 9.19507  ? 42  LEU A C   1 
ATOM   143  O O   . LEU A 1 19 ? 7.54941   -3.81945  3.39152   1.000 7.81633  ? 42  LEU A O   1 
ATOM   144  C CB  . LEU A 1 19 ? 10.64637  -5.01437  3.93091   1.000 8.11366  ? 42  LEU A CB  1 
ATOM   145  C CG  . LEU A 1 19 ? 11.29741  -6.37785  3.73880   1.000 7.66199  ? 42  LEU A CG  1 
ATOM   146  C CD1 . LEU A 1 19 ? 12.50951  -6.51752  4.66083   1.000 10.24914 ? 42  LEU A CD1 1 
ATOM   147  C CD2 . LEU A 1 19 ? 10.28494  -7.49014  3.99783   1.000 9.13951  ? 42  LEU A CD2 1 
ATOM   148  N N   . ALA A 1 20 ? 9.19915   -2.29440  3.49882   1.000 8.85769  ? 43  ALA A N   1 
ATOM   149  C CA  . ALA A 1 20 ? 8.27958   -1.26039  3.96209   1.000 8.39471  ? 43  ALA A CA  1 
ATOM   150  C C   . ALA A 1 20 ? 7.15365   -1.04073  2.95662   1.000 9.97292  ? 43  ALA A C   1 
ATOM   151  O O   . ALA A 1 20 ? 5.97878   -0.97159  3.33553   1.000 10.46326 ? 43  ALA A O   1 
ATOM   152  C CB  . ALA A 1 20 ? 9.03628   0.03913   4.21830   1.000 9.27329  ? 43  ALA A CB  1 
ATOM   153  N N   . VAL A 1 21 ? 7.50196   -0.91942  1.66564   1.000 7.50951  ? 44  VAL A N   1 
ATOM   154  C CA  . VAL A 1 21 ? 6.50287   -0.66185  0.61684   1.000 7.03902  ? 44  VAL A CA  1 
ATOM   155  C C   . VAL A 1 21 ? 5.49365   -1.80496  0.52972   1.000 9.42521  ? 44  VAL A C   1 
ATOM   156  O O   . VAL A 1 21 ? 4.27333   -1.58011  0.47587   1.000 9.17920  ? 44  VAL A O   1 
ATOM   157  C CB  . VAL A 1 21 ? 7.19661   -0.43056  -0.73974  1.000 9.21971  ? 44  VAL A CB  1 
ATOM   158  C CG1 . VAL A 1 21 ? 6.20886   -0.58488  -1.89984  1.000 10.98004 ? 44  VAL A CG1 1 
ATOM   159  C CG2 . VAL A 1 21 ? 7.83387   0.93203   -0.77607  1.000 11.19913 ? 44  VAL A CG2 1 
ATOM   160  N N   . TYR A 1 22 ? 5.98027   -3.05206  0.48528   1.000 8.64965  ? 45  TYR A N   1 
ATOM   161  C CA  . TYR A 1 22 ? 5.07074   -4.18416  0.31220   1.000 9.38753  ? 45  TYR A CA  1 
ATOM   162  C C   . TYR A 1 22 ? 4.29306   -4.51343  1.57925   1.000 8.00064  ? 45  TYR A C   1 
ATOM   163  O O   . TYR A 1 22 ? 3.14590   -4.95872  1.49110   1.000 8.20959  ? 45  TYR A O   1 
ATOM   164  C CB  . TYR A 1 22 ? 5.83535   -5.41019  -0.18063  1.000 9.95144  ? 45  TYR A CB  1 
ATOM   165  C CG  . TYR A 1 22 ? 5.96919   -5.38815  -1.67704  1.000 10.54461 ? 45  TYR A CG  1 
ATOM   166  C CD1 . TYR A 1 22 ? 4.91633   -5.79914  -2.49611  1.000 15.70091 ? 45  TYR A CD1 1 
ATOM   167  C CD2 . TYR A 1 22 ? 7.11627   -4.90583  -2.27815  1.000 13.41356 ? 45  TYR A CD2 1 
ATOM   168  C CE1 . TYR A 1 22 ? 5.02662   -5.75419  -3.87748  1.000 18.60101 ? 45  TYR A CE1 1 
ATOM   169  C CE2 . TYR A 1 22 ? 7.23652   -4.85949  -3.66589  1.000 18.01447 ? 45  TYR A CE2 1 
ATOM   170  C CZ  . TYR A 1 22 ? 6.18433   -5.28350  -4.45418  1.000 19.35648 ? 45  TYR A CZ  1 
ATOM   171  O OH  . TYR A 1 22 ? 6.31513   -5.23601  -5.82517  1.000 29.33064 ? 45  TYR A OH  1 
ATOM   172  N N   . ILE A 1 23 ? 4.88714   -4.33750  2.75663   1.000 8.13441  ? 46  ILE A N   1 
ATOM   173  C CA  . ILE A 1 23 ? 4.11152   -4.52761  3.98152   1.000 6.73032  ? 46  ILE A CA  1 
ATOM   174  C C   . ILE A 1 23 ? 2.98376   -3.49792  4.05215   1.000 9.10225  ? 46  ILE A C   1 
ATOM   175  O O   . ILE A 1 23 ? 1.83404   -3.82693  4.38166   1.000 9.40445  ? 46  ILE A O   1 
ATOM   176  C CB  . ILE A 1 23 ? 5.05081   -4.46779  5.20124   1.000 7.74455  ? 46  ILE A CB  1 
ATOM   177  C CG1 . ILE A 1 23 ? 5.87697   -5.75280  5.26529   1.000 8.54390  ? 46  ILE A CG1 1 
ATOM   178  C CG2 . ILE A 1 23 ? 4.25213   -4.28904  6.50742   1.000 9.55024  ? 46  ILE A CG2 1 
ATOM   179  C CD1 . ILE A 1 23 ? 7.05928   -5.67164  6.24842   1.000 8.25480  ? 46  ILE A CD1 1 
ATOM   180  N N   . ASP A 1 24 ? 3.28511   -2.23656  3.72992   1.000 8.40959  ? 47  ASP A N   1 
ATOM   181  C CA  . ASP A 1 24 ? 2.23356   -1.22402  3.70518   1.000 9.85162  ? 47  ASP A CA  1 
ATOM   182  C C   . ASP A 1 24 ? 1.14431   -1.60510  2.71618   1.000 9.14993  ? 47  ASP A C   1 
ATOM   183  O O   . ASP A 1 24 ? -0.04916  -1.49288  3.01962   1.000 9.27820  ? 47  ASP A O   1 
ATOM   184  C CB  . ASP A 1 24 ? 2.80488   0.14407   3.34361   1.000 11.78365 ? 47  ASP A CB  1 
ATOM   185  C CG  . ASP A 1 24 ? 3.54570   0.79380   4.49062   1.000 17.29394 ? 47  ASP A CG  1 
ATOM   186  O OD1 . ASP A 1 24 ? 3.61129   0.21070   5.59127   1.000 15.59843 ? 47  ASP A OD1 1 
ATOM   187  O OD2 . ASP A 1 24 ? 4.05761   1.90332   4.27562   1.000 19.72426 ? 47  ASP A OD2 1 
ATOM   188  N N   . ARG A 1 25 ? 1.53870   -2.10133  1.54410   1.000 8.49648  ? 48  ARG A N   1 
ATOM   189  C CA  . ARG A 1 25 ? 0.54374   -2.39115  0.51550   1.000 10.16220 ? 48  ARG A CA  1 
ATOM   190  C C   . ARG A 1 25 ? -0.30358  -3.60694  0.88833   1.000 9.14811  ? 48  ARG A C   1 
ATOM   191  O O   . ARG A 1 25 ? -1.51032  -3.63423  0.60792   1.000 8.61927  ? 48  ARG A O   1 
ATOM   192  C CB  . ARG A 1 25 ? 1.23429   -2.58412  -0.83779  1.000 10.74287 ? 48  ARG A CB  1 
ATOM   193  C CG  . ARG A 1 25 ? 0.24098   -2.60003  -2.01820  1.000 10.71799 ? 48  ARG A CG  1 
ATOM   194  C CD  . ARG A 1 25 ? 0.93244   -2.46762  -3.36330  1.000 15.48002 ? 48  ARG A CD  1 
ATOM   195  N NE  . ARG A 1 25 ? 1.66436   -1.21413  -3.44985  1.000 14.12171 ? 48  ARG A NE  1 
ATOM   196  C CZ  . ARG A 1 25 ? 2.86121   -1.08114  -4.00654  1.000 16.21888 ? 48  ARG A CZ  1 
ATOM   197  N NH1 . ARG A 1 25 ? 3.45695   -2.09358  -4.61810  1.000 20.65030 ? 48  ARG A NH1 1 
ATOM   198  N NH2 . ARG A 1 25 ? 3.46952   0.10032   -3.95721  1.000 16.13515 ? 48  ARG A NH2 1 
ATOM   199  N N   . VAL A 1 26 ? 0.29390   -4.62131  1.52947   1.000 9.48094  ? 49  VAL A N   1 
ATOM   200  C CA  . VAL A 1 26 ? -0.50638  -5.75183  1.99487   1.000 5.64665  ? 49  VAL A CA  1 
ATOM   201  C C   . VAL A 1 26 ? -1.58373  -5.25755  2.94345   1.000 7.15192  ? 49  VAL A C   1 
ATOM   202  O O   . VAL A 1 26 ? -2.75251  -5.66394  2.85498   1.000 10.05541 ? 49  VAL A O   1 
ATOM   203  C CB  . VAL A 1 26 ? 0.37008   -6.81570  2.68477   1.000 9.08527  ? 49  VAL A CB  1 
ATOM   204  C CG1 . VAL A 1 26 ? -0.52808  -7.78968  3.44800   1.000 13.41523 ? 49  VAL A CG1 1 
ATOM   205  C CG2 . VAL A 1 26 ? 1.21711   -7.56653  1.67550   1.000 12.41073 ? 49  VAL A CG2 1 
ATOM   206  N N   . ARG A 1 27 ? -1.20625  -4.37403  3.86746   1.000 6.20508  ? 50  ARG A N   1 
ATOM   207  C CA  . ARG A 1 27 ? -2.16511  -3.87653  4.84439   1.000 8.15038  ? 50  ARG A CA  1 
ATOM   208  C C   . ARG A 1 27 ? -3.28258  -3.10973  4.16100   1.000 9.03646  ? 50  ARG A C   1 
ATOM   209  O O   . ARG A 1 27 ? -4.45984  -3.26904  4.50688   1.000 8.03232  ? 50  ARG A O   1 
ATOM   210  C CB  . ARG A 1 27 ? -1.47349  -2.97731  5.86664   1.000 7.37200  ? 50  ARG A CB  1 
ATOM   211  C CG  . ARG A 1 27 ? -0.52496  -3.69148  6.81947   1.000 11.17643 ? 50  ARG A CG  1 
ATOM   212  C CD  . ARG A 1 27 ? 0.30518   -2.63099  7.52779   1.000 16.43532 ? 50  ARG A CD  1 
ATOM   213  N NE  . ARG A 1 27 ? 1.36129   -3.17383  8.37385   1.000 21.47631 ? 50  ARG A NE  1 
ATOM   214  C CZ  . ARG A 1 27 ? 2.33335   -2.43813  8.89651   1.000 23.20318 ? 50  ARG A CZ  1 
ATOM   215  N NH1 . ARG A 1 27 ? 2.40482   -1.13560  8.67665   1.000 24.43629 ? 50  ARG A NH1 1 
ATOM   216  N NH2 . ARG A 1 27 ? 3.26409   -3.02543  9.64660   1.000 20.50561 ? 50  ARG A NH2 1 
ATOM   217  N N   . SER A 1 28 ? -2.93365  -2.25018  3.20558   1.000 8.71459  ? 51  SER A N   1 
ATOM   218  C CA  . SER A 1 28 ? -3.98268  -1.47379  2.54825   1.000 7.19063  ? 51  SER A CA  1 
ATOM   219  C C   . SER A 1 28 ? -4.86632  -2.35411  1.67755   1.000 7.72102  ? 51  SER A C   1 
ATOM   220  O O   . SER A 1 28 ? -6.08625  -2.14337  1.61387   1.000 8.46591  ? 51  SER A O   1 
ATOM   221  C CB  . SER A 1 28 ? -3.37083  -0.33604  1.73213   1.000 8.78196  ? 51  SER A CB  1 
ATOM   222  O OG  . SER A 1 28 ? -2.59596  -0.81451  0.64424   1.000 14.65018 ? 51  SER A OG  1 
ATOM   223  N N   . LEU A 1 29 ? -4.27839  -3.33665  0.98632   1.000 7.44423  ? 52  LEU A N   1 
ATOM   224  C CA  . LEU A 1 29 ? -5.09020  -4.23012  0.16362   1.000 7.38460  ? 52  LEU A CA  1 
ATOM   225  C C   . LEU A 1 29 ? -5.98430  -5.10968  1.02774   1.000 8.00717  ? 52  LEU A C   1 
ATOM   226  O O   . LEU A 1 29 ? -7.07363  -5.48708  0.59614   1.000 8.21500  ? 52  LEU A O   1 
ATOM   227  C CB  . LEU A 1 29 ? -4.20106  -5.09825  -0.72827  1.000 6.57625  ? 52  LEU A CB  1 
ATOM   228  C CG  . LEU A 1 29 ? -3.49858  -4.36227  -1.86154  1.000 9.68498  ? 52  LEU A CG  1 
ATOM   229  C CD1 . LEU A 1 29 ? -2.38672  -5.22150  -2.44259  1.000 8.50432  ? 52  LEU A CD1 1 
ATOM   230  C CD2 . LEU A 1 29 ? -4.50564  -3.97799  -2.93318  1.000 11.65446 ? 52  LEU A CD2 1 
ATOM   231  N N   . GLU A 1 30 ? -5.53600  -5.44761  2.24373   1.000 8.97325  ? 53  GLU A N   1 
ATOM   232  C CA  . GLU A 1 30 ? -6.40453  -6.17391  3.17166   1.000 6.41962  ? 53  GLU A CA  1 
ATOM   233  C C   . GLU A 1 30 ? -7.56829  -5.30718  3.62281   1.000 6.68876  ? 53  GLU A C   1 
ATOM   234  O O   . GLU A 1 30 ? -8.69588  -5.79837  3.79593   1.000 10.82224 ? 53  GLU A O   1 
ATOM   235  C CB  . GLU A 1 30 ? -5.60071  -6.63033  4.38191   1.000 10.36937 ? 53  GLU A CB  1 
ATOM   236  C CG  . GLU A 1 30 ? -4.62712  -7.74089  4.08780   1.000 14.03816 ? 53  GLU A CG  1 
ATOM   237  C CD  . GLU A 1 30 ? -3.80612  -8.11328  5.31534   1.000 23.53351 ? 53  GLU A CD  1 
ATOM   238  O OE1 . GLU A 1 30 ? -3.69588  -7.27456  6.24433   1.000 24.98221 ? 53  GLU A OE1 1 
ATOM   239  O OE2 . GLU A 1 30 ? -3.27096  -9.24379  5.35064   1.000 29.56579 ? 53  GLU A OE2 1 
ATOM   240  N N   . THR A 1 31 ? -7.31456  -4.01717  3.83473   1.000 8.45881  ? 54  THR A N   1 
ATOM   241  C CA  . THR A 1 31 ? -8.40039  -3.09761  4.15530   1.000 7.93478  ? 54  THR A CA  1 
ATOM   242  C C   . THR A 1 31 ? -9.40474  -3.03766  3.00836   1.000 6.52432  ? 54  THR A C   1 
ATOM   243  O O   . THR A 1 31 ? -10.61545 -3.11232  3.23095   1.000 8.46101  ? 54  THR A O   1 
ATOM   244  C CB  . THR A 1 31 ? -7.83573  -1.71331  4.46203   1.000 11.52961 ? 54  THR A CB  1 
ATOM   245  O OG1 . THR A 1 31 ? -6.95870  -1.79570  5.59832   1.000 10.76538 ? 54  THR A OG1 1 
ATOM   246  C CG2 . THR A 1 31 ? -8.95860  -0.73352  4.76837   1.000 11.10668 ? 54  THR A CG2 1 
ATOM   247  N N   . GLU A 1 32 ? -8.90791  -2.93381  1.76620   1.000 7.43154  ? 55  GLU A N   1 
ATOM   248  C CA  . GLU A 1 32 ? -9.79611  -2.94362  0.60353   1.000 8.12399  ? 55  GLU A CA  1 
ATOM   249  C C   . GLU A 1 32 ? -10.56181 -4.25627  0.52380   1.000 7.50823  ? 55  GLU A C   1 
ATOM   250  O O   . GLU A 1 32 ? -11.74994 -4.27737  0.19294   1.000 8.68875  ? 55  GLU A O   1 
ATOM   251  C CB  . GLU A 1 32 ? -8.98358  -2.71848  -0.67546  1.000 8.34553  ? 55  GLU A CB  1 
ATOM   252  C CG  . GLU A 1 32 ? -9.76884  -2.87881  -1.99653  1.000 8.50341  ? 55  GLU A CG  1 
ATOM   253  C CD  . GLU A 1 32 ? -10.69806 -1.70459  -2.34059  1.000 14.07364 ? 55  GLU A CD  1 
ATOM   254  O OE1 . GLU A 1 32 ? -10.66538 -0.64139  -1.68283  1.000 11.32249 ? 55  GLU A OE1 1 
ATOM   255  O OE2 . GLU A 1 32 ? -11.48937 -1.86475  -3.28767  1.000 13.18783 ? 55  GLU A OE2 1 
ATOM   256  N N   . ASN A 1 33 ? -9.88481  -5.36419  0.80508   1.000 8.37349  ? 56  ASN A N   1 
ATOM   257  C CA  . ASN A 1 33 ? -10.53626 -6.66722  0.75215   1.000 8.08248  ? 56  ASN A CA  1 
ATOM   258  C C   . ASN A 1 33 ? -11.66074 -6.75374  1.77551   1.000 8.17494  ? 56  ASN A C   1 
ATOM   259  O O   . ASN A 1 33 ? -12.74649 -7.27188  1.47967   1.000 8.71841  ? 56  ASN A O   1 
ATOM   260  C CB  . ASN A 1 33 ? -9.48292  -7.74914  0.98616   1.000 8.19619  ? 56  ASN A CB  1 
ATOM   261  C CG  . ASN A 1 33 ? -10.04459 -9.15299  0.85622   1.000 10.51281 ? 56  ASN A CG  1 
ATOM   262  O OD1 . ASN A 1 33 ? -10.44335 -9.76758  1.85002   1.000 13.86325 ? 56  ASN A OD1 1 
ATOM   263  N ND2 . ASN A 1 33 ? -10.08252 -9.66296  -0.36818  1.000 11.27082 ? 56  ASN A ND2 1 
ATOM   264  N N   . ALA A 1 34 ? -11.42808 -6.21785  2.97374   1.000 7.27769  ? 57  ALA A N   1 
ATOM   265  C CA  . ALA A 1 34 ? -12.46963 -6.21823  3.99669   1.000 9.89857  ? 57  ALA A CA  1 
ATOM   266  C C   . ALA A 1 34 ? -13.65997 -5.37709  3.56170   1.000 8.89665  ? 57  ALA A C   1 
ATOM   267  O O   . ALA A 1 34 ? -14.81934 -5.77558  3.74951   1.000 9.93024  ? 57  ALA A O   1 
ATOM   268  C CB  . ALA A 1 34 ? -11.89862 -5.72058  5.32628   1.000 10.15364 ? 57  ALA A CB  1 
ATOM   269  N N   . GLY A 1 35 ? -13.39877 -4.22176  2.95290   1.000 8.37832  ? 58  GLY A N   1 
ATOM   270  C CA  . GLY A 1 35 ? -14.49267 -3.38203  2.48461   1.000 8.15047  ? 58  GLY A CA  1 
ATOM   271  C C   . GLY A 1 35 ? -15.29501 -4.03407  1.37721   1.000 9.11718  ? 58  GLY A C   1 
ATOM   272  O O   . GLY A 1 35 ? -16.51773 -3.87060  1.30197   1.000 8.63004  ? 58  GLY A O   1 
ATOM   273  N N   . LEU A 1 36 ? -14.62097 -4.75877  0.48576   1.000 7.79953  ? 59  LEU A N   1 
ATOM   274  C CA  . LEU A 1 36 ? -15.33706 -5.38872  -0.61727  1.000 7.02284  ? 59  LEU A CA  1 
ATOM   275  C C   . LEU A 1 36 ? -16.17958 -6.54425  -0.11344  1.000 8.43495  ? 59  LEU A C   1 
ATOM   276  O O   . LEU A 1 36 ? -17.31319 -6.73119  -0.55592  1.000 9.97086  ? 59  LEU A O   1 
ATOM   277  C CB  . LEU A 1 36 ? -14.34355 -5.86215  -1.67578  1.000 6.57891  ? 59  LEU A CB  1 
ATOM   278  C CG  . LEU A 1 36 ? -13.63901 -4.75292  -2.45018  1.000 8.66692  ? 59  LEU A CG  1 
ATOM   279  C CD1 . LEU A 1 36 ? -12.40627 -5.31810  -3.19099  1.000 10.02279 ? 59  LEU A CD1 1 
ATOM   280  C CD2 . LEU A 1 36 ? -14.59474 -4.04006  -3.39657  1.000 8.48704  ? 59  LEU A CD2 1 
ATOM   281  N N   . ARG A 1 37 ? -15.63825 -7.32932  0.81894   1.000 8.39884  ? 60  ARG A N   1 
ATOM   282  C CA  . ARG A 1 37 ? -16.41020 -8.42781  1.38325   1.000 8.92268  ? 60  ARG A CA  1 
ATOM   283  C C   . ARG A 1 37 ? -17.62567 -7.89920  2.13892   1.000 8.85997  ? 60  ARG A C   1 
ATOM   284  O O   . ARG A 1 37 ? -18.72167 -8.46632  2.04967   1.000 12.00396 ? 60  ARG A O   1 
ATOM   285  C CB  . ARG A 1 37 ? -15.51414 -9.27189  2.29499   1.000 12.06532 ? 60  ARG A CB  1 
ATOM   286  C CG  . ARG A 1 37 ? -14.60579 -10.22864 1.51999   1.000 12.09721 ? 60  ARG A CG  1 
ATOM   287  C CD  . ARG A 1 37 ? -13.57264 -10.94702 2.39954   1.000 19.79827 ? 60  ARG A CD  1 
ATOM   288  N NE  . ARG A 1 37 ? -12.49346 -11.50307 1.58852   1.000 29.35799 ? 60  ARG A NE  1 
ATOM   289  C CZ  . ARG A 1 37 ? -12.61112 -12.53591 0.76090   1.000 33.54590 ? 60  ARG A CZ  1 
ATOM   290  N NH1 . ARG A 1 37 ? -13.73770 -13.22915 0.67161   1.000 32.60108 ? 60  ARG A NH1 1 
ATOM   291  N NH2 . ARG A 1 37 ? -11.57001 -12.88045 -0.00087  1.000 31.32597 ? 60  ARG A NH2 1 
ATOM   292  N N   . LEU A 1 38 ? -17.43787 -6.82866  2.91502   1.000 10.13890 ? 61  LEU A N   1 
ATOM   293  C CA  . LEU A 1 38 ? -18.56191 -6.18069  3.58521   1.000 9.98140  ? 61  LEU A CA  1 
ATOM   294  C C   . LEU A 1 38 ? -19.60710 -5.71303  2.58477   1.000 11.56542 ? 61  LEU A C   1 
ATOM   295  O O   . LEU A 1 38 ? -20.81514 -5.88741  2.80165   1.000 11.08416 ? 61  LEU A O   1 
ATOM   296  C CB  . LEU A 1 38 ? -18.05999 -4.99023  4.40642   1.000 10.62444 ? 61  LEU A CB  1 
ATOM   297  C CG  . LEU A 1 38 ? -19.15249 -4.21854  5.13539   1.000 10.93047 ? 61  LEU A CG  1 
ATOM   298  C CD1 . LEU A 1 38 ? -19.99566 -5.13500  6.02756   1.000 14.88702 ? 61  LEU A CD1 1 
ATOM   299  C CD2 . LEU A 1 38 ? -18.53944 -3.07547  5.94222   1.000 13.50566 ? 61  LEU A CD2 1 
ATOM   300  N N   . ARG A 1 39 ? -19.17026 -5.09938  1.48813   1.000 8.11571  ? 62  ARG A N   1 
ATOM   301  C CA  . ARG A 1 39 ? -20.11881 -4.65798  0.47347   1.000 9.62127  ? 62  ARG A CA  1 
ATOM   302  C C   . ARG A 1 39 ? -20.91495 -5.82686  -0.09349  1.000 11.91311 ? 62  ARG A C   1 
ATOM   303  O O   . ARG A 1 39 ? -22.10488 -5.68817  -0.38381  1.000 11.43230 ? 62  ARG A O   1 
ATOM   304  C CB  . ARG A 1 39 ? -19.40384 -3.91247  -0.65176  1.000 8.78285  ? 62  ARG A CB  1 
ATOM   305  C CG  . ARG A 1 39 ? -20.30650 -3.61822  -1.84557  1.000 11.35200 ? 62  ARG A CG  1 
ATOM   306  C CD  . ARG A 1 39 ? -21.48628 -2.70735  -1.46264  1.000 10.12248 ? 62  ARG A CD  1 
ATOM   307  N NE  . ARG A 1 39 ? -22.34672 -2.42090  -2.60618  1.000 11.11954 ? 62  ARG A NE  1 
ATOM   308  C CZ  . ARG A 1 39 ? -23.21707 -3.27684  -3.12568  1.000 11.76565 ? 62  ARG A CZ  1 
ATOM   309  N NH1 . ARG A 1 39 ? -23.40749 -4.47723  -2.59855  1.000 13.79526 ? 62  ARG A NH1 1 
ATOM   310  N NH2 . ARG A 1 39 ? -23.91233 -2.92298  -4.20239  1.000 15.70230 ? 62  ARG A NH2 1 
ATOM   311  N N   . ILE A 1 40 ? -20.27810 -6.98064  -0.28374  1.000 8.39693  ? 63  ILE A N   1 
ATOM   312  C CA  . ILE A 1 40 ? -21.02827 -8.13659  -0.77126  1.000 11.54109 ? 63  ILE A CA  1 
ATOM   313  C C   . ILE A 1 40 ? -22.05858 -8.57941  0.26200   1.000 11.84548 ? 63  ILE A C   1 
ATOM   314  O O   . ILE A 1 40 ? -23.20476 -8.89897  -0.08178  1.000 14.76917 ? 63  ILE A O   1 
ATOM   315  C CB  . ILE A 1 40 ? -20.07112 -9.27481  -1.15670  1.000 11.01353 ? 63  ILE A CB  1 
ATOM   316  C CG1 . ILE A 1 40 ? -19.36660 -8.89926  -2.45832  1.000 11.13210 ? 63  ILE A CG1 1 
ATOM   317  C CG2 . ILE A 1 40 ? -20.85690 -10.59692 -1.29110  1.000 14.87520 ? 63  ILE A CG2 1 
ATOM   318  C CD1 . ILE A 1 40 ? -18.13822 -9.71314  -2.77021  1.000 13.40332 ? 63  ILE A CD1 1 
ATOM   319  N N   . THR A 1 41 ? -21.68044 -8.58825  1.54196   1.000 9.76254  ? 64  THR A N   1 
ATOM   320  C CA  . THR A 1 41 ? -22.63609 -8.98582  2.57767   1.000 12.19850 ? 64  THR A CA  1 
ATOM   321  C C   . THR A 1 41 ? -23.78999 -7.98974  2.68666   1.000 17.51811 ? 64  THR A C   1 
ATOM   322  O O   . THR A 1 41 ? -24.93578 -8.39032  2.95223   1.000 17.13318 ? 64  THR A O   1 
ATOM   323  C CB  . THR A 1 41 ? -21.92944 -9.14289  3.92617   1.000 17.44635 ? 64  THR A CB  1 
ATOM   324  O OG1 . THR A 1 41 ? -21.38740 -7.88886  4.34429   1.000 22.94945 ? 64  THR A OG1 1 
ATOM   325  C CG2 . THR A 1 41 ? -20.79456 -10.15038 3.83019   1.000 18.66605 ? 64  THR A CG2 1 
ATOM   326  N N   . GLU A 1 42 ? -23.51924 -6.70334  2.48162   1.000 12.52241 ? 65  GLU A N   1 
ATOM   327  C CA  . GLU A 1 42 ? -24.56652 -5.67505  2.52803   1.000 12.90066 ? 65  GLU A CA  1 
ATOM   328  C C   . GLU A 1 42 ? -25.48918 -5.76648  1.31172   1.000 15.16660 ? 65  GLU A C   1 
ATOM   329  O O   . GLU A 1 42 ? -26.68434 -5.51060  1.42083   1.000 23.47200 ? 65  GLU A O   1 
ATOM   330  C CB  . GLU A 1 42 ? -23.94626 -4.27565  2.60723   1.000 11.59707 ? 65  GLU A CB  1 
ATOM   331  C CG  . GLU A 1 42 ? -23.09837 -4.05922  3.85094   1.000 12.74015 ? 65  GLU A CG  1 
ATOM   332  C CD  . GLU A 1 42 ? -22.72733 -2.60144  4.05259   1.000 14.23783 ? 65  GLU A CD  1 
ATOM   333  O OE1 . GLU A 1 42 ? -23.10727 -1.77287  3.19761   1.000 13.57744 ? 65  GLU A OE1 1 
ATOM   334  O OE2 . GLU A 1 42 ? -22.03063 -2.29771  5.04606   1.000 13.95953 ? 65  GLU A OE2 1 
HETATM 335  N N   . NH2 A 1 43 ? -24.93183 -6.12044  0.15423   1.000 17.22154 ? 66  NH2 A N   1 
HETATM 336  H HN1 . NH2 A 1 43 ? -25.50101 -6.19152  -0.68243  1.000 20.66585 ? 66  NH2 A HN1 1 
HETATM 337  H HN2 . NH2 A 1 43 ? -23.93623 -6.31850  0.10811   1.000 20.66585 ? 66  NH2 A HN2 1 
HETATM 338  C C   . ACE B 1 1  ? -29.32796 -10.44867 10.61571  1.000 17.88101 ? 24  ACE B C   1 
HETATM 339  O O   . ACE B 1 1  ? -28.12779 -10.64643 10.56283  1.000 23.77561 ? 24  ACE B O   1 
HETATM 340  C CH3 . ACE B 1 1  ? -30.22514 -11.30120 11.46784  1.000 18.33433 ? 24  ACE B CH3 1 
ATOM   341  N N   . ARG B 1 2  ? -29.90922 -9.47596  9.92448   1.000 20.15601 ? 25  ARG B N   1 
ATOM   342  C CA  . ARG B 1 2  ? -29.13257 -8.59277  9.05718   1.000 17.48064 ? 25  ARG B CA  1 
ATOM   343  C C   . ARG B 1 2  ? -28.16752 -7.72604  9.86676   1.000 17.47776 ? 25  ARG B C   1 
ATOM   344  O O   . ARG B 1 2  ? -28.46215 -7.36348  11.00307  1.000 15.66029 ? 25  ARG B O   1 
ATOM   345  C CB  . ARG B 1 2  ? -30.07280 -7.69973  8.24369   1.000 17.82204 ? 25  ARG B CB  1 
ATOM   346  C CG  . ARG B 1 2  ? -30.77211 -8.40790  7.08329   1.000 22.85437 ? 25  ARG B CG  1 
ATOM   347  C CD  . ARG B 1 2  ? -31.37063 -7.41526  6.09189   1.000 21.62833 ? 25  ARG B CD  1 
ATOM   348  N NE  . ARG B 1 2  ? -32.35514 -6.52994  6.70557   1.000 22.46829 ? 25  ARG B NE  1 
ATOM   349  C CZ  . ARG B 1 2  ? -33.19130 -5.76482  6.01882   1.000 21.10443 ? 25  ARG B CZ  1 
ATOM   350  N NH1 . ARG B 1 2  ? -33.19696 -5.76532  4.69506   1.000 25.34236 ? 25  ARG B NH1 1 
ATOM   351  N NH2 . ARG B 1 2  ? -34.03656 -4.97547  6.67492   1.000 22.23056 ? 25  ARG B NH2 1 
ATOM   352  N N   . ILE B 1 3  ? -27.00865 -7.40339  9.28246   1.000 14.48103 ? 26  ILE B N   1 
ATOM   353  C CA  . ILE B 1 3  ? -26.16400 -6.36647  9.85536   1.000 15.86287 ? 26  ILE B CA  1 
ATOM   354  C C   . ILE B 1 3  ? -26.99863 -5.10962  10.07720  1.000 13.97926 ? 26  ILE B C   1 
ATOM   355  O O   . ILE B 1 3  ? -27.79587 -4.71091  9.21858   1.000 14.12769 ? 26  ILE B O   1 
ATOM   356  C CB  . ILE B 1 3  ? -24.96475 -6.10218  8.92654   1.000 15.85048 ? 26  ILE B CB  1 
ATOM   357  C CG1 . ILE B 1 3  ? -24.00574 -5.09292  9.55347   1.000 13.54997 ? 26  ILE B CG1 1 
ATOM   358  C CG2 . ILE B 1 3  ? -25.45541 -5.62983  7.55753   1.000 18.29740 ? 26  ILE B CG2 1 
ATOM   359  C CD1 . ILE B 1 3  ? -22.77140 -4.82215  8.67220   1.000 18.71531 ? 26  ILE B CD1 1 
ATOM   360  N N   . THR B 1 4  ? -26.83857 -4.49400  11.25094  1.000 12.82521 ? 27  THR B N   1 
ATOM   361  C CA  . THR B 1 4  ? -27.62496 -3.30784  11.54806  1.000 12.65480 ? 27  THR B CA  1 
ATOM   362  C C   . THR B 1 4  ? -27.06350 -2.10446  10.80504  1.000 12.07516 ? 27  THR B C   1 
ATOM   363  O O   . THR B 1 4  ? -25.88214 -2.05991  10.44983  1.000 12.47373 ? 27  THR B O   1 
ATOM   364  C CB  . THR B 1 4  ? -27.63416 -3.01438  13.04162  1.000 15.59815 ? 27  THR B CB  1 
ATOM   365  O OG1 . THR B 1 4  ? -26.33215 -2.55060  13.42934  1.000 15.38116 ? 27  THR B OG1 1 
ATOM   366  C CG2 . THR B 1 4  ? -27.98028 -4.26876  13.80504  1.000 11.89014 ? 27  THR B CG2 1 
ATOM   367  N N   . ARG B 1 5  ? -27.93421 -1.12443  10.55249  1.000 12.85019 ? 28  ARG B N   1 
ATOM   368  C CA  . ARG B 1 5  ? -27.47040 0.08301   9.87270   1.000 11.74204 ? 28  ARG B CA  1 
ATOM   369  C C   . ARG B 1 5  ? -26.44638 0.82504   10.71575  1.000 15.97117 ? 28  ARG B C   1 
ATOM   370  O O   . ARG B 1 5  ? -25.52527 1.43947   10.17110  1.000 12.30573 ? 28  ARG B O   1 
ATOM   371  C CB  . ARG B 1 5  ? -28.65437 0.98467   9.52104   1.000 19.22051 ? 28  ARG B CB  1 
ATOM   372  C CG  . ARG B 1 5  ? -29.70539 0.28942   8.66736   1.000 19.19599 ? 28  ARG B CG  1 
ATOM   373  C CD  . ARG B 1 5  ? -30.42438 1.30244   7.77399   1.000 31.54106 ? 28  ARG B CD  1 
ATOM   374  N NE  . ARG B 1 5  ? -31.45190 2.02846   8.51025   1.000 39.45039 ? 28  ARG B NE  1 
ATOM   375  C CZ  . ARG B 1 5  ? -32.71338 1.63322   8.61676   1.000 42.66682 ? 28  ARG B CZ  1 
ATOM   376  N NH1 . ARG B 1 5  ? -33.14623 0.53514   8.01707   1.000 36.95144 ? 28  ARG B NH1 1 
ATOM   377  N NH2 . ARG B 1 5  ? -33.56264 2.36031   9.33848   1.000 45.49742 ? 28  ARG B NH2 1 
ATOM   378  N N   . LEU B 1 6  ? -26.55138 0.74150   12.04187  1.000 12.84866 ? 29  LEU B N   1 
ATOM   379  C CA  . LEU B 1 6  ? -25.52886 1.37268   12.87506  1.000 15.84055 ? 29  LEU B CA  1 
ATOM   380  C C   . LEU B 1 6  ? -24.17754 0.68066   12.71721  1.000 15.07209 ? 29  LEU B C   1 
ATOM   381  O O   . LEU B 1 6  ? -23.14301 1.35055   12.61331  1.000 15.36048 ? 29  LEU B O   1 
ATOM   382  C CB  . LEU B 1 6  ? -25.96813 1.38946   14.33498  1.000 17.11247 ? 29  LEU B CB  1 
ATOM   383  C CG  . LEU B 1 6  ? -25.01298 2.08029   15.30571  1.000 20.15176 ? 29  LEU B CG  1 
ATOM   384  C CD1 . LEU B 1 6  ? -24.74975 3.50897   14.86196  1.000 18.90050 ? 29  LEU B CD1 1 
ATOM   385  C CD2 . LEU B 1 6  ? -25.65490 2.06536   16.68099  1.000 18.65885 ? 29  LEU B CD2 1 
ATOM   386  N N   . GLN B 1 7  ? -24.15433 -0.65492  12.68444  1.000 14.66487 ? 30  GLN B N   1 
ATOM   387  C CA  . GLN B 1 7  ? -22.89672 -1.35299  12.43284  1.000 13.83523 ? 30  GLN B CA  1 
ATOM   388  C C   . GLN B 1 7  ? -22.35084 -1.02135  11.04754  1.000 12.45405 ? 30  GLN B C   1 
ATOM   389  O O   . GLN B 1 7  ? -21.13236 -0.89449  10.85735  1.000 13.71211 ? 30  GLN B O   1 
ATOM   390  C CB  . GLN B 1 7  ? -23.08925 -2.86115  12.58203  1.000 15.48067 ? 30  GLN B CB  1 
ATOM   391  C CG  . GLN B 1 7  ? -21.86250 -3.68403  12.17851  1.000 18.57145 ? 30  GLN B CG  1 
ATOM   392  C CD  . GLN B 1 7  ? -20.74145 -3.62282  13.19799  1.000 27.50608 ? 30  GLN B CD  1 
ATOM   393  O OE1 . GLN B 1 7  ? -19.95629 -2.67033  13.22501  1.000 28.92467 ? 30  GLN B OE1 1 
ATOM   394  N NE2 . GLN B 1 7  ? -20.65629 -4.64358  14.04123  1.000 25.50308 ? 30  GLN B NE2 1 
ATOM   395  N N   . GLU B 1 8  ? -23.23346 -0.89396  10.05981  1.000 10.25782 ? 31  GLU B N   1 
ATOM   396  C CA  . GLU B 1 8  ? -22.77492 -0.46955  8.74128   1.000 8.76775  ? 31  GLU B CA  1 
ATOM   397  C C   . GLU B 1 8  ? -22.10229 0.88834   8.81983   1.000 11.48140 ? 31  GLU B C   1 
ATOM   398  O O   . GLU B 1 8  ? -21.02559 1.09666   8.24184   1.000 9.46749  ? 31  GLU B O   1 
ATOM   399  C CB  . GLU B 1 8  ? -23.95527 -0.43519  7.76614   1.000 10.61316 ? 31  GLU B CB  1 
ATOM   400  C CG  . GLU B 1 8  ? -24.50849 -1.81805  7.44889   1.000 11.21792 ? 31  GLU B CG  1 
ATOM   401  C CD  . GLU B 1 8  ? -25.59792 -1.78794  6.39186   1.000 10.80119 ? 31  GLU B CD  1 
ATOM   402  O OE1 . GLU B 1 8  ? -26.49654 -0.92891  6.47598   1.000 13.82821 ? 31  GLU B OE1 1 
ATOM   403  O OE2 . GLU B 1 8  ? -25.57862 -2.66239  5.49465   1.000 16.17379 ? 31  GLU B OE2 1 
ATOM   404  N N   . LYS B 1 9  ? -22.70903 1.81704   9.55830   1.000 10.15507 ? 32  LYS B N   1 
ATOM   405  C CA  . LYS B 1 9  ? -22.13673 3.15087   9.67420   1.000 8.19419  ? 32  LYS B CA  1 
ATOM   406  C C   . LYS B 1 9  ? -20.79350 3.10866   10.39385  1.000 9.33428  ? 32  LYS B C   1 
ATOM   407  O O   . LYS B 1 9  ? -19.84390 3.79412   9.99244   1.000 9.27276  ? 32  LYS B O   1 
ATOM   408  C CB  . LYS B 1 9  ? -23.12630 4.08149   10.38098  1.000 10.58227 ? 32  LYS B CB  1 
ATOM   409  C CG  . LYS B 1 9  ? -22.49360 5.37228   10.87950  1.000 13.65322 ? 32  LYS B CG  1 
ATOM   410  C CD  . LYS B 1 9  ? -23.46863 6.21618   11.68981  1.000 12.86485 ? 32  LYS B CD  1 
ATOM   411  C CE  . LYS B 1 9  ? -23.02173 7.67661   11.73684  1.000 17.85174 ? 32  LYS B CE  1 
ATOM   412  N NZ  . LYS B 1 9  ? -24.00317 8.50541   12.51127  1.000 25.95904 ? 32  LYS B NZ  1 
ATOM   413  N N   . GLU B 1 10 ? -20.67171 2.28389   11.43512  1.000 9.03786  ? 33  GLU B N   1 
ATOM   414  C CA  . GLU B 1 10 ? -19.39829 2.21783   12.13818  1.000 8.06293  ? 33  GLU B CA  1 
ATOM   415  C C   . GLU B 1 10 ? -18.32726 1.54881   11.27835  1.000 10.67203 ? 33  GLU B C   1 
ATOM   416  O O   . GLU B 1 10 ? -17.15884 1.94755   11.31245  1.000 10.55980 ? 33  GLU B O   1 
ATOM   417  C CB  . GLU B 1 10 ? -19.56493 1.49567   13.47419  1.000 11.10670 ? 33  GLU B CB  1 
ATOM   418  C CG  . GLU B 1 10 ? -20.42681 2.28424   14.45281  1.000 13.00247 ? 33  GLU B CG  1 
ATOM   419  C CD  . GLU B 1 10 ? -20.35714 1.76972   15.88359  1.000 23.38129 ? 33  GLU B CD  1 
ATOM   420  O OE1 . GLU B 1 10 ? -19.39014 1.07051   16.23547  1.000 26.06973 ? 33  GLU B OE1 1 
ATOM   421  O OE2 . GLU B 1 10 ? -21.29746 2.05824   16.65656  1.000 26.34826 ? 33  GLU B OE2 1 
ATOM   422  N N   . ASP B 1 11 ? -18.70289 0.52571   10.49872  1.000 9.28632  ? 34  ASP B N   1 
ATOM   423  C CA  . ASP B 1 11 ? -17.76388 -0.03478  9.53325   1.000 10.13854 ? 34  ASP B CA  1 
ATOM   424  C C   . ASP B 1 11 ? -17.30007 1.02237   8.53485   1.000 9.15622  ? 34  ASP B C   1 
ATOM   425  O O   . ASP B 1 11 ? -16.11512 1.07670   8.16061   1.000 9.85586  ? 34  ASP B O   1 
ATOM   426  C CB  . ASP B 1 11 ? -18.42895 -1.18723  8.78208   1.000 10.28795 ? 34  ASP B CB  1 
ATOM   427  C CG  . ASP B 1 11 ? -18.65995 -2.38265  9.64331   1.000 15.02522 ? 34  ASP B CG  1 
ATOM   428  O OD1 . ASP B 1 11 ? -18.10070 -2.43374  10.75906  1.000 18.30503 ? 34  ASP B OD1 1 
ATOM   429  O OD2 . ASP B 1 11 ? -19.41097 -3.27480  9.19609   1.000 16.44871 ? 34  ASP B OD2 1 
ATOM   430  N N   . LEU B 1 12 ? -18.23325 1.82810   8.04339   1.000 8.37803  ? 35  LEU B N   1 
ATOM   431  C CA  . LEU B 1 12 ? -17.87940 2.86205   7.08226   1.000 7.36792  ? 35  LEU B CA  1 
ATOM   432  C C   . LEU B 1 12 ? -16.93669 3.87250   7.71566   1.000 9.74351  ? 35  LEU B C   1 
ATOM   433  O O   . LEU B 1 12 ? -15.97352 4.32538   7.08260   1.000 10.43828 ? 35  LEU B O   1 
ATOM   434  C CB  . LEU B 1 12 ? -19.15364 3.54171   6.58890   1.000 13.50197 ? 35  LEU B CB  1 
ATOM   435  C CG  . LEU B 1 12 ? -19.06865 4.33104   5.29537   1.000 16.62134 ? 35  LEU B CG  1 
ATOM   436  C CD1 . LEU B 1 12 ? -19.03216 3.36327   4.13057   1.000 14.84242 ? 35  LEU B CD1 1 
ATOM   437  C CD2 . LEU B 1 12 ? -20.27107 5.25359   5.20865   1.000 18.52780 ? 35  LEU B CD2 1 
ATOM   438  N N   . GLN B 1 13 ? -17.18644 4.22076   8.98630   1.000 8.22966  ? 36  GLN B N   1 
ATOM   439  C CA  . GLN B 1 13 ? -16.29692 5.14590   9.67890   1.000 8.10053  ? 36  GLN B CA  1 
ATOM   440  C C   . GLN B 1 13 ? -14.90388 4.55760   9.84346   1.000 9.02079  ? 36  GLN B C   1 
ATOM   441  O O   . GLN B 1 13 ? -13.90721 5.26541   9.65926   1.000 9.18740  ? 36  GLN B O   1 
ATOM   442  C CB  . GLN B 1 13 ? -16.88449 5.53294   11.04189  1.000 10.14708 ? 36  GLN B CB  1 
ATOM   443  C CG  . GLN B 1 13 ? -18.06171 6.49490   10.92157  1.000 8.56608  ? 36  GLN B CG  1 
ATOM   444  C CD  . GLN B 1 13 ? -18.76445 6.74298   12.24244  1.000 8.25024  ? 36  GLN B CD  1 
ATOM   445  O OE1 . GLN B 1 13 ? -19.03362 5.80715   12.99624  1.000 11.39282 ? 36  GLN B OE1 1 
ATOM   446  N NE2 . GLN B 1 13 ? -19.07700 8.00248   12.52176  1.000 9.33181  ? 36  GLN B NE2 1 
ATOM   447  N N   . GLU B 1 14 ? -14.81258 3.27579   10.21191  1.000 8.54036  ? 37  GLU B N   1 
ATOM   448  C CA  . GLU B 1 14 ? -13.50394 2.63285   10.32374  1.000 7.66315  ? 37  GLU B CA  1 
ATOM   449  C C   . GLU B 1 14 ? -12.75686 2.66644   8.99896   1.000 9.21314  ? 37  GLU B C   1 
ATOM   450  O O   . GLU B 1 14 ? -11.54861 2.93461   8.95803   1.000 8.38896  ? 37  GLU B O   1 
ATOM   451  C CB  . GLU B 1 14 ? -13.66039 1.18366   10.79404  1.000 11.37859 ? 37  GLU B CB  1 
ATOM   452  C CG  . GLU B 1 14 ? -14.33649 0.99471   12.11818  1.000 18.51498 ? 37  GLU B CG  1 
ATOM   453  C CD  . GLU B 1 14 ? -14.40396 -0.47728  12.50075  1.000 26.94210 ? 37  GLU B CD  1 
ATOM   454  O OE1 . GLU B 1 14 ? -14.19108 -0.80065  13.68732  1.000 29.83287 ? 37  GLU B OE1 1 
ATOM   455  O OE2 . GLU B 1 14 ? -14.69247 -1.30844  11.60996  1.000 26.54363 ? 37  GLU B OE2 1 
ATOM   456  N N   . LEU B 1 15 ? -13.44859 2.34643   7.90290   1.000 8.83190  ? 38  LEU B N   1 
ATOM   457  C CA  . LEU B 1 15 ? -12.79576 2.34895   6.59513   1.000 7.55616  ? 38  LEU B CA  1 
ATOM   458  C C   . LEU B 1 15 ? -12.36663 3.75614   6.20443   1.000 9.17396  ? 38  LEU B C   1 
ATOM   459  O O   . LEU B 1 15 ? -11.28883 3.94737   5.62258   1.000 9.62321  ? 38  LEU B O   1 
ATOM   460  C CB  . LEU B 1 15 ? -13.73124 1.74946   5.53601   1.000 8.90168  ? 38  LEU B CB  1 
ATOM   461  C CG  . LEU B 1 15 ? -13.92527 0.22828   5.56407   1.000 12.20345 ? 38  LEU B CG  1 
ATOM   462  C CD1 . LEU B 1 15 ? -15.14667 -0.16555  4.74898   1.000 12.72152 ? 38  LEU B CD1 1 
ATOM   463  C CD2 . LEU B 1 15 ? -12.70641 -0.49092  5.03363   1.000 14.79563 ? 38  LEU B CD2 1 
ATOM   464  N N   . ASN B 1 16 ? -13.19441 4.75753   6.52060   1.000 7.47126  ? 39  ASN B N   1 
ATOM   465  C CA  . ASN B 1 16 ? -12.82976 6.13604   6.20696   1.000 9.16246  ? 39  ASN B CA  1 
ATOM   466  C C   . ASN B 1 16 ? -11.63185 6.58699   7.02890   1.000 11.85634 ? 39  ASN B C   1 
ATOM   467  O O   . ASN B 1 16 ? -10.79365 7.35554   6.53527   1.000 10.17628 ? 39  ASN B O   1 
ATOM   468  C CB  . ASN B 1 16 ? -14.01814 7.06503   6.44904   1.000 10.23415 ? 39  ASN B CB  1 
ATOM   469  C CG  . ASN B 1 16 ? -13.91765 8.35392   5.64698   1.000 12.07287 ? 39  ASN B CG  1 
ATOM   470  O OD1 . ASN B 1 16 ? -13.39278 8.36982   4.53104   1.000 14.11627 ? 39  ASN B OD1 1 
ATOM   471  N ND2 . ASN B 1 16 ? -14.41666 9.43261   6.21460   1.000 12.36216 ? 39  ASN B ND2 1 
ATOM   472  N N   . ASP B 1 17 ? -11.52141 6.10642   8.27083   1.000 9.47653  ? 40  ASP B N   1 
ATOM   473  C CA  . ASP B 1 17 ? -10.34887 6.42098   9.07985   1.000 9.76554  ? 40  ASP B CA  1 
ATOM   474  C C   . ASP B 1 17 ? -9.09057  5.78381   8.50578   1.000 9.79765  ? 40  ASP B C   1 
ATOM   475  O O   . ASP B 1 17 ? -7.99040  6.34759   8.62426   1.000 13.27505 ? 40  ASP B O   1 
ATOM   476  C CB  . ASP B 1 17 ? -10.54761 5.94931   10.51672  1.000 9.56307  ? 40  ASP B CB  1 
ATOM   477  C CG  . ASP B 1 17 ? -11.68072 6.66040   11.21180  1.000 13.28681 ? 40  ASP B CG  1 
ATOM   478  O OD1 . ASP B 1 17 ? -12.13774 7.71463   10.70167  1.000 11.67217 ? 40  ASP B OD1 1 
ATOM   479  O OD2 . ASP B 1 17 ? -12.12185 6.14292   12.26313  1.000 13.77702 ? 40  ASP B OD2 1 
ATOM   480  N N   . ARG B 1 18 ? -9.22046  4.60059   7.90150   1.000 9.51396  ? 41  ARG B N   1 
ATOM   481  C CA  . ARG B 1 18 ? -8.09199  4.03418   7.17656   1.000 10.68970 ? 41  ARG B CA  1 
ATOM   482  C C   . ARG B 1 18 ? -7.76526  4.87400   5.94968   1.000 13.90210 ? 41  ARG B C   1 
ATOM   483  O O   . ARG B 1 18 ? -6.59287  5.12648   5.65844   1.000 12.64718 ? 41  ARG B O   1 
ATOM   484  C CB  . ARG B 1 18 ? -8.39722  2.59055   6.77951   1.000 11.63827 ? 41  ARG B CB  1 
ATOM   485  C CG  . ARG B 1 18 ? -8.48189  1.64393   7.96382   1.000 17.68338 ? 41  ARG B CG  1 
ATOM   486  C CD  . ARG B 1 18 ? -7.10761  1.13124   8.35323   1.000 26.93142 ? 41  ARG B CD  1 
ATOM   487  N NE  . ARG B 1 18 ? -7.14968  0.35686   9.58671   1.000 37.38624 ? 41  ARG B NE  1 
ATOM   488  C CZ  . ARG B 1 18 ? -7.56671  -0.89948  9.65556   1.000 38.79340 ? 41  ARG B CZ  1 
ATOM   489  N NH1 . ARG B 1 18 ? -8.01552  -1.53691  8.58562   1.000 38.41998 ? 41  ARG B NH1 1 
ATOM   490  N NH2 . ARG B 1 18 ? -7.52957  -1.53360  10.82452  1.000 47.85490 ? 41  ARG B NH2 1 
ATOM   491  N N   . LEU B 1 19 ? -8.78831  5.31165   5.21449   1.000 9.84871  ? 42  LEU B N   1 
ATOM   492  C CA  . LEU B 1 19 ? -8.53914  6.16446   4.05258   1.000 11.07419 ? 42  LEU B CA  1 
ATOM   493  C C   . LEU B 1 19 ? -7.76926  7.41937   4.44316   1.000 13.00595 ? 42  LEU B C   1 
ATOM   494  O O   . LEU B 1 19 ? -6.89146  7.87324   3.69930   1.000 14.12006 ? 42  LEU B O   1 
ATOM   495  C CB  . LEU B 1 19 ? -9.85273  6.54257   3.37148   1.000 12.83127 ? 42  LEU B CB  1 
ATOM   496  C CG  . LEU B 1 19 ? -9.70212  7.43409   2.13434   1.000 14.48825 ? 42  LEU B CG  1 
ATOM   497  C CD1 . LEU B 1 19 ? -8.96435  6.68163   1.03668   1.000 15.62528 ? 42  LEU B CD1 1 
ATOM   498  C CD2 . LEU B 1 19 ? -11.06715 7.88752   1.64227   1.000 17.33617 ? 42  LEU B CD2 1 
ATOM   499  N N   . ALA B 1 20 ? -8.06930  7.98517   5.61531   1.000 11.16380 ? 43  ALA B N   1 
ATOM   500  C CA  . ALA B 1 20 ? -7.33869  9.16087   6.08494   1.000 12.89281 ? 43  ALA B CA  1 
ATOM   501  C C   . ALA B 1 20 ? -5.83425  8.90864   6.15700   1.000 14.18383 ? 43  ALA B C   1 
ATOM   502  O O   . ALA B 1 20 ? -5.03975  9.81209   5.86565   1.000 15.75113 ? 43  ALA B O   1 
ATOM   503  C CB  . ALA B 1 20 ? -7.87440  9.58754   7.45029   1.000 17.01689 ? 43  ALA B CB  1 
ATOM   504  N N   . VAL B 1 21 ? -5.42692  7.69149   6.52187   1.000 11.84258 ? 44  VAL B N   1 
ATOM   505  C CA  . VAL B 1 21 ? -4.00797  7.34250   6.57748   1.000 12.44941 ? 44  VAL B CA  1 
ATOM   506  C C   . VAL B 1 21 ? -3.38886  7.38799   5.18630   1.000 15.24644 ? 44  VAL B C   1 
ATOM   507  O O   . VAL B 1 21 ? -2.27803  7.90467   5.00466   1.000 14.71829 ? 44  VAL B O   1 
ATOM   508  C CB  . VAL B 1 21 ? -3.82059  5.95658   7.22466   1.000 17.29354 ? 44  VAL B CB  1 
ATOM   509  C CG1 . VAL B 1 21 ? -2.39178  5.41822   6.99761   1.000 14.56530 ? 44  VAL B CG1 1 
ATOM   510  C CG2 . VAL B 1 21 ? -4.16039  6.00163   8.70291   1.000 18.58317 ? 44  VAL B CG2 1 
ATOM   511  N N   . TYR B 1 22 ? -4.08365  6.84176   4.18174   1.000 13.22215 ? 45  TYR B N   1 
ATOM   512  C CA  . TYR B 1 22 ? -3.53200  6.85974   2.82321   1.000 10.53712 ? 45  TYR B CA  1 
ATOM   513  C C   . TYR B 1 22 ? -3.56860  8.25851   2.22026   1.000 14.03126 ? 45  TYR B C   1 
ATOM   514  O O   . TYR B 1 22 ? -2.69556  8.61069   1.41331   1.000 15.15414 ? 45  TYR B O   1 
ATOM   515  C CB  . TYR B 1 22 ? -4.26543  5.85781   1.91946   1.000 12.37978 ? 45  TYR B CB  1 
ATOM   516  C CG  . TYR B 1 22 ? -4.63544  4.55034   2.59722   1.000 16.13580 ? 45  TYR B CG  1 
ATOM   517  C CD1 . TYR B 1 22 ? -5.80226  3.87301   2.25647   1.000 17.11943 ? 45  TYR B CD1 1 
ATOM   518  C CD2 . TYR B 1 22 ? -3.80128  3.97570   3.53685   1.000 21.29707 ? 45  TYR B CD2 1 
ATOM   519  C CE1 . TYR B 1 22 ? -6.13484  2.67749   2.86541   1.000 16.97946 ? 45  TYR B CE1 1 
ATOM   520  C CE2 . TYR B 1 22 ? -4.12164  2.78002   4.14254   1.000 19.63718 ? 45  TYR B CE2 1 
ATOM   521  C CZ  . TYR B 1 22 ? -5.28434  2.13909   3.80891   1.000 17.61774 ? 45  TYR B CZ  1 
ATOM   522  O OH  . TYR B 1 22 ? -5.59414  0.94824   4.42501   1.000 21.63803 ? 45  TYR B OH  1 
ATOM   523  N N   . ILE B 1 23 ? -4.53901  9.08003   2.61331   1.000 11.83074 ? 46  ILE B N   1 
ATOM   524  C CA  . ILE B 1 23 ? -4.50960  10.48326  2.20831   1.000 14.10644 ? 46  ILE B CA  1 
ATOM   525  C C   . ILE B 1 23 ? -3.29192  11.18592  2.79737   1.000 16.88553 ? 46  ILE B C   1 
ATOM   526  O O   . ILE B 1 23 ? -2.61018  11.96118  2.11121   1.000 15.53523 ? 46  ILE B O   1 
ATOM   527  C CB  . ILE B 1 23 ? -5.81783  11.18005  2.61599   1.000 15.81567 ? 46  ILE B CB  1 
ATOM   528  C CG1 . ILE B 1 23 ? -6.95456  10.67825  1.72896   1.000 14.06806 ? 46  ILE B CG1 1 
ATOM   529  C CG2 . ILE B 1 23 ? -5.64315  12.70457  2.53823   1.000 15.52403 ? 46  ILE B CG2 1 
ATOM   530  C CD1 . ILE B 1 23 ? -8.34995  11.07761  2.19930   1.000 13.87075 ? 46  ILE B CD1 1 
ATOM   531  N N   . ASP B 1 24 ? -2.99863  10.93499  4.07472   1.000 13.72892 ? 47  ASP B N   1 
ATOM   532  C CA  . ASP B 1 24 ? -1.80697  11.52479  4.67641   1.000 16.70189 ? 47  ASP B CA  1 
ATOM   533  C C   . ASP B 1 24 ? -0.54591  11.04233  3.97194   1.000 19.39685 ? 47  ASP B C   1 
ATOM   534  O O   . ASP B 1 24 ? 0.39762   11.81501  3.75996   1.000 16.00465 ? 47  ASP B O   1 
ATOM   535  C CB  . ASP B 1 24 ? -1.73924  11.19130  6.16465   1.000 20.83104 ? 47  ASP B CB  1 
ATOM   536  C CG  . ASP B 1 24 ? -2.85548  11.84575  6.96821   1.000 21.19958 ? 47  ASP B CG  1 
ATOM   537  O OD1 . ASP B 1 24 ? -3.41090  12.87530  6.52462   1.000 26.57733 ? 47  ASP B OD1 1 
ATOM   538  O OD2 . ASP B 1 24 ? -3.17192  11.32311  8.06056   1.000 25.92912 ? 47  ASP B OD2 1 
ATOM   539  N N   . ARG B 1 25 ? -0.50626  9.75910   3.61705   1.000 14.04452 ? 48  ARG B N   1 
ATOM   540  C CA  . ARG B 1 25 ? 0.65642   9.22184   2.92257   1.000 12.29029 ? 48  ARG B CA  1 
ATOM   541  C C   . ARG B 1 25 ? 0.83431   9.87190   1.56125   1.000 13.11811 ? 48  ARG B C   1 
ATOM   542  O O   . ARG B 1 25 ? 1.96458   10.17339  1.15471   1.000 13.02625 ? 48  ARG B O   1 
ATOM   543  C CB  . ARG B 1 25 ? 0.52056   7.71350   2.75149   1.000 16.30002 ? 48  ARG B CB  1 
ATOM   544  C CG  . ARG B 1 25 ? 0.71349   6.92143   4.01659   1.000 18.67530 ? 48  ARG B CG  1 
ATOM   545  C CD  . ARG B 1 25 ? 0.95404   5.45687   3.68599   1.000 23.21404 ? 48  ARG B CD  1 
ATOM   546  N NE  . ARG B 1 25 ? 1.11552   4.67762   4.90307   1.000 25.75529 ? 48  ARG B NE  1 
ATOM   547  C CZ  . ARG B 1 25 ? 0.63903   3.45377   5.07679   1.000 23.56386 ? 48  ARG B CZ  1 
ATOM   548  N NH1 . ARG B 1 25 ? 0.00489   2.81505   4.10714   1.000 21.12669 ? 48  ARG B NH1 1 
ATOM   549  N NH2 . ARG B 1 25 ? 0.79938   2.85818   6.25451   1.000 29.88641 ? 48  ARG B NH2 1 
ATOM   550  N N   . VAL B 1 26 ? -0.26058  10.02405  0.81039   1.000 10.59037 ? 49  VAL B N   1 
ATOM   551  C CA  . VAL B 1 26 ? -0.19530  10.67839  -0.49341  1.000 10.54391 ? 49  VAL B CA  1 
ATOM   552  C C   . VAL B 1 26 ? 0.34065   12.09064  -0.33645  1.000 13.90085 ? 49  VAL B C   1 
ATOM   553  O O   . VAL B 1 26 ? 1.26036   12.51319  -1.04663  1.000 14.41017 ? 49  VAL B O   1 
ATOM   554  C CB  . VAL B 1 26 ? -1.58267  10.67527  -1.16218  1.000 13.20895 ? 49  VAL B CB  1 
ATOM   555  C CG1 . VAL B 1 26 ? -1.64430  11.69349  -2.29420  1.000 12.87340 ? 49  VAL B CG1 1 
ATOM   556  C CG2 . VAL B 1 26 ? -1.90774  9.28593   -1.66872  1.000 15.52274 ? 49  VAL B CG2 1 
ATOM   557  N N   . ARG B 1 27 ? -0.22024  12.83968  0.61170   1.000 13.94004 ? 50  ARG B N   1 
ATOM   558  C CA  . ARG B 1 27 ? 0.21866   14.21759  0.81096   1.000 16.09965 ? 50  ARG B CA  1 
ATOM   559  C C   . ARG B 1 27 ? 1.69270   14.28021  1.18617   1.000 15.36135 ? 50  ARG B C   1 
ATOM   560  O O   . ARG B 1 27 ? 2.43301   15.13645  0.68152   1.000 22.03343 ? 50  ARG B O   1 
ATOM   561  C CB  . ARG B 1 27 ? -0.64470  14.88846  1.87877   1.000 18.08812 ? 50  ARG B CB  1 
ATOM   562  C CG  . ARG B 1 27 ? 0.00276   16.08676  2.54990   1.000 27.54187 ? 50  ARG B CG  1 
ATOM   563  C CD  . ARG B 1 27 ? -0.96171  16.72569  3.53856   1.000 26.47389 ? 50  ARG B CD  1 
ATOM   564  N NE  . ARG B 1 27 ? -0.65444  16.31252  4.90237   1.000 28.28437 ? 50  ARG B NE  1 
ATOM   565  C CZ  . ARG B 1 27 ? -1.41839  15.49493  5.61459   1.000 26.67430 ? 50  ARG B CZ  1 
ATOM   566  N NH1 . ARG B 1 27 ? -2.55704  15.01657  5.13181   1.000 20.81843 ? 50  ARG B NH1 1 
ATOM   567  N NH2 . ARG B 1 27 ? -1.03047  15.14674  6.83955   1.000 30.00491 ? 50  ARG B NH2 1 
ATOM   568  N N   . SER B 1 28 ? 2.13998   13.39010  2.07432   1.000 15.64407 ? 51  SER B N   1 
ATOM   569  C CA  . SER B 1 28 ? 3.55114   13.33439  2.43440   1.000 17.01929 ? 51  SER B CA  1 
ATOM   570  C C   . SER B 1 28 ? 4.40518   13.03839  1.21065   1.000 15.40673 ? 51  SER B C   1 
ATOM   571  O O   . SER B 1 28 ? 5.44237   13.67558  0.99232   1.000 16.08931 ? 51  SER B O   1 
ATOM   572  C CB  . SER B 1 28 ? 3.77854   12.27259  3.50853   1.000 22.72929 ? 51  SER B CB  1 
ATOM   573  O OG  . SER B 1 28 ? 3.56366   12.80071  4.80026   1.000 31.83211 ? 51  SER B OG  1 
ATOM   574  N N   . LEU B 1 29 ? 3.97431   12.07548  0.38605   1.000 13.91233 ? 52  LEU B N   1 
ATOM   575  C CA  . LEU B 1 29 ? 4.77669   11.74579  -0.78484  1.000 13.07702 ? 52  LEU B CA  1 
ATOM   576  C C   . LEU B 1 29 ? 4.77401   12.89253  -1.78202  1.000 10.33801 ? 52  LEU B C   1 
ATOM   577  O O   . LEU B 1 29 ? 5.79697   13.15699  -2.43039  1.000 12.42530 ? 52  LEU B O   1 
ATOM   578  C CB  . LEU B 1 29 ? 4.27835   10.45413  -1.43391  1.000 10.94554 ? 52  LEU B CB  1 
ATOM   579  C CG  . LEU B 1 29 ? 4.76551   9.17188   -0.74383  1.000 9.22852  ? 52  LEU B CG  1 
ATOM   580  C CD1 . LEU B 1 29 ? 3.81327   7.99251   -0.99641  1.000 11.97494 ? 52  LEU B CD1 1 
ATOM   581  C CD2 . LEU B 1 29 ? 6.16892   8.81244   -1.16802  1.000 14.35117 ? 52  LEU B CD2 1 
ATOM   582  N N   . GLU B 1 30 ? 3.64280   13.58521  -1.92458  1.000 12.75911 ? 53  GLU B N   1 
ATOM   583  C CA  . GLU B 1 30 ? 3.60320   14.71373  -2.84852  1.000 15.19650 ? 53  GLU B CA  1 
ATOM   584  C C   . GLU B 1 30 ? 4.49743   15.84376  -2.34952  1.000 13.19641 ? 53  GLU B C   1 
ATOM   585  O O   . GLU B 1 30 ? 5.16936   16.50850  -3.14654  1.000 13.64678 ? 53  GLU B O   1 
ATOM   586  C CB  . GLU B 1 30 ? 2.16215   15.18881  -3.04832  1.000 16.18792 ? 53  GLU B CB  1 
ATOM   587  C CG  . GLU B 1 30 ? 1.37507   14.30050  -4.01363  1.000 16.16004 ? 53  GLU B CG  1 
ATOM   588  C CD  . GLU B 1 30 ? -0.11058  14.58922  -4.02104  1.000 22.60224 ? 53  GLU B CD  1 
ATOM   589  O OE1 . GLU B 1 30 ? -0.57309  15.37286  -3.16027  1.000 25.61025 ? 53  GLU B OE1 1 
ATOM   590  O OE2 . GLU B 1 30 ? -0.81644  14.02629  -4.88718  1.000 27.58384 ? 53  GLU B OE2 1 
ATOM   591  N N   . THR B 1 31 ? 4.53072   16.05884  -1.03137  1.000 12.74220 ? 54  THR B N   1 
ATOM   592  C CA  . THR B 1 31 ? 5.41821   17.07160  -0.46108  1.000 16.09263 ? 54  THR B CA  1 
ATOM   593  C C   . THR B 1 31 ? 6.87986   16.73617  -0.72938  1.000 18.41614 ? 54  THR B C   1 
ATOM   594  O O   . THR B 1 31 ? 7.67106   17.60709  -1.12444  1.000 18.05311 ? 54  THR B O   1 
ATOM   595  C CB  . THR B 1 31 ? 5.16989   17.19830  1.04455   1.000 19.62478 ? 54  THR B CB  1 
ATOM   596  O OG1 . THR B 1 31 ? 3.84377   17.67944  1.26930   1.000 21.72937 ? 54  THR B OG1 1 
ATOM   597  C CG2 . THR B 1 31 ? 6.16447   18.16744  1.66812   1.000 18.40528 ? 54  THR B CG2 1 
ATOM   598  N N   . GLU B 1 32 ? 7.26149   15.47582  -0.49669  1.000 16.60936 ? 55  GLU B N   1 
ATOM   599  C CA  . GLU B 1 32 ? 8.62937   15.04702  -0.75831  1.000 15.13687 ? 55  GLU B CA  1 
ATOM   600  C C   . GLU B 1 32 ? 8.96746   15.20394  -2.22751  1.000 15.68458 ? 55  GLU B C   1 
ATOM   601  O O   . GLU B 1 32 ? 10.05950  15.67167  -2.58093  1.000 13.83434 ? 55  GLU B O   1 
ATOM   602  C CB  . GLU B 1 32 ? 8.80870   13.58712  -0.35474  1.000 16.36299 ? 55  GLU B CB  1 
ATOM   603  C CG  . GLU B 1 32 ? 9.14001   13.36224  1.09860   1.000 24.21140 ? 55  GLU B CG  1 
ATOM   604  C CD  . GLU B 1 32 ? 8.51793   12.08396  1.61159   1.000 26.37504 ? 55  GLU B CD  1 
ATOM   605  O OE1 . GLU B 1 32 ? 8.86342   11.00609  1.08426   1.000 31.68499 ? 55  GLU B OE1 1 
ATOM   606  O OE2 . GLU B 1 32 ? 7.66814   12.15619  2.52284   1.000 38.49437 ? 55  GLU B OE2 1 
ATOM   607  N N   . ASN B 1 33 ? 8.05024   14.79020  -3.10083  1.000 14.68906 ? 56  ASN B N   1 
ATOM   608  C CA  . ASN B 1 33 ? 8.34155   14.81417  -4.52910  1.000 14.18174 ? 56  ASN B CA  1 
ATOM   609  C C   . ASN B 1 33 ? 8.49630   16.24806  -5.03356  1.000 14.15113 ? 56  ASN B C   1 
ATOM   610  O O   . ASN B 1 33 ? 9.33673   16.52052  -5.89884  1.000 14.66836 ? 56  ASN B O   1 
ATOM   611  C CB  . ASN B 1 33 ? 7.24414   14.07353  -5.29088  1.000 14.16416 ? 56  ASN B CB  1 
ATOM   612  C CG  . ASN B 1 33 ? 7.39904   12.53837  -5.23482  1.000 14.66685 ? 56  ASN B CG  1 
ATOM   613  O OD1 . ASN B 1 33 ? 8.36075   11.99597  -4.69108  1.000 11.53576 ? 56  ASN B OD1 1 
ATOM   614  N ND2 . ASN B 1 33 ? 6.41280   11.84231  -5.78422  1.000 17.87908 ? 56  ASN B ND2 1 
ATOM   615  N N   . ALA B 1 34 ? 7.70338   17.17944  -4.49514  1.000 13.84644 ? 57  ALA B N   1 
ATOM   616  C CA  . ALA B 1 34 ? 7.86515   18.59011  -4.84684  1.000 14.04683 ? 57  ALA B CA  1 
ATOM   617  C C   . ALA B 1 34 ? 9.21378   19.12157  -4.39419  1.000 14.56658 ? 57  ALA B C   1 
ATOM   618  O O   . ALA B 1 34 ? 9.86198   19.88435  -5.12066  1.000 14.46022 ? 57  ALA B O   1 
ATOM   619  C CB  . ALA B 1 34 ? 6.73866   19.42365  -4.23274  1.000 14.48608 ? 57  ALA B CB  1 
ATOM   620  N N   . GLY B 1 35 ? 9.64266   18.75424  -3.18640  1.000 13.21373 ? 58  GLY B N   1 
ATOM   621  C CA  . GLY B 1 35 ? 10.95701  19.16753  -2.72486  1.000 10.18292 ? 58  GLY B CA  1 
ATOM   622  C C   . GLY B 1 35 ? 12.07269  18.63303  -3.60296  1.000 13.66694 ? 58  GLY B C   1 
ATOM   623  O O   . GLY B 1 35 ? 13.01542  19.35545  -3.93763  1.000 13.11278 ? 58  GLY B O   1 
ATOM   624  N N   . LEU B 1 36 ? 11.97828  17.35922  -3.99205  1.000 11.43922 ? 59  LEU B N   1 
ATOM   625  C CA  . LEU B 1 36 ? 12.97929  16.78263  -4.88333  1.000 12.09507 ? 59  LEU B CA  1 
ATOM   626  C C   . LEU B 1 36 ? 13.01253  17.50886  -6.22542  1.000 10.42673 ? 59  LEU B C   1 
ATOM   627  O O   . LEU B 1 36 ? 14.08747  17.83430  -6.74054  1.000 12.45389 ? 59  LEU B O   1 
ATOM   628  C CB  . LEU B 1 36 ? 12.69626  15.29684  -5.08049  1.000 11.37163 ? 59  LEU B CB  1 
ATOM   629  C CG  . LEU B 1 36 ? 12.85452  14.48119  -3.79473  1.000 13.61528 ? 59  LEU B CG  1 
ATOM   630  C CD1 . LEU B 1 36 ? 12.35036  13.04217  -3.99505  1.000 14.82354 ? 59  LEU B CD1 1 
ATOM   631  C CD2 . LEU B 1 36 ? 14.28705  14.52411  -3.31315  1.000 16.79076 ? 59  LEU B CD2 1 
ATOM   632  N N   . ARG B 1 37 ? 11.84757  17.76465  -6.81266  1.000 10.25330 ? 60  ARG B N   1 
ATOM   633  C CA  . ARG B 1 37 ? 11.82268  18.45827  -8.09684  1.000 9.76054  ? 60  ARG B CA  1 
ATOM   634  C C   . ARG B 1 37 ? 12.39858  19.85965  -7.97239  1.000 11.46971 ? 60  ARG B C   1 
ATOM   635  O O   . ARG B 1 37 ? 13.12131  20.31928  -8.86691  1.000 12.06939 ? 60  ARG B O   1 
ATOM   636  C CB  . ARG B 1 37 ? 10.40325  18.50149  -8.65209  1.000 11.78590 ? 60  ARG B CB  1 
ATOM   637  C CG  . ARG B 1 37 ? 9.91585   17.12988  -9.06842  1.000 12.58627 ? 60  ARG B CG  1 
ATOM   638  C CD  . ARG B 1 37 ? 8.57977   17.19684  -9.78232  1.000 14.23363 ? 60  ARG B CD  1 
ATOM   639  N NE  . ARG B 1 37 ? 8.18281   15.88040  -10.27548 1.000 18.23799 ? 60  ARG B NE  1 
ATOM   640  C CZ  . ARG B 1 37 ? 7.32841   15.07177  -9.66160  1.000 17.89658 ? 60  ARG B CZ  1 
ATOM   641  N NH1 . ARG B 1 37 ? 6.69936   15.44274  -8.55379  1.000 20.55313 ? 60  ARG B NH1 1 
ATOM   642  N NH2 . ARG B 1 37 ? 7.11558   13.85057  -10.16093 1.000 18.94865 ? 60  ARG B NH2 1 
ATOM   643  N N   . LEU B 1 38 ? 12.10234  20.54693  -6.86628  1.000 11.62005 ? 61  LEU B N   1 
ATOM   644  C CA  . LEU B 1 38 ? 12.70326  21.85337  -6.63841  1.000 10.61738 ? 61  LEU B CA  1 
ATOM   645  C C   . LEU B 1 38 ? 14.22213  21.75544  -6.65277  1.000 13.14782 ? 61  LEU B C   1 
ATOM   646  O O   . LEU B 1 38 ? 14.89756  22.54234  -7.32557  1.000 14.75068 ? 61  LEU B O   1 
ATOM   647  C CB  . LEU B 1 38 ? 12.22573  22.44808  -5.31590  1.000 10.67511 ? 61  LEU B CB  1 
ATOM   648  C CG  . LEU B 1 38 ? 13.05081  23.66359  -4.88267  1.000 18.09166 ? 61  LEU B CG  1 
ATOM   649  C CD1 . LEU B 1 38 ? 12.88950  24.76098  -5.91192  1.000 18.48692 ? 61  LEU B CD1 1 
ATOM   650  C CD2 . LEU B 1 38 ? 12.61654  24.15740  -3.51415  1.000 23.49807 ? 61  LEU B CD2 1 
ATOM   651  N N   . ARG B 1 39 ? 14.78064  20.79204  -5.91520  1.000 12.18050 ? 62  ARG B N   1 
ATOM   652  C CA  . ARG B 1 39 ? 16.23453  20.70500  -5.84328  1.000 13.64837 ? 62  ARG B CA  1 
ATOM   653  C C   . ARG B 1 39 ? 16.83367  20.29052  -7.18465  1.000 11.62759 ? 62  ARG B C   1 
ATOM   654  O O   . ARG B 1 39 ? 17.90366  20.78306  -7.56380  1.000 11.69751 ? 62  ARG B O   1 
ATOM   655  C CB  . ARG B 1 39 ? 16.66423  19.76262  -4.71227  1.000 17.26742 ? 62  ARG B CB  1 
ATOM   656  C CG  . ARG B 1 39 ? 16.23514  20.23389  -3.31595  1.000 14.52191 ? 62  ARG B CG  1 
ATOM   657  C CD  . ARG B 1 39 ? 16.90369  21.56777  -2.96563  1.000 23.97819 ? 62  ARG B CD  1 
ATOM   658  N NE  . ARG B 1 39 ? 16.71441  21.94911  -1.56726  1.000 32.97812 ? 62  ARG B NE  1 
ATOM   659  C CZ  . ARG B 1 39 ? 16.46474  23.18574  -1.14675  1.000 27.16816 ? 62  ARG B CZ  1 
ATOM   660  N NH1 . ARG B 1 39 ? 16.45876  24.22008  -1.98275  1.000 19.16543 ? 62  ARG B NH1 1 
ATOM   661  N NH2 . ARG B 1 39 ? 16.22358  23.39360  0.14583   1.000 31.46890 ? 62  ARG B NH2 1 
ATOM   662  N N   . ILE B 1 40 ? 16.15223  19.41957  -7.93936  1.000 10.13135 ? 63  ILE B N   1 
ATOM   663  C CA  . ILE B 1 40 ? 16.67013  19.04468  -9.25232  1.000 9.94545  ? 63  ILE B CA  1 
ATOM   664  C C   . ILE B 1 40 ? 16.66164  20.24424  -10.18919 1.000 12.85487 ? 63  ILE B C   1 
ATOM   665  O O   . ILE B 1 40 ? 17.61611  20.46729  -10.95014 1.000 14.20060 ? 63  ILE B O   1 
ATOM   666  C CB  . ILE B 1 40 ? 15.86470  17.86775  -9.82935  1.000 10.36398 ? 63  ILE B CB  1 
ATOM   667  C CG1 . ILE B 1 40 ? 16.11728  16.61828  -8.99010  1.000 10.11119 ? 63  ILE B CG1 1 
ATOM   668  C CG2 . ILE B 1 40 ? 16.20537  17.65293  -11.31413 1.000 13.56319 ? 63  ILE B CG2 1 
ATOM   669  C CD1 . ILE B 1 40 ? 15.12423  15.49072  -9.22373  1.000 11.89747 ? 63  ILE B CD1 1 
ATOM   670  N N   . THR B 1 41 ? 15.59609  21.04087  -10.13506 1.000 10.79781 ? 64  THR B N   1 
ATOM   671  C CA  . THR B 1 41 ? 15.50844  22.24005  -10.95693 1.000 15.38187 ? 64  THR B CA  1 
ATOM   672  C C   . THR B 1 41 ? 16.55541  23.26333  -10.54072 1.000 14.61145 ? 64  THR B C   1 
ATOM   673  O O   . THR B 1 41 ? 17.21622  23.86305  -11.39949 1.000 15.87958 ? 64  THR B O   1 
ATOM   674  C CB  . THR B 1 41 ? 14.10552  22.84172  -10.85525 1.000 16.65599 ? 64  THR B CB  1 
ATOM   675  O OG1 . THR B 1 41 ? 13.13402  21.90301  -11.34494 1.000 18.36276 ? 64  THR B OG1 1 
ATOM   676  C CG2 . THR B 1 41 ? 14.01743  24.11277  -11.67217 1.000 21.05096 ? 64  THR B CG2 1 
ATOM   677  N N   . GLU B 1 42 ? 16.74169  23.45224  -9.23580  1.000 13.85455 ? 65  GLU B N   1 
ATOM   678  C CA  . GLU B 1 42 ? 17.69015  24.45757  -8.74014  1.000 12.15387 ? 65  GLU B CA  1 
ATOM   679  C C   . GLU B 1 42 ? 19.13247  24.07228  -9.07463  1.000 17.53207 ? 65  GLU B C   1 
ATOM   680  O O   . GLU B 1 42 ? 19.91199  24.93515  -9.51185  1.000 14.04423 ? 65  GLU B O   1 
ATOM   681  C CB  . GLU B 1 42 ? 17.53411  24.70559  -7.21964  1.000 18.42729 ? 65  GLU B CB  1 
ATOM   682  C CG  . GLU B 1 42 ? 18.85181  25.14870  -6.53430  1.000 23.46430 ? 65  GLU B CG  1 
ATOM   683  C CD  . GLU B 1 42 ? 18.85773  25.14269  -4.98443  1.000 26.91672 ? 65  GLU B CD  1 
ATOM   684  O OE1 . GLU B 1 42 ? 18.07597  24.40248  -4.33637  1.000 20.49960 ? 65  GLU B OE1 1 
ATOM   685  O OE2 . GLU B 1 42 ? 19.72001  25.86405  -4.41383  1.000 21.79069 ? 65  GLU B OE2 1 
HETATM 686  C C   . ACE C 1 1  ? 33.02314  -6.97350  11.91129  1.000 19.03533 ? 24  ACE C C   1 
HETATM 687  O O   . ACE C 1 1  ? 33.49480  -8.10134  11.77475  1.000 19.12053 ? 24  ACE C O   1 
HETATM 688  C CH3 . ACE C 1 1  ? 33.41129  -5.82117  11.03282  1.000 14.42528 ? 24  ACE C CH3 1 
ATOM   689  N N   . ARG C 1 2  ? 32.12915  -6.69395  12.84923  1.000 16.51024 ? 25  ARG C N   1 
ATOM   690  C CA  . ARG C 1 2  ? 31.66079  -7.71574  13.77349  1.000 14.97757 ? 25  ARG C CA  1 
ATOM   691  C C   . ARG C 1 2  ? 31.00241  -8.87396  13.02152  1.000 16.50955 ? 25  ARG C C   1 
ATOM   692  O O   . ARG C 1 2  ? 31.28245  -10.03640 13.28250  1.000 21.14359 ? 25  ARG C O   1 
ATOM   693  C CB  . ARG C 1 2  ? 30.67788  -7.11097  14.77061  1.000 14.97851 ? 25  ARG C CB  1 
ATOM   694  C CG  . ARG C 1 2  ? 30.24637  -8.05812  15.88147  1.000 19.68257 ? 25  ARG C CG  1 
ATOM   695  C CD  . ARG C 1 2  ? 29.42273  -7.32132  16.92980  1.000 22.08503 ? 25  ARG C CD  1 
ATOM   696  N NE  . ARG C 1 2  ? 28.12042  -6.94203  16.39048  1.000 26.66724 ? 25  ARG C NE  1 
ATOM   697  C CZ  . ARG C 1 2  ? 27.14910  -7.79457  16.08742  1.000 31.78243 ? 25  ARG C CZ  1 
ATOM   698  N NH1 . ARG C 1 2  ? 27.27983  -9.09795  16.29305  1.000 31.20111 ? 25  ARG C NH1 1 
ATOM   699  N NH2 . ARG C 1 2  ? 26.01903  -7.32939  15.55839  1.000 30.34481 ? 25  ARG C NH2 1 
ATOM   700  N N   . ILE C 1 3  ? 30.11116  -8.53772  12.09947  1.000 14.30349 ? 26  ILE C N   1 
ATOM   701  C CA  . ILE C 1 3  ? 29.38746  -9.52472  11.30484  1.000 17.56469 ? 26  ILE C CA  1 
ATOM   702  C C   . ILE C 1 3  ? 30.16609  -9.79695  10.02265  1.000 13.65686 ? 26  ILE C C   1 
ATOM   703  O O   . ILE C 1 3  ? 30.62489  -8.86446  9.35055   1.000 18.28981 ? 26  ILE C O   1 
ATOM   704  C CB  . ILE C 1 3  ? 27.96353  -9.03217  10.99166  1.000 17.09719 ? 26  ILE C CB  1 
ATOM   705  C CG1 . ILE C 1 3  ? 27.27958  -8.52755  12.27231  1.000 22.14391 ? 26  ILE C CG1 1 
ATOM   706  C CG2 . ILE C 1 3  ? 27.15278  -10.14521 10.33844  1.000 19.16656 ? 26  ILE C CG2 1 
ATOM   707  C CD1 . ILE C 1 3  ? 25.84389  -8.03216  12.06783  1.000 21.98004 ? 26  ILE C CD1 1 
ATOM   708  N N   . THR C 1 4  ? 30.31758  -11.07238 9.67457   1.000 11.60518 ? 27  THR C N   1 
ATOM   709  C CA  . THR C 1 4  ? 31.01169  -11.42059 8.44807   1.000 12.45594 ? 27  THR C CA  1 
ATOM   710  C C   . THR C 1 4  ? 30.12372  -11.14680 7.23914   1.000 10.80074 ? 27  THR C C   1 
ATOM   711  O O   . THR C 1 4  ? 28.89984  -11.03339 7.34453   1.000 12.72130 ? 27  THR C O   1 
ATOM   712  C CB  . THR C 1 4  ? 31.41197  -12.89572 8.44124   1.000 13.46986 ? 27  THR C CB  1 
ATOM   713  O OG1 . THR C 1 4  ? 30.23079  -13.70394 8.47665   1.000 12.67655 ? 27  THR C OG1 1 
ATOM   714  C CG2 . THR C 1 4  ? 32.27057  -13.22798 9.65315   1.000 16.59846 ? 27  THR C CG2 1 
ATOM   715  N N   . ARG C 1 5  ? 30.75855  -11.06124 6.07058   1.000 13.90670 ? 28  ARG C N   1 
ATOM   716  C CA  . ARG C 1 5  ? 29.98467  -10.90605 4.84462   1.000 9.83786  ? 28  ARG C CA  1 
ATOM   717  C C   . ARG C 1 5  ? 29.08376  -12.11184 4.58953   1.000 11.10961 ? 28  ARG C C   1 
ATOM   718  O O   . ARG C 1 5  ? 28.01491  -11.97131 3.98455   1.000 10.08945 ? 28  ARG C O   1 
ATOM   719  C CB  . ARG C 1 5  ? 30.92485  -10.67057 3.66815   1.000 14.08211 ? 28  ARG C CB  1 
ATOM   720  C CG  . ARG C 1 5  ? 31.35236  -9.21812  3.55087   1.000 20.48669 ? 28  ARG C CG  1 
ATOM   721  C CD  . ARG C 1 5  ? 32.03656  -8.97094  2.22331   1.000 25.07573 ? 28  ARG C CD  1 
ATOM   722  N NE  . ARG C 1 5  ? 33.34206  -9.61098  2.18568   1.000 28.54732 ? 28  ARG C NE  1 
ATOM   723  C CZ  . ARG C 1 5  ? 34.23691  -9.42636  1.22734   1.000 28.95308 ? 28  ARG C CZ  1 
ATOM   724  N NH1 . ARG C 1 5  ? 33.99008  -8.63437  0.19662   1.000 26.84301 ? 28  ARG C NH1 1 
ATOM   725  N NH2 . ARG C 1 5  ? 35.40633  -10.05428 1.30340   1.000 32.07374 ? 28  ARG C NH2 1 
ATOM   726  N N   . LEU C 1 6  ? 29.49448  -13.30781 5.03045   1.000 10.79167 ? 29  LEU C N   1 
ATOM   727  C CA  . LEU C 1 6  ? 28.62345  -14.46962 4.88134   1.000 10.38642 ? 29  LEU C CA  1 
ATOM   728  C C   . LEU C 1 6  ? 27.38183  -14.34923 5.75755   1.000 7.51120  ? 29  LEU C C   1 
ATOM   729  O O   . LEU C 1 6  ? 26.26642  -14.62493 5.29837   1.000 9.29922  ? 29  LEU C O   1 
ATOM   730  C CB  . LEU C 1 6  ? 29.38905  -15.75394 5.20024   1.000 13.44734 ? 29  LEU C CB  1 
ATOM   731  C CG  . LEU C 1 6  ? 28.48453  -16.98704 5.24759   1.000 13.77355 ? 29  LEU C CG  1 
ATOM   732  C CD1 . LEU C 1 6  ? 28.12267  -17.44998 3.83749   1.000 18.22654 ? 29  LEU C CD1 1 
ATOM   733  C CD2 . LEU C 1 6  ? 29.16209  -18.08691 6.06041   1.000 22.67078 ? 29  LEU C CD2 1 
ATOM   734  N N   . GLN C 1 7  ? 27.54224  -13.89868 7.00109   1.000 9.75719  ? 30  GLN C N   1 
ATOM   735  C CA  . GLN C 1 7  ? 26.37775  -13.69840 7.85931   1.000 11.27701 ? 30  GLN C CA  1 
ATOM   736  C C   . GLN C 1 7  ? 25.46089  -12.61220 7.30215   1.000 9.71111  ? 30  GLN C C   1 
ATOM   737  O O   . GLN C 1 7  ? 24.23130  -12.73821 7.35340   1.000 9.78705  ? 30  GLN C O   1 
ATOM   738  C CB  . GLN C 1 7  ? 26.82530  -13.35295 9.27416   1.000 12.04785 ? 30  GLN C CB  1 
ATOM   739  C CG  . GLN C 1 7  ? 25.66693  -13.20189 10.22865  1.000 13.67061 ? 30  GLN C CG  1 
ATOM   740  C CD  . GLN C 1 7  ? 24.96199  -14.52507 10.43323  1.000 16.97084 ? 30  GLN C CD  1 
ATOM   741  O OE1 . GLN C 1 7  ? 25.54840  -15.47103 10.95640  1.000 18.88630 ? 30  GLN C OE1 1 
ATOM   742  N NE2 . GLN C 1 7  ? 23.70798  -14.61222 9.98562   1.000 15.12055 ? 30  GLN C NE2 1 
ATOM   743  N N   . GLU C 1 8  ? 26.03538  -11.53084 6.77267   1.000 10.25029 ? 31  GLU C N   1 
ATOM   744  C CA  . GLU C 1 8  ? 25.20568  -10.52200 6.11536   1.000 8.43302  ? 31  GLU C CA  1 
ATOM   745  C C   . GLU C 1 8  ? 24.41099  -11.13257 4.97333   1.000 10.89481 ? 31  GLU C C   1 
ATOM   746  O O   . GLU C 1 8  ? 23.21153  -10.85296 4.81403   1.000 9.51110  ? 31  GLU C O   1 
ATOM   747  C CB  . GLU C 1 8  ? 26.07217  -9.36619  5.60916   1.000 9.36964  ? 31  GLU C CB  1 
ATOM   748  C CG  . GLU C 1 8  ? 26.67395  -8.57623  6.75027   1.000 13.36800 ? 31  GLU C CG  1 
ATOM   749  C CD  . GLU C 1 8  ? 27.56438  -7.44820  6.29456   1.000 14.66563 ? 31  GLU C CD  1 
ATOM   750  O OE1 . GLU C 1 8  ? 28.04775  -7.49777  5.14875   1.000 18.93176 ? 31  GLU C OE1 1 
ATOM   751  O OE2 . GLU C 1 8  ? 27.81864  -6.53511  7.11390   1.000 18.66159 ? 31  GLU C OE2 1 
ATOM   752  N N   . LYS C 1 9  ? 25.05857  -11.97141 4.16679   1.000 7.44337  ? 32  LYS C N   1 
ATOM   753  C CA  . LYS C 1 9  ? 24.35699  -12.61868 3.06784   1.000 8.68616  ? 32  LYS C CA  1 
ATOM   754  C C   . LYS C 1 9  ? 23.19436  -13.45774 3.58998   1.000 10.10226 ? 32  LYS C C   1 
ATOM   755  O O   . LYS C 1 9  ? 22.08573  -13.42929 3.04412   1.000 9.16294  ? 32  LYS C O   1 
ATOM   756  C CB  . LYS C 1 9  ? 25.33272  -13.49390 2.27312   1.000 9.98267  ? 32  LYS C CB  1 
ATOM   757  C CG  . LYS C 1 9  ? 24.58663  -14.40900 1.31946   1.000 12.12855 ? 32  LYS C CG  1 
ATOM   758  C CD  . LYS C 1 9  ? 25.51345  -15.33650 0.56606   1.000 15.97630 ? 32  LYS C CD  1 
ATOM   759  C CE  . LYS C 1 9  ? 24.82508  -15.87301 -0.68168  1.000 20.26572 ? 32  LYS C CE  1 
ATOM   760  N NZ  . LYS C 1 9  ? 25.67639  -16.91664 -1.31542  1.000 27.81558 ? 32  LYS C NZ  1 
ATOM   761  N N   . GLU C 1 10 ? 23.44309  -14.23736 4.63964   1.000 7.85312  ? 33  GLU C N   1 
ATOM   762  C CA  . GLU C 1 10 ? 22.37786  -15.04559 5.21838   1.000 7.79169  ? 33  GLU C CA  1 
ATOM   763  C C   . GLU C 1 10 ? 21.25763  -14.16087 5.72945   1.000 8.11578  ? 33  GLU C C   1 
ATOM   764  O O   . GLU C 1 10 ? 20.07409  -14.50368 5.60374   1.000 8.60760  ? 33  GLU C O   1 
ATOM   765  C CB  . GLU C 1 10 ? 22.94835  -15.89792 6.34460   1.000 8.80353  ? 33  GLU C CB  1 
ATOM   766  C CG  . GLU C 1 10 ? 23.88798  -16.97966 5.87124   1.000 8.42454  ? 33  GLU C CG  1 
ATOM   767  C CD  . GLU C 1 10 ? 24.64106  -17.60436 7.02140   1.000 19.56449 ? 33  GLU C CD  1 
ATOM   768  O OE1 . GLU C 1 10 ? 24.14121  -18.59287 7.58164   1.000 21.98017 ? 33  GLU C OE1 1 
ATOM   769  O OE2 . GLU C 1 10 ? 25.75082  -17.12087 7.33718   1.000 20.96839 ? 33  GLU C OE2 1 
ATOM   770  N N   . ASP C 1 11 ? 21.61795  -13.01761 6.32284   1.000 8.39879  ? 34  ASP C N   1 
ATOM   771  C CA  . ASP C 1 11 ? 20.60238  -12.08542 6.81074   1.000 6.86982  ? 34  ASP C CA  1 
ATOM   772  C C   . ASP C 1 11 ? 19.74269  -11.56395 5.66426   1.000 8.96081  ? 34  ASP C C   1 
ATOM   773  O O   . ASP C 1 11 ? 18.51367  -11.49407 5.78080   1.000 8.31890  ? 34  ASP C O   1 
ATOM   774  C CB  . ASP C 1 11 ? 21.27157  -10.91148 7.53411   1.000 7.23542  ? 34  ASP C CB  1 
ATOM   775  C CG  . ASP C 1 11 ? 21.93772  -11.30961 8.84128   1.000 12.42557 ? 34  ASP C CG  1 
ATOM   776  O OD1 . ASP C 1 11 ? 21.67590  -12.40747 9.37404   1.000 11.70310 ? 34  ASP C OD1 1 
ATOM   777  O OD2 . ASP C 1 11 ? 22.73457  -10.49059 9.35947   1.000 13.19355 ? 34  ASP C OD2 1 
ATOM   778  N N   . LEU C 1 12 ? 20.37430  -11.17895 4.54846   1.000 8.08027  ? 35  LEU C N   1 
ATOM   779  C CA  . LEU C 1 12 ? 19.61108  -10.70092 3.39442   1.000 6.80265  ? 35  LEU C CA  1 
ATOM   780  C C   . LEU C 1 12 ? 18.73059  -11.80277 2.82732   1.000 8.10556  ? 35  LEU C C   1 
ATOM   781  O O   . LEU C 1 12 ? 17.60478  -11.54798 2.38958   1.000 8.26712  ? 35  LEU C O   1 
ATOM   782  C CB  . LEU C 1 12 ? 20.56242  -10.18131 2.31278   1.000 8.38714  ? 35  LEU C CB  1 
ATOM   783  C CG  . LEU C 1 12 ? 21.34294  -8.91156  2.65991   1.000 12.49046 ? 35  LEU C CG  1 
ATOM   784  C CD1 . LEU C 1 12 ? 21.90157  -8.21770  1.42774   1.000 10.62077 ? 35  LEU C CD1 1 
ATOM   785  C CD2 . LEU C 1 12 ? 20.46445  -7.96040  3.43835   1.000 15.50236 ? 35  LEU C CD2 1 
ATOM   786  N N   . GLN C 1 13 ? 19.22973  -13.04008 2.81744   1.000 7.67814  ? 36  GLN C N   1 
ATOM   787  C CA  . GLN C 1 13 ? 18.41790  -14.15600 2.34254   1.000 8.85364  ? 36  GLN C CA  1 
ATOM   788  C C   . GLN C 1 13 ? 17.16605  -14.31404 3.18578   1.000 8.46206  ? 36  GLN C C   1 
ATOM   789  O O   . GLN C 1 13 ? 16.07219  -14.54052 2.64924   1.000 10.69869 ? 36  GLN C O   1 
ATOM   790  C CB  . GLN C 1 13 ? 19.23382  -15.44075 2.35632   1.000 8.88905  ? 36  GLN C CB  1 
ATOM   791  C CG  . GLN C 1 13 ? 20.30373  -15.49450 1.26870   1.000 8.84790  ? 36  GLN C CG  1 
ATOM   792  C CD  . GLN C 1 13 ? 21.07583  -16.78152 1.31911   1.000 10.86965 ? 36  GLN C CD  1 
ATOM   793  O OE1 . GLN C 1 13 ? 21.63756  -17.12296 2.35202   1.000 11.46009 ? 36  GLN C OE1 1 
ATOM   794  N NE2 . GLN C 1 13 ? 21.12720  -17.49446 0.19724   1.000 15.22868 ? 36  GLN C NE2 1 
ATOM   795  N N   . GLU C 1 14 ? 17.30445  -14.20846 4.51025   1.000 7.77366  ? 37  GLU C N   1 
ATOM   796  C CA  . GLU C 1 14 ? 16.14189  -14.31007 5.38535   1.000 7.90544  ? 37  GLU C CA  1 
ATOM   797  C C   . GLU C 1 14 ? 15.18111  -13.15164 5.15281   1.000 10.01347 ? 37  GLU C C   1 
ATOM   798  O O   . GLU C 1 14 ? 13.96943  -13.35406 5.06027   1.000 9.20110  ? 37  GLU C O   1 
ATOM   799  C CB  . GLU C 1 14 ? 16.58611  -14.35545 6.84516   1.000 13.78077 ? 37  GLU C CB  1 
ATOM   800  C CG  . GLU C 1 14 ? 15.47801  -14.78119 7.79703   1.000 21.51696 ? 37  GLU C CG  1 
ATOM   801  C CD  . GLU C 1 14 ? 14.53590  -15.80829 7.19095   1.000 32.58107 ? 37  GLU C CD  1 
ATOM   802  O OE1 . GLU C 1 14 ? 15.01841  -16.82418 6.63618   1.000 28.01480 ? 37  GLU C OE1 1 
ATOM   803  O OE2 . GLU C 1 14 ? 13.30601  -15.59999 7.27743   1.000 34.14899 ? 37  GLU C OE2 1 
ATOM   804  N N   . LEU C 1 15 ? 15.69804  -11.92771 5.06947   1.000 8.65364  ? 38  LEU C N   1 
ATOM   805  C CA  . LEU C 1 15 ? 14.81814  -10.79193 4.80963   1.000 10.15200 ? 38  LEU C CA  1 
ATOM   806  C C   . LEU C 1 15 ? 14.12111  -10.93650 3.46401   1.000 10.46207 ? 38  LEU C C   1 
ATOM   807  O O   . LEU C 1 15 ? 12.92237  -10.65258 3.33880   1.000 9.20889  ? 38  LEU C O   1 
ATOM   808  C CB  . LEU C 1 15 ? 15.61621  -9.48839  4.86062   1.000 8.85529  ? 38  LEU C CB  1 
ATOM   809  C CG  . LEU C 1 15 ? 16.11653  -9.13552  6.25389   1.000 10.03909 ? 38  LEU C CG  1 
ATOM   810  C CD1 . LEU C 1 15 ? 17.14643  -8.02618  6.20118   1.000 13.02349 ? 38  LEU C CD1 1 
ATOM   811  C CD2 . LEU C 1 15 ? 14.93668  -8.73610  7.14777   1.000 14.52065 ? 38  LEU C CD2 1 
ATOM   812  N N   . ASN C 1 16 ? 14.86402  -11.36530 2.43880   1.000 8.95615  ? 39  ASN C N   1 
ATOM   813  C CA  . ASN C 1 16 ? 14.25660  -11.57010 1.12940   1.000 7.12009  ? 39  ASN C CA  1 
ATOM   814  C C   . ASN C 1 16 ? 13.22882  -12.69689 1.15218   1.000 8.67291  ? 39  ASN C C   1 
ATOM   815  O O   . ASN C 1 16 ? 12.23249  -12.62501 0.42577   1.000 9.13292  ? 39  ASN C O   1 
ATOM   816  C CB  . ASN C 1 16 ? 15.33803  -11.84459 0.08721   1.000 10.73091 ? 39  ASN C CB  1 
ATOM   817  C CG  . ASN C 1 16 ? 14.80703  -11.73915 -1.33515  1.000 15.72012 ? 39  ASN C CG  1 
ATOM   818  O OD1 . ASN C 1 16 ? 14.12814  -10.77024 -1.68600  1.000 15.82275 ? 39  ASN C OD1 1 
ATOM   819  N ND2 . ASN C 1 16 ? 15.10605  -12.73956 -2.15022  1.000 14.51630 ? 39  ASN C ND2 1 
ATOM   820  N N   . ASP C 1 17 ? 13.42964  -13.72288 1.99274   1.000 7.59971  ? 40  ASP C N   1 
ATOM   821  C CA  . ASP C 1 17 ? 12.44964  -14.80267 2.08236   1.000 9.91706  ? 40  ASP C CA  1 
ATOM   822  C C   . ASP C 1 17 ? 11.11898  -14.29105 2.61173   1.000 8.67809  ? 40  ASP C C   1 
ATOM   823  O O   . ASP C 1 17 ? 10.05050  -14.70594 2.14150   1.000 11.11378 ? 40  ASP C O   1 
ATOM   824  C CB  . ASP C 1 17 ? 12.96151  -15.92304 2.98960   1.000 8.91297  ? 40  ASP C CB  1 
ATOM   825  C CG  . ASP C 1 17 ? 14.04413  -16.75741 2.33843   1.000 10.28530 ? 40  ASP C CG  1 
ATOM   826  O OD1 . ASP C 1 17 ? 14.24133  -16.64280 1.11356   1.000 11.80803 ? 40  ASP C OD1 1 
ATOM   827  O OD2 . ASP C 1 17 ? 14.69586  -17.52201 3.07732   1.000 12.97447 ? 40  ASP C OD2 1 
ATOM   828  N N   . ARG C 1 18 ? 11.16678  -13.39737 3.59191   1.000 8.42988  ? 41  ARG C N   1 
ATOM   829  C CA  . ARG C 1 18 ? 9.94398   -12.78901 4.10580   1.000 9.66082  ? 41  ARG C CA  1 
ATOM   830  C C   . ARG C 1 18 ? 9.34799   -11.80760 3.10547   1.000 7.73777  ? 41  ARG C C   1 
ATOM   831  O O   . ARG C 1 18 ? 8.12219   -11.74519 2.95478   1.000 10.95048 ? 41  ARG C O   1 
ATOM   832  C CB  . ARG C 1 18 ? 10.21879  -12.09972 5.44154   1.000 14.04445 ? 41  ARG C CB  1 
ATOM   833  C CG  . ARG C 1 18 ? 10.98685  -12.96918 6.40837   1.000 13.27382 ? 41  ARG C CG  1 
ATOM   834  C CD  . ARG C 1 18 ? 10.56712  -12.80403 7.83797   1.000 26.37123 ? 41  ARG C CD  1 
ATOM   835  N NE  . ARG C 1 18 ? 11.23731  -13.79934 8.66732   1.000 28.40723 ? 41  ARG C NE  1 
ATOM   836  C CZ  . ARG C 1 18 ? 11.72056  -13.56600 9.87818   1.000 28.42233 ? 41  ARG C CZ  1 
ATOM   837  N NH1 . ARG C 1 18 ? 11.62765  -12.37097 10.44150  1.000 29.25546 ? 41  ARG C NH1 1 
ATOM   838  N NH2 . ARG C 1 18 ? 12.32493  -14.55322 10.53525  1.000 32.90225 ? 41  ARG C NH2 1 
ATOM   839  N N   . LEU C 1 19 ? 10.18422  -11.01995 2.42997   1.000 7.84608  ? 42  LEU C N   1 
ATOM   840  C CA  . LEU C 1 19 ? 9.66941   -10.12754 1.39215   1.000 9.41375  ? 42  LEU C CA  1 
ATOM   841  C C   . LEU C 1 19 ? 8.86394   -10.90066 0.34886   1.000 10.43706 ? 42  LEU C C   1 
ATOM   842  O O   . LEU C 1 19 ? 7.79984   -10.44375 -0.08533  1.000 10.64135 ? 42  LEU C O   1 
ATOM   843  C CB  . LEU C 1 19 ? 10.82172  -9.36269  0.73134   1.000 13.94796 ? 42  LEU C CB  1 
ATOM   844  C CG  . LEU C 1 19 ? 10.42587  -8.51206  -0.48683  1.000 8.91262  ? 42  LEU C CG  1 
ATOM   845  C CD1 . LEU C 1 19 ? 9.42369   -7.43498  -0.07461  1.000 12.36331 ? 42  LEU C CD1 1 
ATOM   846  C CD2 . LEU C 1 19 ? 11.66826  -7.89713  -1.10244  1.000 14.86362 ? 42  LEU C CD2 1 
ATOM   847  N N   . ALA C 1 20 ? 9.35468   -12.07461 -0.06039  1.000 8.14031  ? 43  ALA C N   1 
ATOM   848  C CA  . ALA C 1 20 ? 8.66860   -12.86216 -1.08220  1.000 10.01683 ? 43  ALA C CA  1 
ATOM   849  C C   . ALA C 1 20 ? 7.24598   -13.20425 -0.66235  1.000 12.94833 ? 43  ALA C C   1 
ATOM   850  O O   . ALA C 1 20 ? 6.33054   -13.22987 -1.49983  1.000 12.26882 ? 43  ALA C O   1 
ATOM   851  C CB  . ALA C 1 20 ? 9.46038   -14.13557 -1.38374  1.000 13.92868 ? 43  ALA C CB  1 
ATOM   852  N N   . VAL C 1 21 ? 7.04196   -13.47724 0.62678   1.000 10.34336 ? 44  VAL C N   1 
ATOM   853  C CA  . VAL C 1 21 ? 5.70314   -13.76983 1.12934   1.000 8.53585  ? 44  VAL C CA  1 
ATOM   854  C C   . VAL C 1 21 ? 4.80327   -12.54916 0.96178   1.000 13.88300 ? 44  VAL C C   1 
ATOM   855  O O   . VAL C 1 21 ? 3.66634   -12.65239 0.48133   1.000 11.70143 ? 44  VAL C O   1 
ATOM   856  C CB  . VAL C 1 21 ? 5.77561   -14.23579 2.59298   1.000 12.32118 ? 44  VAL C CB  1 
ATOM   857  C CG1 . VAL C 1 21 ? 4.37863   -14.39877 3.16846   1.000 14.93678 ? 44  VAL C CG1 1 
ATOM   858  C CG2 . VAL C 1 21 ? 6.55720   -15.55074 2.68045   1.000 17.38680 ? 44  VAL C CG2 1 
ATOM   859  N N   . TYR C 1 22 ? 5.30775   -11.36786 1.33143   1.000 13.01178 ? 45  TYR C N   1 
ATOM   860  C CA  . TYR C 1 22 ? 4.49590   -10.16254 1.19290   1.000 11.14119 ? 45  TYR C CA  1 
ATOM   861  C C   . TYR C 1 22 ? 4.20308   -9.84206  -0.27211  1.000 12.58180 ? 45  TYR C C   1 
ATOM   862  O O   . TYR C 1 22 ? 3.10532   -9.36734  -0.59375  1.000 13.00160 ? 45  TYR C O   1 
ATOM   863  C CB  . TYR C 1 22 ? 5.18683   -8.98665  1.89267   1.000 8.83553  ? 45  TYR C CB  1 
ATOM   864  C CG  . TYR C 1 22 ? 5.22630   -9.18567  3.40468   1.000 8.44856  ? 45  TYR C CG  1 
ATOM   865  C CD1 . TYR C 1 22 ? 4.07042   -9.10488  4.16286   1.000 11.30445 ? 45  TYR C CD1 1 
ATOM   866  C CD2 . TYR C 1 22 ? 6.41919   -9.45288  4.06187   1.000 11.88956 ? 45  TYR C CD2 1 
ATOM   867  C CE1 . TYR C 1 22 ? 4.09322   -9.29385  5.54300   1.000 9.87010  ? 45  TYR C CE1 1 
ATOM   868  C CE2 . TYR C 1 22 ? 6.44878   -9.64967  5.43511   1.000 11.30275 ? 45  TYR C CE2 1 
ATOM   869  C CZ  . TYR C 1 22 ? 5.29386   -9.57293  6.16612   1.000 13.23723 ? 45  TYR C CZ  1 
ATOM   870  O OH  . TYR C 1 22 ? 5.33029   -9.77033  7.53054   1.000 13.02825 ? 45  TYR C OH  1 
ATOM   871  N N   . ILE C 1 23 ? 5.14800   -10.09969 -1.18015  1.000 11.90388 ? 46  ILE C N   1 
ATOM   872  C CA  . ILE C 1 23 ? 4.87158   -9.84277  -2.58987  1.000 11.90178 ? 46  ILE C CA  1 
ATOM   873  C C   . ILE C 1 23 ? 3.77703   -10.77671 -3.08262  1.000 16.77553 ? 46  ILE C C   1 
ATOM   874  O O   . ILE C 1 23 ? 2.82582   -10.35620 -3.76306  1.000 15.48183 ? 46  ILE C O   1 
ATOM   875  C CB  . ILE C 1 23 ? 6.15130   -9.98548  -3.42781  1.000 13.73621 ? 46  ILE C CB  1 
ATOM   876  C CG1 . ILE C 1 23 ? 7.10649   -8.83874  -3.11483  1.000 13.32359 ? 46  ILE C CG1 1 
ATOM   877  C CG2 . ILE C 1 23 ? 5.78878   -10.00245 -4.90133  1.000 20.72929 ? 46  ILE C CG2 1 
ATOM   878  C CD1 . ILE C 1 23 ? 8.49885   -9.05109  -3.68800  1.000 15.01538 ? 46  ILE C CD1 1 
ATOM   879  N N   . ASP C 1 24 ? 3.90070   -12.05850 -2.73684  1.000 10.72060 ? 47  ASP C N   1 
ATOM   880  C CA  . ASP C 1 24 ? 2.88706   -13.04930 -3.07598  1.000 18.17695 ? 47  ASP C CA  1 
ATOM   881  C C   . ASP C 1 24 ? 1.52546   -12.63058 -2.54245  1.000 18.86292 ? 47  ASP C C   1 
ATOM   882  O O   . ASP C 1 24 ? 0.50934   -12.73070 -3.24470  1.000 18.88816 ? 47  ASP C O   1 
ATOM   883  C CB  . ASP C 1 24 ? 3.29523   -14.40613 -2.49691  1.000 16.26305 ? 47  ASP C CB  1 
ATOM   884  C CG  . ASP C 1 24 ? 2.32431   -15.51643 -2.84556  1.000 29.71762 ? 47  ASP C CG  1 
ATOM   885  O OD1 . ASP C 1 24 ? 2.47731   -16.62518 -2.28538  1.000 28.23643 ? 47  ASP C OD1 1 
ATOM   886  O OD2 . ASP C 1 24 ? 1.44624   -15.29805 -3.70381  1.000 29.85916 ? 47  ASP C OD2 1 
ATOM   887  N N   . ARG C 1 25 ? 1.48828   -12.15943 -1.29528  1.000 14.71337 ? 48  ARG C N   1 
ATOM   888  C CA  . ARG C 1 25 ? 0.22093   -11.75525 -0.69684  1.000 14.93436 ? 48  ARG C CA  1 
ATOM   889  C C   . ARG C 1 25 ? -0.38185  -10.57064 -1.44201  1.000 15.02894 ? 48  ARG C C   1 
ATOM   890  O O   . ARG C 1 25 ? -1.60255  -10.49750 -1.61629  1.000 15.29021 ? 48  ARG C O   1 
ATOM   891  C CB  . ARG C 1 25 ? 0.42657   -11.41745 0.77912   1.000 17.33756 ? 48  ARG C CB  1 
ATOM   892  C CG  . ARG C 1 25 ? 0.66457   -12.63552 1.66327   1.000 20.15102 ? 48  ARG C CG  1 
ATOM   893  C CD  . ARG C 1 25 ? -0.50848  -13.59651 1.54707   1.000 31.26192 ? 48  ARG C CD  1 
ATOM   894  N NE  . ARG C 1 25 ? -1.77992  -12.88446 1.48371   1.000 34.67956 ? 48  ARG C NE  1 
ATOM   895  C CZ  . ARG C 1 25 ? -2.90261  -13.39468 0.99796   1.000 34.24659 ? 48  ARG C CZ  1 
ATOM   896  N NH1 . ARG C 1 25 ? -2.94473  -14.61730 0.49340   1.000 35.98734 ? 48  ARG C NH1 1 
ATOM   897  N NH2 . ARG C 1 25 ? -4.00665  -12.65504 1.00573   1.000 34.28090 ? 48  ARG C NH2 1 
ATOM   898  N N   . VAL C 1 26 ? 0.45416   -9.62325  -1.87115  1.000 11.92770 ? 49  VAL C N   1 
ATOM   899  C CA  . VAL C 1 26 ? -0.04634  -8.47497  -2.62127  1.000 12.52763 ? 49  VAL C CA  1 
ATOM   900  C C   . VAL C 1 26 ? -0.67997  -8.94109  -3.92212  1.000 15.35109 ? 49  VAL C C   1 
ATOM   901  O O   . VAL C 1 26 ? -1.79498  -8.53979  -4.27184  1.000 14.05253 ? 49  VAL C O   1 
ATOM   902  C CB  . VAL C 1 26 ? 1.07910   -7.45525  -2.87172  1.000 13.33893 ? 49  VAL C CB  1 
ATOM   903  C CG1 . VAL C 1 26 ? 0.70278   -6.50240  -4.00345  1.000 13.68103 ? 49  VAL C CG1 1 
ATOM   904  C CG2 . VAL C 1 26 ? 1.36527   -6.68203  -1.60814  1.000 13.44446 ? 49  VAL C CG2 1 
ATOM   905  N N   . ARG C 1 27 ? 0.00722   -9.82395  -4.64699  1.000 15.60267 ? 50  ARG C N   1 
ATOM   906  C CA  . ARG C 1 27 ? -0.55691  -10.31325 -5.89955  1.000 19.88127 ? 50  ARG C CA  1 
ATOM   907  C C   . ARG C 1 27 ? -1.87016  -11.05444 -5.66794  1.000 17.58692 ? 50  ARG C C   1 
ATOM   908  O O   . ARG C 1 27 ? -2.84057  -10.85012 -6.40994  1.000 18.28835 ? 50  ARG C O   1 
ATOM   909  C CB  . ARG C 1 27 ? 0.46207   -11.19759 -6.61331  1.000 19.90988 ? 50  ARG C CB  1 
ATOM   910  C CG  . ARG C 1 27 ? 1.72701   -10.44272 -6.98214  1.000 25.37916 ? 50  ARG C CG  1 
ATOM   911  C CD  . ARG C 1 27 ? 2.72174   -11.32967 -7.70344  1.000 36.79043 ? 50  ARG C CD  1 
ATOM   912  N NE  . ARG C 1 27 ? 3.73559   -10.54567 -8.39985  1.000 40.35356 ? 50  ARG C NE  1 
ATOM   913  C CZ  . ARG C 1 27 ? 4.96513   -10.97184 -8.65517  1.000 49.44251 ? 50  ARG C CZ  1 
ATOM   914  N NH1 . ARG C 1 27 ? 5.37396   -12.17259 -8.27517  1.000 51.44173 ? 50  ARG C NH1 1 
ATOM   915  N NH2 . ARG C 1 27 ? 5.80655   -10.17320 -9.30587  1.000 51.09379 ? 50  ARG C NH2 1 
ATOM   916  N N   . SER C 1 28 ? -1.92946  -11.90901 -4.63958  1.000 13.81846 ? 51  SER C N   1 
ATOM   917  C CA  . SER C 1 28 ? -3.16341  -12.62965 -4.34282  1.000 15.32888 ? 51  SER C CA  1 
ATOM   918  C C   . SER C 1 28 ? -4.29113  -11.66192 -4.01557  1.000 16.52601 ? 51  SER C C   1 
ATOM   919  O O   . SER C 1 28 ? -5.41322  -11.81261 -4.50517  1.000 17.00348 ? 51  SER C O   1 
ATOM   920  C CB  . SER C 1 28 ? -2.95010  -13.59989 -3.18441  1.000 17.52084 ? 51  SER C CB  1 
ATOM   921  O OG  . SER C 1 28 ? -1.91713  -14.52093 -3.48828  1.000 23.96958 ? 51  SER C OG  1 
ATOM   922  N N   . LEU C 1 29 ? -4.00995  -10.65486 -3.18614  1.000 13.16920 ? 52  LEU C N   1 
ATOM   923  C CA  . LEU C 1 29 ? -5.07469  -9.73678  -2.78345  1.000 12.25635 ? 52  LEU C CA  1 
ATOM   924  C C   . LEU C 1 29 ? -5.56840  -8.90884  -3.96240  1.000 14.49620 ? 52  LEU C C   1 
ATOM   925  O O   . LEU C 1 29 ? -6.77393  -8.64403  -4.08686  1.000 12.24526 ? 52  LEU C O   1 
ATOM   926  C CB  . LEU C 1 29 ? -4.57784  -8.83367  -1.65486  1.000 10.39924 ? 52  LEU C CB  1 
ATOM   927  C CG  . LEU C 1 29 ? -4.53305  -9.49544  -0.27883  1.000 9.25708  ? 52  LEU C CG  1 
ATOM   928  C CD1 . LEU C 1 29 ? -3.62357  -8.71756  0.69989   1.000 12.76287 ? 52  LEU C CD1 1 
ATOM   929  C CD2 . LEU C 1 29 ? -5.94437  -9.64298  0.28058   1.000 16.86057 ? 52  LEU C CD2 1 
ATOM   930  N N   . GLU C 1 30 ? -4.65466  -8.46653  -4.82803  1.000 12.68766 ? 53  GLU C N   1 
ATOM   931  C CA  . GLU C 1 30 ? -5.07895  -7.72327  -6.01032  1.000 13.59792 ? 53  GLU C CA  1 
ATOM   932  C C   . GLU C 1 30 ? -6.01471  -8.56104  -6.87449  1.000 17.51336 ? 53  GLU C C   1 
ATOM   933  O O   . GLU C 1 30 ? -7.05729  -8.07158  -7.33694  1.000 15.80686 ? 53  GLU C O   1 
ATOM   934  C CB  . GLU C 1 30 ? -3.84845  -7.26890  -6.79560  1.000 13.40239 ? 53  GLU C CB  1 
ATOM   935  C CG  . GLU C 1 30 ? -3.06220  -6.20538  -6.05077  1.000 13.32134 ? 53  GLU C CG  1 
ATOM   936  C CD  . GLU C 1 30 ? -1.69533  -5.94927  -6.63113  1.000 19.78960 ? 53  GLU C CD  1 
ATOM   937  O OE1 . GLU C 1 30 ? -1.18641  -6.82890  -7.36152  1.000 20.99542 ? 53  GLU C OE1 1 
ATOM   938  O OE2 . GLU C 1 30 ? -1.12092  -4.87569  -6.33241  1.000 22.86851 ? 53  GLU C OE2 1 
ATOM   939  N N   . THR C 1 31 ? -5.67118  -9.83197  -7.08890  1.000 15.84250 ? 54  THR C N   1 
ATOM   940  C CA  . THR C 1 31 ? -6.52788  -10.70313 -7.88722  1.000 18.02476 ? 54  THR C CA  1 
ATOM   941  C C   . THR C 1 31 ? -7.85863  -10.95168 -7.18947  1.000 17.24640 ? 54  THR C C   1 
ATOM   942  O O   . THR C 1 31 ? -8.92495  -10.86685 -7.81347  1.000 15.49195 ? 54  THR C O   1 
ATOM   943  C CB  . THR C 1 31 ? -5.82396  -12.03264 -8.17550  1.000 19.37981 ? 54  THR C CB  1 
ATOM   944  O OG1 . THR C 1 31 ? -4.50658  -11.78623 -8.68152  1.000 26.28853 ? 54  THR C OG1 1 
ATOM   945  C CG2 . THR C 1 31 ? -6.61813  -12.83847 -9.20588  1.000 25.69858 ? 54  THR C CG2 1 
ATOM   946  N N   . GLU C 1 32 ? -7.81686  -11.28001 -5.89924  1.000 16.84965 ? 55  GLU C N   1 
ATOM   947  C CA  . GLU C 1 32 ? -9.05134  -11.51203 -5.15762  1.000 16.48770 ? 55  GLU C CA  1 
ATOM   948  C C   . GLU C 1 32 ? -9.92388  -10.26824 -5.16985  1.000 14.56933 ? 55  GLU C C   1 
ATOM   949  O O   . GLU C 1 32 ? -11.13456 -10.34257 -5.41986  1.000 13.35705 ? 55  GLU C O   1 
ATOM   950  C CB  . GLU C 1 32 ? -8.74562  -11.91788 -3.71474  1.000 17.53710 ? 55  GLU C CB  1 
ATOM   951  C CG  . GLU C 1 32 ? -8.30316  -13.35852 -3.53133  1.000 22.77035 ? 55  GLU C CG  1 
ATOM   952  C CD  . GLU C 1 32 ? -7.69161  -13.59561 -2.16128  1.000 30.42485 ? 55  GLU C CD  1 
ATOM   953  O OE1 . GLU C 1 32 ? -6.85378  -14.51582 -2.02551  1.000 34.82879 ? 55  GLU C OE1 1 
ATOM   954  O OE2 . GLU C 1 32 ? -8.05756  -12.86333 -1.21826  1.000 30.99956 ? 55  GLU C OE2 1 
ATOM   955  N N   . ASN C 1 33 ? -9.32945  -9.11043  -4.87741  1.000 11.07910 ? 56  ASN C N   1 
ATOM   956  C CA  . ASN C 1 33 ? -10.11313 -7.87816  -4.84400  1.000 8.76150  ? 56  ASN C CA  1 
ATOM   957  C C   . ASN C 1 33 ? -10.77207 -7.61561  -6.18286  1.000 12.87162 ? 56  ASN C C   1 
ATOM   958  O O   . ASN C 1 33 ? -11.91174 -7.14821  -6.23630  1.000 12.10315 ? 56  ASN C O   1 
ATOM   959  C CB  . ASN C 1 33 ? -9.23401  -6.69091  -4.44754  1.000 9.16433  ? 56  ASN C CB  1 
ATOM   960  C CG  . ASN C 1 33 ? -8.82480  -6.73075  -2.98209  1.000 10.79281 ? 56  ASN C CG  1 
ATOM   961  O OD1 . ASN C 1 33 ? -9.33239  -7.53519  -2.20701  1.000 9.71891  ? 56  ASN C OD1 1 
ATOM   962  N ND2 . ASN C 1 33 ? -7.92924  -5.83721  -2.59350  1.000 9.12805  ? 56  ASN C ND2 1 
ATOM   963  N N   . ALA C 1 34 ? -10.05126 -7.87054  -7.27725  1.000 12.37578 ? 57  ALA C N   1 
ATOM   964  C CA  . ALA C 1 34 ? -10.62598 -7.63711  -8.59845  1.000 14.16737 ? 57  ALA C CA  1 
ATOM   965  C C   . ALA C 1 34 ? -11.85836 -8.50281  -8.81760  1.000 16.82384 ? 57  ALA C C   1 
ATOM   966  O O   . ALA C 1 34 ? -12.87211 -8.02724  -9.34790  1.000 14.44955 ? 57  ALA C O   1 
ATOM   967  C CB  . ALA C 1 34 ? -9.58104  -7.89139  -9.68732  1.000 13.68863 ? 57  ALA C CB  1 
ATOM   968  N N   . GLY C 1 35 ? -11.80482 -9.76963  -8.38917  1.000 12.84277 ? 58  GLY C N   1 
ATOM   969  C CA  . GLY C 1 35 ? -12.97634 -10.62190 -8.50280  1.000 15.85947 ? 58  GLY C CA  1 
ATOM   970  C C   . GLY C 1 35 ? -14.14409 -10.12302 -7.67052  1.000 16.98885 ? 58  GLY C C   1 
ATOM   971  O O   . GLY C 1 35 ? -15.29354 -10.12664 -8.12632  1.000 14.64789 ? 58  GLY C O   1 
ATOM   972  N N   . LEU C 1 36 ? -13.86618 -9.69895  -6.43643  1.000 13.15002 ? 59  LEU C N   1 
ATOM   973  C CA  . LEU C 1 36 ? -14.92145 -9.19224  -5.56240  1.000 12.88223 ? 59  LEU C CA  1 
ATOM   974  C C   . LEU C 1 36 ? -15.56347 -7.94313  -6.14823  1.000 13.49244 ? 59  LEU C C   1 
ATOM   975  O O   . LEU C 1 36 ? -16.79219 -7.79177  -6.11041  1.000 13.41822 ? 59  LEU C O   1 
ATOM   976  C CB  . LEU C 1 36 ? -14.35390 -8.89850  -4.16722  1.000 13.42867 ? 59  LEU C CB  1 
ATOM   977  C CG  . LEU C 1 36 ? -13.85019 -10.09518 -3.35190  1.000 11.63282 ? 59  LEU C CG  1 
ATOM   978  C CD1 . LEU C 1 36 ? -13.11162 -9.64406  -2.09108  1.000 14.60275 ? 59  LEU C CD1 1 
ATOM   979  C CD2 . LEU C 1 36 ? -14.98366 -11.04207 -2.98789  1.000 18.08646 ? 59  LEU C CD2 1 
ATOM   980  N N   . ARG C 1 37 ? -14.74814 -7.02350  -6.68058  1.000 14.74718 ? 60  ARG C N   1 
ATOM   981  C CA  . ARG C 1 37 ? -15.30532 -5.80446  -7.25858  1.000 13.48538 ? 60  ARG C CA  1 
ATOM   982  C C   . ARG C 1 37 ? -16.18059 -6.13244  -8.45995  1.000 15.41922 ? 60  ARG C C   1 
ATOM   983  O O   . ARG C 1 37 ? -17.25733 -5.54730  -8.63880  1.000 12.75840 ? 60  ARG C O   1 
ATOM   984  C CB  . ARG C 1 37 ? -14.18553 -4.83247  -7.64712  1.000 17.02395 ? 60  ARG C CB  1 
ATOM   985  C CG  . ARG C 1 37 ? -14.42533 -3.39223  -7.18894  1.000 27.37161 ? 60  ARG C CG  1 
ATOM   986  C CD  . ARG C 1 37 ? -13.14329 -2.75277  -6.63569  1.000 27.22258 ? 60  ARG C CD  1 
ATOM   987  N NE  . ARG C 1 37 ? -12.01988 -3.04205  -7.51347  1.000 18.82808 ? 60  ARG C NE  1 
ATOM   988  C CZ  . ARG C 1 37 ? -10.79361 -3.35691  -7.11828  1.000 19.22000 ? 60  ARG C CZ  1 
ATOM   989  N NH1 . ARG C 1 37 ? -10.44189 -3.31809  -5.84286  1.000 17.92041 ? 60  ARG C NH1 1 
ATOM   990  N NH2 . ARG C 1 37 ? -9.89570  -3.72391  -8.02881  1.000 23.53122 ? 60  ARG C NH2 1 
ATOM   991  N N   . LEU C 1 38 ? -15.75486 -7.09801  -9.27478  1.000 15.08332 ? 61  LEU C N   1 
ATOM   992  C CA  . LEU C 1 38 ? -16.54550 -7.46928  -10.44429 1.000 15.59802 ? 61  LEU C CA  1 
ATOM   993  C C   . LEU C 1 38 ? -17.86849 -8.09432  -10.03705 1.000 16.18929 ? 61  LEU C C   1 
ATOM   994  O O   . LEU C 1 38 ? -18.90124 -7.84630  -10.67403 1.000 18.10600 ? 61  LEU C O   1 
ATOM   995  C CB  . LEU C 1 38 ? -15.74475 -8.42414  -11.32415 1.000 15.79313 ? 61  LEU C CB  1 
ATOM   996  C CG  . LEU C 1 38 ? -14.59323 -7.72077  -12.04175 1.000 20.72922 ? 61  LEU C CG  1 
ATOM   997  C CD1 . LEU C 1 38 ? -13.71756 -8.69974  -12.82371 1.000 23.58824 ? 61  LEU C CD1 1 
ATOM   998  C CD2 . LEU C 1 38 ? -15.13779 -6.63878  -12.96196 1.000 24.72278 ? 61  LEU C CD2 1 
ATOM   999  N N   . ARG C 1 39 ? -17.86104 -8.92189  -8.99022  1.000 12.61766 ? 62  ARG C N   1 
ATOM   1000 C CA  . ARG C 1 39 ? -19.12072 -9.46187  -8.49535  1.000 15.13865 ? 62  ARG C CA  1 
ATOM   1001 C C   . ARG C 1 39 ? -20.04229 -8.34611  -8.02780  1.000 15.23259 ? 62  ARG C C   1 
ATOM   1002 O O   . ARG C 1 39 ? -21.25445 -8.40191  -8.25294  1.000 16.01229 ? 62  ARG C O   1 
ATOM   1003 C CB  . ARG C 1 39 ? -18.86821 -10.46599 -7.37501  1.000 15.35817 ? 62  ARG C CB  1 
ATOM   1004 C CG  . ARG C 1 39 ? -19.99436 -10.55127 -6.35474  1.000 19.00023 ? 62  ARG C CG  1 
ATOM   1005 C CD  . ARG C 1 39 ? -20.04821 -11.92258 -5.71020  1.000 20.62215 ? 62  ARG C CD  1 
ATOM   1006 N NE  . ARG C 1 39 ? -21.29821 -12.12889 -4.98949  1.000 15.52674 ? 62  ARG C NE  1 
ATOM   1007 C CZ  . ARG C 1 39 ? -21.57304 -13.19938 -4.25939  1.000 20.31571 ? 62  ARG C CZ  1 
ATOM   1008 N NH1 . ARG C 1 39 ? -20.73400 -14.22125 -4.19242  1.000 25.89509 ? 62  ARG C NH1 1 
ATOM   1009 N NH2 . ARG C 1 39 ? -22.72021 -13.24813 -3.58207  1.000 17.81237 ? 62  ARG C NH2 1 
ATOM   1010 N N   . ILE C 1 40 ? -19.48504 -7.30537  -7.40272  1.000 12.37979 ? 63  ILE C N   1 
ATOM   1011 C CA  . ILE C 1 40 ? -20.32677 -6.21437  -6.91579  1.000 12.48584 ? 63  ILE C CA  1 
ATOM   1012 C C   . ILE C 1 40 ? -20.93320 -5.44301  -8.07846  1.000 12.99589 ? 63  ILE C C   1 
ATOM   1013 O O   . ILE C 1 40 ? -22.12319 -5.09305  -8.06130  1.000 17.41582 ? 63  ILE C O   1 
ATOM   1014 C CB  . ILE C 1 40 ? -19.52600 -5.28243  -5.97911  1.000 12.27697 ? 63  ILE C CB  1 
ATOM   1015 C CG1 . ILE C 1 40 ? -19.20458 -5.99525  -4.65199  1.000 9.43116  ? 63  ILE C CG1 1 
ATOM   1016 C CG2 . ILE C 1 40 ? -20.29073 -3.95892  -5.74758  1.000 11.59427 ? 63  ILE C CG2 1 
ATOM   1017 C CD1 . ILE C 1 40 ? -18.02472 -5.36869  -3.87236  1.000 9.81857  ? 63  ILE C CD1 1 
ATOM   1018 N N   . THR C 1 41 ? -20.13325 -5.14541  -9.09561  1.000 15.11822 ? 64  THR C N   1 
ATOM   1019 C CA  . THR C 1 41 ? -20.62170 -4.28656  -10.16405 1.000 13.80265 ? 64  THR C CA  1 
ATOM   1020 C C   . THR C 1 41 ? -21.35912 -5.06995  -11.23365 1.000 18.89124 ? 64  THR C C   1 
ATOM   1021 O O   . THR C 1 41 ? -22.27432 -4.53201  -11.86483 1.000 22.24465 ? 64  THR C O   1 
ATOM   1022 C CB  . THR C 1 41 ? -19.46483 -3.50485  -10.78965 1.000 18.94859 ? 64  THR C CB  1 
ATOM   1023 O OG1 . THR C 1 41 ? -18.48683 -4.42036  -11.28992 1.000 19.10586 ? 64  THR C OG1 1 
ATOM   1024 C CG2 . THR C 1 41 ? -18.80512 -2.61273  -9.74967  1.000 18.95616 ? 64  THR C CG2 1 
ATOM   1025 N N   . GLU C 1 42 ? -21.00206 -6.33302  -11.42857 1.000 23.68575 ? 65  GLU C N   1 
ATOM   1026 C CA  . GLU C 1 42 ? -21.61487 -7.14217  -12.47116 1.000 25.60087 ? 65  GLU C CA  1 
ATOM   1027 C C   . GLU C 1 42 ? -21.92907 -8.54084  -11.96851 1.000 23.72957 ? 65  GLU C C   1 
ATOM   1028 O O   . GLU C 1 42 ? -22.26958 -9.41668  -12.75911 1.000 32.42500 ? 65  GLU C O   1 
ATOM   1029 C CB  . GLU C 1 42 ? -20.69997 -7.21898  -13.69457 1.000 26.98696 ? 65  GLU C CB  1 
ATOM   1030 C CG  . GLU C 1 42 ? -20.30252 -5.87019  -14.26361 1.000 30.34115 ? 65  GLU C CG  1 
ATOM   1031 C CD  . GLU C 1 42 ? -21.48858 -5.09237  -14.81164 1.000 32.48036 ? 65  GLU C CD  1 
ATOM   1032 O OE1 . GLU C 1 42 ? -21.39090 -3.84607  -14.91432 1.000 36.54131 ? 65  GLU C OE1 1 
ATOM   1033 O OE2 . GLU C 1 42 ? -22.51979 -5.72459  -15.12828 1.000 32.59032 ? 65  GLU C OE2 1 
ATOM   1034 N N   . ILE D 1 3  ? -29.86341 6.68117   6.70735   1.000 17.47035 ? 26  ILE D N   1 
ATOM   1035 C CA  . ILE D 1 3  ? -30.04986 6.48806   5.27574   1.000 12.31321 ? 26  ILE D CA  1 
ATOM   1036 C C   . ILE D 1 3  ? -30.57670 5.07821   5.02604   1.000 14.44044 ? 26  ILE D C   1 
ATOM   1037 O O   . ILE D 1 3  ? -30.61226 4.24950   5.94010   1.000 18.60848 ? 26  ILE D O   1 
ATOM   1038 C CB  . ILE D 1 3  ? -28.75064 6.72899   4.49014   1.000 12.20567 ? 26  ILE D CB  1 
ATOM   1039 C CG1 . ILE D 1 3  ? -27.63377 5.83035   5.03049   1.000 16.63443 ? 26  ILE D CG1 1 
ATOM   1040 C CG2 . ILE D 1 3  ? -28.33329 8.19163   4.60683   1.000 16.75172 ? 26  ILE D CG2 1 
ATOM   1041 C CD1 . ILE D 1 3  ? -26.31555 6.02604   4.34550   1.000 14.62372 ? 26  ILE D CD1 1 
ATOM   1042 N N   . THR D 1 4  ? -30.98811 4.81197   3.79306   1.000 11.36629 ? 27  THR D N   1 
ATOM   1043 C CA  . THR D 1 4  ? -31.48973 3.49169   3.46372   1.000 11.54633 ? 27  THR D CA  1 
ATOM   1044 C C   . THR D 1 4  ? -30.33336 2.51203   3.33340   1.000 12.77457 ? 27  THR D C   1 
ATOM   1045 O O   . THR D 1 4  ? -29.17524 2.89537   3.15928   1.000 11.67271 ? 27  THR D O   1 
ATOM   1046 C CB  . THR D 1 4  ? -32.28755 3.50149   2.15712   1.000 14.79427 ? 27  THR D CB  1 
ATOM   1047 O OG1 . THR D 1 4  ? -31.41292 3.76686   1.04958   1.000 12.69132 ? 27  THR D OG1 1 
ATOM   1048 C CG2 . THR D 1 4  ? -33.39085 4.55356   2.20655   1.000 15.37119 ? 27  THR D CG2 1 
ATOM   1049 N N   . ARG D 1 5  ? -30.67366 1.22764   3.41360   1.000 11.41500 ? 28  ARG D N   1 
ATOM   1050 C CA  . ARG D 1 5  ? -29.67988 0.17889   3.22798   1.000 10.60265 ? 28  ARG D CA  1 
ATOM   1051 C C   . ARG D 1 5  ? -29.03591 0.26339   1.85357   1.000 10.50101 ? 28  ARG D C   1 
ATOM   1052 O O   . ARG D 1 5  ? -27.84204 -0.03025  1.70279   1.000 10.60126 ? 28  ARG D O   1 
ATOM   1053 C CB  . ARG D 1 5  ? -30.32949 -1.18417  3.44212   1.000 12.30884 ? 28  ARG D CB  1 
ATOM   1054 C CG  . ARG D 1 5  ? -30.40085 -1.53668  4.89301   1.000 13.27833 ? 28  ARG D CG  1 
ATOM   1055 C CD  . ARG D 1 5  ? -30.96523 -2.90517  5.14362   1.000 15.06625 ? 28  ARG D CD  1 
ATOM   1056 N NE  . ARG D 1 5  ? -31.11863 -3.08998  6.57917   1.000 16.10389 ? 28  ARG D NE  1 
ATOM   1057 C CZ  . ARG D 1 5  ? -30.21321 -3.65029  7.37250   1.000 15.28083 ? 28  ARG D CZ  1 
ATOM   1058 N NH1 . ARG D 1 5  ? -29.07579 -4.14191  6.89580   1.000 16.07108 ? 28  ARG D NH1 1 
ATOM   1059 N NH2 . ARG D 1 5  ? -30.45515 -3.71951  8.67815   1.000 16.81088 ? 28  ARG D NH2 1 
ATOM   1060 N N   . LEU D 1 6  ? -29.80979 0.64507   0.83337   1.000 9.71783  ? 29  LEU D N   1 
ATOM   1061 C CA  . LEU D 1 6  ? -29.23687 0.83320   -0.49339  1.000 8.21272  ? 29  LEU D CA  1 
ATOM   1062 C C   . LEU D 1 6  ? -28.23400 1.97921   -0.49215  1.000 11.92948 ? 29  LEU D C   1 
ATOM   1063 O O   . LEU D 1 6  ? -27.14375 1.86363   -1.05848  1.000 10.58724 ? 29  LEU D O   1 
ATOM   1064 C CB  . LEU D 1 6  ? -30.34754 1.08574   -1.51483  1.000 10.53395 ? 29  LEU D CB  1 
ATOM   1065 C CG  . LEU D 1 6  ? -29.86989 1.41995   -2.91936  1.000 11.99918 ? 29  LEU D CG  1 
ATOM   1066 C CD1 . LEU D 1 6  ? -29.01779 0.30006   -3.47908  1.000 11.67717 ? 29  LEU D CD1 1 
ATOM   1067 C CD2 . LEU D 1 6  ? -31.06719 1.66074   -3.80961  1.000 11.88352 ? 29  LEU D CD2 1 
ATOM   1068 N N   . GLN D 1 7  ? -28.59956 3.10465   0.12712   1.000 10.62836 ? 30  GLN D N   1 
ATOM   1069 C CA  . GLN D 1 7  ? -27.67632 4.23143   0.21338   1.000 10.52859 ? 30  GLN D CA  1 
ATOM   1070 C C   . GLN D 1 7  ? -26.43665 3.85429   1.00066   1.000 10.80430 ? 30  GLN D C   1 
ATOM   1071 O O   . GLN D 1 7  ? -25.31855 4.27422   0.66309   1.000 13.08653 ? 30  GLN D O   1 
ATOM   1072 C CB  . GLN D 1 7  ? -28.39194 5.42744   0.84485   1.000 9.79852  ? 30  GLN D CB  1 
ATOM   1073 C CG  . GLN D 1 7  ? -29.46766 5.96468   -0.07117  1.000 13.88881 ? 30  GLN D CG  1 
ATOM   1074 C CD  . GLN D 1 7  ? -30.22650 7.08507   0.56211   1.000 12.52475 ? 30  GLN D CD  1 
ATOM   1075 O OE1 . GLN D 1 7  ? -30.70350 6.96426   1.69363   1.000 12.94843 ? 30  GLN D OE1 1 
ATOM   1076 N NE2 . GLN D 1 7  ? -30.32631 8.20205   -0.14532  1.000 15.16441 ? 30  GLN D NE2 1 
ATOM   1077 N N   . GLU D 1 8  ? -26.60410 3.01856   2.02569   1.000 9.86618  ? 31  GLU D N   1 
ATOM   1078 C CA  . GLU D 1 8  ? -25.45404 2.59106   2.81422   1.000 10.23646 ? 31  GLU D CA  1 
ATOM   1079 C C   . GLU D 1 8  ? -24.47727 1.80156   1.95986   1.000 10.85909 ? 31  GLU D C   1 
ATOM   1080 O O   . GLU D 1 8  ? -23.26248 2.03540   2.00286   1.000 10.38409 ? 31  GLU D O   1 
ATOM   1081 C CB  . GLU D 1 8  ? -25.90455 1.75287   4.01369   1.000 17.41500 ? 31  GLU D CB  1 
ATOM   1082 C CG  . GLU D 1 8  ? -26.61667 2.57472   5.07563   1.000 19.76090 ? 31  GLU D CG  1 
ATOM   1083 C CD  . GLU D 1 8  ? -25.66775 3.05436   6.15749   1.000 23.14319 ? 31  GLU D CD  1 
ATOM   1084 O OE1 . GLU D 1 8  ? -26.14324 3.56876   7.20042   1.000 26.53240 ? 31  GLU D OE1 1 
ATOM   1085 O OE2 . GLU D 1 8  ? -24.43912 2.95733   5.93993   1.000 23.90981 ? 31  GLU D OE2 1 
ATOM   1086 N N   . LYS D 1 9  ? -24.97722 0.84061   1.19132   1.000 10.30289 ? 32  LYS D N   1 
ATOM   1087 C CA  . LYS D 1 9  ? -24.02454 0.02069   0.45333   1.000 10.39026 ? 32  LYS D CA  1 
ATOM   1088 C C   . LYS D 1 9  ? -23.44959 0.76655   -0.75083  1.000 9.60384  ? 32  LYS D C   1 
ATOM   1089 O O   . LYS D 1 9  ? -22.31358 0.48527   -1.15712  1.000 8.67470  ? 32  LYS D O   1 
ATOM   1090 C CB  . LYS D 1 9  ? -24.65400 -1.32442  0.06174   1.000 13.18651 ? 32  LYS D CB  1 
ATOM   1091 C CG  . LYS D 1 9  ? -25.71374 -1.29788  -0.99470  1.000 10.86366 ? 32  LYS D CG  1 
ATOM   1092 C CD  . LYS D 1 9  ? -26.50889 -2.61172  -0.98462  1.000 12.38330 ? 32  LYS D CD  1 
ATOM   1093 C CE  . LYS D 1 9  ? -27.20176 -2.81306  -2.31111  1.000 14.75441 ? 32  LYS D CE  1 
ATOM   1094 N NZ  . LYS D 1 9  ? -28.05987 -4.02238  -2.25873  1.000 16.65947 ? 32  LYS D NZ  1 
ATOM   1095 N N   . GLU D 1 10 ? -24.18225 1.73847   -1.29803  1.000 8.83069  ? 33  GLU D N   1 
ATOM   1096 C CA  . GLU D 1 10 ? -23.61377 2.62211   -2.31559  1.000 7.98654  ? 33  GLU D CA  1 
ATOM   1097 C C   . GLU D 1 10 ? -22.50128 3.48938   -1.73798  1.000 9.93332  ? 33  GLU D C   1 
ATOM   1098 O O   . GLU D 1 10 ? -21.43856 3.64640   -2.35193  1.000 10.86978 ? 33  GLU D O   1 
ATOM   1099 C CB  . GLU D 1 10 ? -24.70336 3.50211   -2.91879  1.000 10.59468 ? 33  GLU D CB  1 
ATOM   1100 C CG  . GLU D 1 10 ? -25.80925 2.72956   -3.58052  1.000 14.13677 ? 33  GLU D CG  1 
ATOM   1101 C CD  . GLU D 1 10 ? -26.98508 3.61472   -3.95504  1.000 16.48397 ? 33  GLU D CD  1 
ATOM   1102 O OE1 . GLU D 1 10 ? -27.25605 4.60023   -3.22762  1.000 19.24155 ? 33  GLU D OE1 1 
ATOM   1103 O OE2 . GLU D 1 10 ? -27.64750 3.31476   -4.97092  1.000 26.25260 ? 33  GLU D OE2 1 
ATOM   1104 N N   . ASP D 1 11 ? -22.74232 4.09072   -0.57189  1.000 8.41167  ? 34  ASP D N   1 
ATOM   1105 C CA  . ASP D 1 11 ? -21.70124 4.87123   0.08921   1.000 7.61527  ? 34  ASP D CA  1 
ATOM   1106 C C   . ASP D 1 11 ? -20.46485 4.01658   0.34893   1.000 8.82156  ? 34  ASP D C   1 
ATOM   1107 O O   . ASP D 1 11 ? -19.32310 4.48229   0.19869   1.000 8.83554  ? 34  ASP D O   1 
ATOM   1108 C CB  . ASP D 1 11 ? -22.23951 5.43915   1.41106   1.000 9.98947  ? 34  ASP D CB  1 
ATOM   1109 C CG  . ASP D 1 11 ? -23.22744 6.57611   1.21028   1.000 13.24876 ? 34  ASP D CG  1 
ATOM   1110 O OD1 . ASP D 1 11 ? -23.42505 6.99408   0.04605   1.000 12.45383 ? 34  ASP D OD1 1 
ATOM   1111 O OD2 . ASP D 1 11 ? -23.82696 7.04048   2.22712   1.000 10.08424 ? 34  ASP D OD2 1 
ATOM   1112 N N   . LEU D 1 12 ? -20.67360 2.76327   0.75291   1.000 7.40136  ? 35  LEU D N   1 
ATOM   1113 C CA  . LEU D 1 12 ? -19.55673 1.87127   1.04741   1.000 5.94861  ? 35  LEU D CA  1 
ATOM   1114 C C   . LEU D 1 12 ? -18.76258 1.55067   -0.21393  1.000 8.48057  ? 35  LEU D C   1 
ATOM   1115 O O   . LEU D 1 12 ? -17.53040 1.62653   -0.21557  1.000 9.97864  ? 35  LEU D O   1 
ATOM   1116 C CB  . LEU D 1 12 ? -20.07470 0.59450   1.71070   1.000 8.34829  ? 35  LEU D CB  1 
ATOM   1117 C CG  . LEU D 1 12 ? -19.04321 -0.53274  1.80105   1.000 9.62906  ? 35  LEU D CG  1 
ATOM   1118 C CD1 . LEU D 1 12 ? -17.79519 -0.10535  2.57633   1.000 8.52820  ? 35  LEU D CD1 1 
ATOM   1119 C CD2 . LEU D 1 12 ? -19.67715 -1.77549  2.45218   1.000 10.37565 ? 35  LEU D CD2 1 
ATOM   1120 N N   . GLN D 1 13 ? -19.44551 1.23143   -1.31605  1.000 8.41409  ? 36  GLN D N   1 
ATOM   1121 C CA  . GLN D 1 13 ? -18.69157 0.92732   -2.52991  1.000 8.90791  ? 36  GLN D CA  1 
ATOM   1122 C C   . GLN D 1 13 ? -17.95174 2.15437   -3.05546  1.000 8.47592  ? 36  GLN D C   1 
ATOM   1123 O O   . GLN D 1 13 ? -16.84434 2.01884   -3.58482  1.000 10.66332 ? 36  GLN D O   1 
ATOM   1124 C CB  . GLN D 1 13 ? -19.61072 0.35162   -3.60382  1.000 9.70458  ? 36  GLN D CB  1 
ATOM   1125 C CG  . GLN D 1 13 ? -18.86324 -0.28698  -4.81990  1.000 12.05097 ? 36  GLN D CG  1 
ATOM   1126 C CD  . GLN D 1 13 ? -17.73991 -1.29117  -4.44856  1.000 11.69488 ? 36  GLN D CD  1 
ATOM   1127 O OE1 . GLN D 1 13 ? -17.71320 -1.86138  -3.35804  1.000 10.02591 ? 36  GLN D OE1 1 
ATOM   1128 N NE2 . GLN D 1 13 ? -16.82834 -1.51752  -5.38761  1.000 16.48277 ? 36  GLN D NE2 1 
ATOM   1129 N N   . GLU D 1 14 ? -18.52424 3.35910   -2.91348  1.000 9.11507  ? 37  GLU D N   1 
ATOM   1130 C CA  . GLU D 1 14 ? -17.76954 4.57330   -3.24476  1.000 8.11617  ? 37  GLU D CA  1 
ATOM   1131 C C   . GLU D 1 14 ? -16.48978 4.66678   -2.41732  1.000 9.06433  ? 37  GLU D C   1 
ATOM   1132 O O   . GLU D 1 14 ? -15.41116 4.94830   -2.95396  1.000 9.67367  ? 37  GLU D O   1 
ATOM   1133 C CB  . GLU D 1 14 ? -18.64584 5.80729   -3.03215  1.000 11.66417 ? 37  GLU D CB  1 
ATOM   1134 C CG  . GLU D 1 14 ? -19.91449 5.78482   -3.86952  1.000 21.01978 ? 37  GLU D CG  1 
ATOM   1135 C CD  . GLU D 1 14 ? -20.82593 6.99142   -3.64597  1.000 28.83177 ? 37  GLU D CD  1 
ATOM   1136 O OE1 . GLU D 1 14 ? -20.32011 8.13533   -3.58234  1.000 26.42583 ? 37  GLU D OE1 1 
ATOM   1137 O OE2 . GLU D 1 14 ? -22.05960 6.79125   -3.52621  1.000 33.10862 ? 37  GLU D OE2 1 
ATOM   1138 N N   . LEU D 1 15 ? -16.58371 4.39639   -1.11487  1.000 9.11121  ? 38  LEU D N   1 
ATOM   1139 C CA  . LEU D 1 15 ? -15.40545 4.41749   -0.25750  1.000 8.38520  ? 38  LEU D CA  1 
ATOM   1140 C C   . LEU D 1 15 ? -14.40322 3.34749   -0.67414  1.000 9.77683  ? 38  LEU D C   1 
ATOM   1141 O O   . LEU D 1 15 ? -13.19517 3.60015   -0.72124  1.000 8.49790  ? 38  LEU D O   1 
ATOM   1142 C CB  . LEU D 1 15 ? -15.83407 4.23353   1.19714   1.000 11.00099 ? 38  LEU D CB  1 
ATOM   1143 C CG  . LEU D 1 15 ? -14.75442 4.31879   2.27701   1.000 13.80959 ? 38  LEU D CG  1 
ATOM   1144 C CD1 . LEU D 1 15 ? -13.91416 5.57877   2.08974   1.000 16.41736 ? 38  LEU D CD1 1 
ATOM   1145 C CD2 . LEU D 1 15 ? -15.43744 4.31154   3.64841   1.000 15.47098 ? 38  LEU D CD2 1 
ATOM   1146 N N   . ASN D 1 16 ? -14.88538 2.14057   -0.98069  1.000 8.86035  ? 39  ASN D N   1 
ATOM   1147 C CA  . ASN D 1 16 ? -13.99476 1.08983   -1.45925  1.000 8.45833  ? 39  ASN D CA  1 
ATOM   1148 C C   . ASN D 1 16 ? -13.23859 1.55769   -2.69127  1.000 8.19263  ? 39  ASN D C   1 
ATOM   1149 O O   . ASN D 1 16 ? -12.03798 1.30411   -2.83543  1.000 9.82401  ? 39  ASN D O   1 
ATOM   1150 C CB  . ASN D 1 16 ? -14.79427 -0.17498  -1.79128  1.000 8.15813  ? 39  ASN D CB  1 
ATOM   1151 C CG  . ASN D 1 16 ? -15.26019 -0.93360  -0.55048  1.000 8.36013  ? 39  ASN D CG  1 
ATOM   1152 O OD1 . ASN D 1 16 ? -14.66001 -0.84353  0.53130   1.000 8.62087  ? 39  ASN D OD1 1 
ATOM   1153 N ND2 . ASN D 1 16 ? -16.32360 -1.71808  -0.72230  1.000 10.21260 ? 39  ASN D ND2 1 
ATOM   1154 N N   . ASP D 1 17 ? -13.92970 2.24996   -3.59139  1.000 7.50487  ? 40  ASP D N   1 
ATOM   1155 C CA  . ASP D 1 17 ? -13.27635 2.73409   -4.80141  1.000 8.24580  ? 40  ASP D CA  1 
ATOM   1156 C C   . ASP D 1 17 ? -12.25827 3.82286   -4.48308  1.000 9.56540  ? 40  ASP D C   1 
ATOM   1157 O O   . ASP D 1 17 ? -11.19101 3.88441   -5.10558  1.000 11.10847 ? 40  ASP D O   1 
ATOM   1158 C CB  . ASP D 1 17 ? -14.32905 3.25173   -5.77914  1.000 8.30631  ? 40  ASP D CB  1 
ATOM   1159 C CG  . ASP D 1 17 ? -15.15327 2.12874   -6.38573  1.000 11.34010 ? 40  ASP D CG  1 
ATOM   1160 O OD1 . ASP D 1 17 ? -14.73344 0.95376   -6.26970  1.000 15.54320 ? 40  ASP D OD1 1 
ATOM   1161 O OD2 . ASP D 1 17 ? -16.20827 2.41777   -6.99253  1.000 15.38448 ? 40  ASP D OD2 1 
ATOM   1162 N N   . ARG D 1 18 ? -12.58046 4.70458   -3.53447  1.000 8.49502  ? 41  ARG D N   1 
ATOM   1163 C CA  . ARG D 1 18 ? -11.63223 5.74206   -3.15098  1.000 8.97694  ? 41  ARG D CA  1 
ATOM   1164 C C   . ARG D 1 18 ? -10.37528 5.12443   -2.54873  1.000 10.06559 ? 41  ARG D C   1 
ATOM   1165 O O   . ARG D 1 18 ? -9.25889  5.56069   -2.84029  1.000 10.50555 ? 41  ARG D O   1 
ATOM   1166 C CB  . ARG D 1 18 ? -12.25566 6.70116   -2.14589  1.000 12.93361 ? 41  ARG D CB  1 
ATOM   1167 C CG  . ARG D 1 18 ? -13.36693 7.55989   -2.68934  1.000 14.91013 ? 41  ARG D CG  1 
ATOM   1168 C CD  . ARG D 1 18 ? -13.87245 8.52504   -1.62400  1.000 15.04032 ? 41  ARG D CD  1 
ATOM   1169 N NE  . ARG D 1 18 ? -15.13011 9.14442   -2.03563  1.000 23.15039 ? 41  ARG D NE  1 
ATOM   1170 C CZ  . ARG D 1 18 ? -15.25542 10.04666  -3.00056  1.000 31.21305 ? 41  ARG D CZ  1 
ATOM   1171 N NH1 . ARG D 1 18 ? -14.20933 10.47859  -3.68652  1.000 23.40933 ? 41  ARG D NH1 1 
ATOM   1172 N NH2 . ARG D 1 18 ? -16.46731 10.50982  -3.30127  1.000 27.01625 ? 41  ARG D NH2 1 
ATOM   1173 N N   . LEU D 1 19 ? -10.54303 4.11859   -1.69009  1.000 12.07673 ? 42  LEU D N   1 
ATOM   1174 C CA  . LEU D 1 19 ? -9.39466  3.41804   -1.12864  1.000 9.73017  ? 42  LEU D CA  1 
ATOM   1175 C C   . LEU D 1 19 ? -8.51542  2.85930   -2.23716  1.000 10.86243 ? 42  LEU D C   1 
ATOM   1176 O O   . LEU D 1 19 ? -7.28849  2.99957   -2.20647  1.000 10.66171 ? 42  LEU D O   1 
ATOM   1177 C CB  . LEU D 1 19 ? -9.86424  2.29379   -0.19358  1.000 10.52783 ? 42  LEU D CB  1 
ATOM   1178 C CG  . LEU D 1 19 ? -10.54298 2.74650   1.10370   1.000 14.44213 ? 42  LEU D CG  1 
ATOM   1179 C CD1 . LEU D 1 19 ? -11.28845 1.58814   1.75437   1.000 16.61416 ? 42  LEU D CD1 1 
ATOM   1180 C CD2 . LEU D 1 19 ? -9.46908  3.24651   2.05081   1.000 15.79202 ? 42  LEU D CD2 1 
ATOM   1181 N N   . ALA D 1 20 ? -9.13255  2.23327   -3.24056  1.000 9.52978  ? 43  ALA D N   1 
ATOM   1182 C CA  . ALA D 1 20 ? -8.35691  1.63020   -4.31937  1.000 10.16349 ? 43  ALA D CA  1 
ATOM   1183 C C   . ALA D 1 20 ? -7.59390  2.68649   -5.09571  1.000 11.71856 ? 43  ALA D C   1 
ATOM   1184 O O   . ALA D 1 20 ? -6.43427  2.48017   -5.47456  1.000 12.37389 ? 43  ALA D O   1 
ATOM   1185 C CB  . ALA D 1 20 ? -9.27875  0.84399   -5.24950  1.000 11.74030 ? 43  ALA D CB  1 
ATOM   1186 N N   . VAL D 1 21 ? -8.23137  3.82225   -5.36969  1.000 8.85047  ? 44  VAL D N   1 
ATOM   1187 C CA  . VAL D 1 21 ? -7.52568  4.87751   -6.08463  1.000 11.19772 ? 44  VAL D CA  1 
ATOM   1188 C C   . VAL D 1 21 ? -6.34313  5.37516   -5.26444  1.000 11.57438 ? 44  VAL D C   1 
ATOM   1189 O O   . VAL D 1 21 ? -5.26659  5.64895   -5.80585  1.000 13.21661 ? 44  VAL D O   1 
ATOM   1190 C CB  . VAL D 1 21 ? -8.49441  6.01449   -6.44583  1.000 11.30830 ? 44  VAL D CB  1 
ATOM   1191 C CG1 . VAL D 1 21 ? -7.71067  7.25726   -6.87539  1.000 12.07871 ? 44  VAL D CG1 1 
ATOM   1192 C CG2 . VAL D 1 21 ? -9.45384  5.54421   -7.52980  1.000 15.13257 ? 44  VAL D CG2 1 
ATOM   1193 N N   . TYR D 1 22 ? -6.51913  5.50277   -3.94654  1.000 9.87594  ? 45  TYR D N   1 
ATOM   1194 C CA  . TYR D 1 22 ? -5.42682  6.02366   -3.12993  1.000 9.82314  ? 45  TYR D CA  1 
ATOM   1195 C C   . TYR D 1 22 ? -4.29252  5.01855   -2.98870  1.000 12.07758 ? 45  TYR D C   1 
ATOM   1196 O O   . TYR D 1 22 ? -3.12539  5.42312   -2.92876  1.000 11.57806 ? 45  TYR D O   1 
ATOM   1197 C CB  . TYR D 1 22 ? -5.95462  6.47732   -1.76851  1.000 12.04679 ? 45  TYR D CB  1 
ATOM   1198 C CG  . TYR D 1 22 ? -6.30643  7.93865   -1.78896  1.000 13.45896 ? 45  TYR D CG  1 
ATOM   1199 C CD1 . TYR D 1 22 ? -7.54463  8.36972   -2.26032  1.000 16.08556 ? 45  TYR D CD1 1 
ATOM   1200 C CD2 . TYR D 1 22 ? -5.37938  8.89945   -1.39499  1.000 17.32748 ? 45  TYR D CD2 1 
ATOM   1201 C CE1 . TYR D 1 22 ? -7.86243  9.72053   -2.30411  1.000 15.61344 ? 45  TYR D CE1 1 
ATOM   1202 C CE2 . TYR D 1 22 ? -5.68911  10.24791  -1.44001  1.000 19.07986 ? 45  TYR D CE2 1 
ATOM   1203 C CZ  . TYR D 1 22 ? -6.92666  10.64974  -1.89148  1.000 19.01794 ? 45  TYR D CZ  1 
ATOM   1204 O OH  . TYR D 1 22 ? -7.21813  11.99131  -1.93277  1.000 28.55293 ? 45  TYR D OH  1 
ATOM   1205 N N   . ILE D 1 23 ? -4.59554  3.71929   -2.95627  1.000 12.15913 ? 46  ILE D N   1 
ATOM   1206 C CA  . ILE D 1 23 ? -3.53105  2.71702   -2.98487  1.000 10.89251 ? 46  ILE D CA  1 
ATOM   1207 C C   . ILE D 1 23 ? -2.73253  2.85125   -4.27189  1.000 12.81858 ? 46  ILE D C   1 
ATOM   1208 O O   . ILE D 1 23 ? -1.49753  2.79480   -4.26711  1.000 11.53317 ? 46  ILE D O   1 
ATOM   1209 C CB  . ILE D 1 23 ? -4.11726  1.30039   -2.82975  1.000 14.08327 ? 46  ILE D CB  1 
ATOM   1210 C CG1 . ILE D 1 23 ? -4.65890  1.10764   -1.41499  1.000 13.55883 ? 46  ILE D CG1 1 
ATOM   1211 C CG2 . ILE D 1 23 ? -3.07324  0.22590   -3.17319  1.000 13.80229 ? 46  ILE D CG2 1 
ATOM   1212 C CD1 . ILE D 1 23 ? -5.48329  -0.15986  -1.26749  1.000 10.78322 ? 46  ILE D CD1 1 
ATOM   1213 N N   . ASP D 1 24 ? -3.43032  3.03943   -5.39750  1.000 11.29299 ? 47  ASP D N   1 
ATOM   1214 C CA  . ASP D 1 24 ? -2.75586  3.24150   -6.67569  1.000 11.24330 ? 47  ASP D CA  1 
ATOM   1215 C C   . ASP D 1 24 ? -1.91094  4.50784   -6.65148  1.000 10.70925 ? 47  ASP D C   1 
ATOM   1216 O O   . ASP D 1 24 ? -0.80648  4.54785   -7.21498  1.000 10.20913 ? 47  ASP D O   1 
ATOM   1217 C CB  . ASP D 1 24 ? -3.79735  3.33377   -7.78787  1.000 12.03457 ? 47  ASP D CB  1 
ATOM   1218 C CG  . ASP D 1 24 ? -4.39814  2.00178   -8.14134  1.000 18.61282 ? 47  ASP D CG  1 
ATOM   1219 O OD1 . ASP D 1 24 ? -5.37147  1.99985   -8.92716  1.000 24.68995 ? 47  ASP D OD1 1 
ATOM   1220 O OD2 . ASP D 1 24 ? -3.90616  0.96687   -7.64942  1.000 25.35743 ? 47  ASP D OD2 1 
ATOM   1221 N N   . ARG D 1 25 ? -2.41879  5.55852   -6.00616  1.000 10.23254 ? 48  ARG D N   1 
ATOM   1222 C CA  . ARG D 1 25 ? -1.70054  6.82961   -5.98612  1.000 9.03780  ? 48  ARG D CA  1 
ATOM   1223 C C   . ARG D 1 25 ? -0.44155  6.73088   -5.14512  1.000 9.59028  ? 48  ARG D C   1 
ATOM   1224 O O   . ARG D 1 25 ? 0.60154   7.26545   -5.52853  1.000 9.60053  ? 48  ARG D O   1 
ATOM   1225 C CB  . ARG D 1 25 ? -2.59983  7.95239   -5.46403  1.000 12.22740 ? 48  ARG D CB  1 
ATOM   1226 C CG  . ARG D 1 25 ? -2.16525  9.33662   -5.94212  1.000 20.42619 ? 48  ARG D CG  1 
ATOM   1227 C CD  . ARG D 1 25 ? -2.95162  10.45568  -5.26869  1.000 26.94724 ? 48  ARG D CD  1 
ATOM   1228 N NE  . ARG D 1 25 ? -2.48066  11.76868  -5.69932  1.000 29.79303 ? 48  ARG D NE  1 
ATOM   1229 C CZ  . ARG D 1 25 ? -2.94444  12.42574  -6.75453  1.000 30.08590 ? 48  ARG D CZ  1 
ATOM   1230 N NH1 . ARG D 1 25 ? -3.92609  11.93712  -7.49901  1.000 25.72434 ? 48  ARG D NH1 1 
ATOM   1231 N NH2 . ARG D 1 25 ? -2.41504  13.60642  -7.06666  1.000 30.81091 ? 48  ARG D NH2 1 
ATOM   1232 N N   . VAL D 1 26 ? -0.51606  6.05130   -3.99932  1.000 8.56602  ? 49  VAL D N   1 
ATOM   1233 C CA  . VAL D 1 26 ? 0.68472   5.81590   -3.19868  1.000 6.80446  ? 49  VAL D CA  1 
ATOM   1234 C C   . VAL D 1 26 ? 1.72998   5.08317   -4.03447  1.000 7.65326  ? 49  VAL D C   1 
ATOM   1235 O O   . VAL D 1 26 ? 2.90049   5.47188   -4.06834  1.000 9.62617  ? 49  VAL D O   1 
ATOM   1236 C CB  . VAL D 1 26 ? 0.33621   5.03633   -1.91285  1.000 7.95961  ? 49  VAL D CB  1 
ATOM   1237 C CG1 . VAL D 1 26 ? 1.61091   4.48003   -1.25097  1.000 8.39780  ? 49  VAL D CG1 1 
ATOM   1238 C CG2 . VAL D 1 26 ? -0.41758  5.92017   -0.95119  1.000 8.76851  ? 49  VAL D CG2 1 
ATOM   1239 N N   . ARG D 1 27 ? 1.31536   4.01849   -4.73368  1.000 8.19474  ? 50  ARG D N   1 
ATOM   1240 C CA  . ARG D 1 27 ? 2.25179   3.23526   -5.53948  1.000 8.82445  ? 50  ARG D CA  1 
ATOM   1241 C C   . ARG D 1 27 ? 2.90984   4.09254   -6.61635  1.000 10.36547 ? 50  ARG D C   1 
ATOM   1242 O O   . ARG D 1 27 ? 4.12648   4.02050   -6.82368  1.000 9.54647  ? 50  ARG D O   1 
ATOM   1243 C CB  . ARG D 1 27 ? 1.54069   2.03737   -6.17004  1.000 14.38713 ? 50  ARG D CB  1 
ATOM   1244 C CG  . ARG D 1 27 ? 2.45693   1.19569   -7.03515  1.000 13.27134 ? 50  ARG D CG  1 
ATOM   1245 C CD  . ARG D 1 27 ? 1.68444   0.38093   -8.04820  1.000 18.43806 ? 50  ARG D CD  1 
ATOM   1246 N NE  . ARG D 1 27 ? 0.93105   -0.69482  -7.42475  1.000 26.07843 ? 50  ARG D NE  1 
ATOM   1247 C CZ  . ARG D 1 27 ? -0.39262  -0.75745  -7.38954  1.000 23.88482 ? 50  ARG D CZ  1 
ATOM   1248 N NH1 . ARG D 1 27 ? -1.14438  0.17890   -7.94534  1.000 27.55984 ? 50  ARG D NH1 1 
ATOM   1249 N NH2 . ARG D 1 27 ? -0.97648  -1.78821  -6.78469  1.000 22.94630 ? 50  ARG D NH2 1 
ATOM   1250 N N   . SER D 1 28 ? 2.12336   4.89957   -7.33467  1.000 7.42092  ? 51  SER D N   1 
ATOM   1251 C CA  . SER D 1 28 ? 2.73205   5.72601   -8.37724  1.000 8.31119  ? 51  SER D CA  1 
ATOM   1252 C C   . SER D 1 28 ? 3.66400   6.77695   -7.77868  1.000 8.84033  ? 51  SER D C   1 
ATOM   1253 O O   . SER D 1 28 ? 4.73270   7.05800   -8.33941  1.000 9.72241  ? 51  SER D O   1 
ATOM   1254 C CB  . SER D 1 28 ? 1.65331   6.37438   -9.25964  1.000 10.71259 ? 51  SER D CB  1 
ATOM   1255 O OG  . SER D 1 28 ? 0.87595   7.34459   -8.56459  1.000 12.83377 ? 51  SER D OG  1 
ATOM   1256 N N   . LEU D 1 29 ? 3.28056   7.37054   -6.65104  1.000 8.46261  ? 52  LEU D N   1 
ATOM   1257 C CA  . LEU D 1 29 ? 4.13691   8.38003   -6.03243  1.000 6.91500  ? 52  LEU D CA  1 
ATOM   1258 C C   . LEU D 1 29 ? 5.42724   7.76684   -5.51300  1.000 7.56281  ? 52  LEU D C   1 
ATOM   1259 O O   . LEU D 1 29 ? 6.48712   8.39256   -5.59789  1.000 9.80342  ? 52  LEU D O   1 
ATOM   1260 C CB  . LEU D 1 29 ? 3.38409   9.08062   -4.89924  1.000 9.53337  ? 52  LEU D CB  1 
ATOM   1261 C CG  . LEU D 1 29 ? 2.32914   10.05216  -5.42480  1.000 11.91443 ? 52  LEU D CG  1 
ATOM   1262 C CD1 . LEU D 1 29 ? 1.32472   10.35053  -4.32837  1.000 11.39355 ? 52  LEU D CD1 1 
ATOM   1263 C CD2 . LEU D 1 29 ? 2.99211   11.32001  -5.89156  1.000 10.96982 ? 52  LEU D CD2 1 
ATOM   1264 N N   . GLU D 1 30 ? 5.35723   6.54699   -4.96466  1.000 8.35991  ? 53  GLU D N   1 
ATOM   1265 C CA  . GLU D 1 30 ? 6.57185   5.85735   -4.53066  1.000 6.94730  ? 53  GLU D CA  1 
ATOM   1266 C C   . GLU D 1 30 ? 7.51668   5.64196   -5.70687  1.000 7.42172  ? 53  GLU D C   1 
ATOM   1267 O O   . GLU D 1 30 ? 8.73575   5.82938   -5.57811  1.000 8.23445  ? 53  GLU D O   1 
ATOM   1268 C CB  . GLU D 1 30 ? 6.22852   4.51389   -3.87157  1.000 9.82073  ? 53  GLU D CB  1 
ATOM   1269 C CG  . GLU D 1 30 ? 5.53288   4.61692   -2.51523  1.000 11.47957 ? 53  GLU D CG  1 
ATOM   1270 C CD  . GLU D 1 30 ? 4.91625   3.30677   -2.03953  1.000 10.12597 ? 53  GLU D CD  1 
ATOM   1271 O OE1 . GLU D 1 30 ? 4.61547   2.42544   -2.87246  1.000 14.98135 ? 53  GLU D OE1 1 
ATOM   1272 O OE2 . GLU D 1 30 ? 4.69772   3.17349   -0.81444  1.000 14.20367 ? 53  GLU D OE2 1 
ATOM   1273 N N   . THR D 1 31 ? 6.96726   5.23685   -6.85720  1.000 8.57288  ? 54  THR D N   1 
ATOM   1274 C CA  . THR D 1 31 ? 7.76826   5.06321   -8.06462  1.000 7.32014  ? 54  THR D CA  1 
ATOM   1275 C C   . THR D 1 31 ? 8.39749   6.37920   -8.50132  1.000 9.32758  ? 54  THR D C   1 
ATOM   1276 O O   . THR D 1 31 ? 9.59803   6.43458   -8.77546  1.000 7.75323  ? 54  THR D O   1 
ATOM   1277 C CB  . THR D 1 31 ? 6.90055   4.47897   -9.18143  1.000 8.13979  ? 54  THR D CB  1 
ATOM   1278 O OG1 . THR D 1 31 ? 6.48567   3.17058   -8.79003  1.000 11.25125 ? 54  THR D OG1 1 
ATOM   1279 C CG2 . THR D 1 31 ? 7.68784   4.35809   -10.47870 1.000 10.05373 ? 54  THR D CG2 1 
ATOM   1280 N N   . GLU D 1 32 ? 7.60104   7.45616   -8.55601  1.000 7.97607  ? 55  GLU D N   1 
ATOM   1281 C CA  . GLU D 1 32 ? 8.14148   8.76034   -8.93135  1.000 7.78037  ? 55  GLU D CA  1 
ATOM   1282 C C   . GLU D 1 32 ? 9.23261   9.18862   -7.96144  1.000 7.86280  ? 55  GLU D C   1 
ATOM   1283 O O   . GLU D 1 32 ? 10.29060  9.67695   -8.37637  1.000 8.73509  ? 55  GLU D O   1 
ATOM   1284 C CB  . GLU D 1 32 ? 7.03015   9.80922   -8.97608  1.000 7.76341  ? 55  GLU D CB  1 
ATOM   1285 C CG  . GLU D 1 32 ? 6.07304   9.62677   -10.13477 1.000 7.99525  ? 55  GLU D CG  1 
ATOM   1286 C CD  . GLU D 1 32 ? 5.12687   10.78745  -10.28064 1.000 14.49226 ? 55  GLU D CD  1 
ATOM   1287 O OE1 . GLU D 1 32 ? 5.03958   11.60860  -9.34568  1.000 22.02457 ? 55  GLU D OE1 1 
ATOM   1288 O OE2 . GLU D 1 32 ? 4.44425   10.86603  -11.31567 1.000 15.57898 ? 55  GLU D OE2 1 
ATOM   1289 N N   . ASN D 1 33 ? 8.97520   9.02036   -6.65921  1.000 7.37025  ? 56  ASN D N   1 
ATOM   1290 C CA  . ASN D 1 33 ? 9.92868   9.40811   -5.61599  1.000 8.23521  ? 56  ASN D CA  1 
ATOM   1291 C C   . ASN D 1 33 ? 11.27104  8.70826   -5.80361  1.000 11.38631 ? 56  ASN D C   1 
ATOM   1292 O O   . ASN D 1 33 ? 12.33157  9.33038   -5.66230  1.000 9.19485  ? 56  ASN D O   1 
ATOM   1293 C CB  . ASN D 1 33 ? 9.31424   9.07675   -4.24347  1.000 11.98285 ? 56  ASN D CB  1 
ATOM   1294 C CG  . ASN D 1 33 ? 10.24089  9.38966   -3.06348  1.000 17.88608 ? 56  ASN D CG  1 
ATOM   1295 O OD1 . ASN D 1 33 ? 10.89434  8.49906   -2.50152  1.000 19.26612 ? 56  ASN D OD1 1 
ATOM   1296 N ND2 . ASN D 1 33 ? 10.25068  10.64397  -2.65011  1.000 17.07151 ? 56  ASN D ND2 1 
ATOM   1297 N N   . ALA D 1 34 ? 11.24443  7.41325   -6.12124  1.000 11.10319 ? 57  ALA D N   1 
ATOM   1298 C CA  . ALA D 1 34 ? 12.48822  6.67163   -6.28046  1.000 10.57545 ? 57  ALA D CA  1 
ATOM   1299 C C   . ALA D 1 34 ? 13.31388  7.22472   -7.43356  1.000 11.60555 ? 57  ALA D C   1 
ATOM   1300 O O   . ALA D 1 34 ? 14.53516  7.38165   -7.31432  1.000 9.50285  ? 57  ALA D O   1 
ATOM   1301 C CB  . ALA D 1 34 ? 12.18384  5.19129   -6.49489  1.000 13.30191 ? 57  ALA D CB  1 
ATOM   1302 N N   . GLY D 1 35 ? 12.66671  7.52922   -8.56282  1.000 9.10003  ? 58  GLY D N   1 
ATOM   1303 C CA  . GLY D 1 35 ? 13.40086  8.08864   -9.69092  1.000 6.52658  ? 58  GLY D CA  1 
ATOM   1304 C C   . GLY D 1 35 ? 13.94864  9.47655   -9.40574  1.000 7.43507  ? 58  GLY D C   1 
ATOM   1305 O O   . GLY D 1 35 ? 15.05144  9.82190   -9.85467  1.000 8.05456  ? 58  GLY D O   1 
ATOM   1306 N N   . LEU D 1 36 ? 13.19391  10.29029  -8.66016  1.000 7.17614  ? 59  LEU D N   1 
ATOM   1307 C CA  . LEU D 1 36 ? 13.68595  11.61890  -8.30712  1.000 6.79921  ? 59  LEU D CA  1 
ATOM   1308 C C   . LEU D 1 36 ? 14.83473  11.53375  -7.31157  1.000 10.29845 ? 59  LEU D C   1 
ATOM   1309 O O   . LEU D 1 36 ? 15.83073  12.26111  -7.44146  1.000 10.17412 ? 59  LEU D O   1 
ATOM   1310 C CB  . LEU D 1 36 ? 12.54414  12.46254  -7.74390  1.000 8.71835  ? 59  LEU D CB  1 
ATOM   1311 C CG  . LEU D 1 36 ? 11.40072  12.72046  -8.72865  1.000 9.58407  ? 59  LEU D CG  1 
ATOM   1312 C CD1 . LEU D 1 36 ? 10.20398  13.31942  -7.98774  1.000 12.42683 ? 59  LEU D CD1 1 
ATOM   1313 C CD2 . LEU D 1 36 ? 11.85609  13.64053  -9.84337  1.000 10.33787 ? 59  LEU D CD2 1 
ATOM   1314 N N   . ARG D 1 37 ? 14.71464  10.65521  -6.30978  1.000 9.05321  ? 60  ARG D N   1 
ATOM   1315 C CA  . ARG D 1 37 ? 15.81190  10.47368  -5.36412  1.000 8.45716  ? 60  ARG D CA  1 
ATOM   1316 C C   . ARG D 1 37 ? 17.08235  10.04672  -6.08771  1.000 9.82718  ? 60  ARG D C   1 
ATOM   1317 O O   . ARG D 1 37 ? 18.17843  10.54640  -5.79454  1.000 11.07744 ? 60  ARG D O   1 
ATOM   1318 C CB  . ARG D 1 37 ? 15.43029  9.44055   -4.30497  1.000 10.99247 ? 60  ARG D CB  1 
ATOM   1319 C CG  . ARG D 1 37 ? 14.60193  10.01072  -3.15655  1.000 14.36662 ? 60  ARG D CG  1 
ATOM   1320 C CD  . ARG D 1 37 ? 14.53076  9.02380   -2.00519  1.000 19.88821 ? 60  ARG D CD  1 
ATOM   1321 N NE  . ARG D 1 37 ? 13.40837  8.10808   -2.16155  1.000 27.93991 ? 60  ARG D NE  1 
ATOM   1322 C CZ  . ARG D 1 37 ? 13.52466  6.81528   -2.43349  1.000 30.23225 ? 60  ARG D CZ  1 
ATOM   1323 N NH1 . ARG D 1 37 ? 14.70910  6.23862   -2.56701  1.000 30.06891 ? 60  ARG D NH1 1 
ATOM   1324 N NH2 . ARG D 1 37 ? 12.42375  6.08318   -2.58600  1.000 29.49789 ? 60  ARG D NH2 1 
ATOM   1325 N N   . LEU D 1 38 ? 16.95268  9.12566   -7.03972  1.000 9.49072  ? 61  LEU D N   1 
ATOM   1326 C CA  . LEU D 1 38 ? 18.12045  8.67401   -7.77866  1.000 7.86564  ? 61  LEU D CA  1 
ATOM   1327 C C   . LEU D 1 38 ? 18.72791  9.81948   -8.57403  1.000 9.96216  ? 61  LEU D C   1 
ATOM   1328 O O   . LEU D 1 38 ? 19.95554  9.91271   -8.70637  1.000 10.60357 ? 61  LEU D O   1 
ATOM   1329 C CB  . LEU D 1 38 ? 17.74383  7.51142   -8.69868  1.000 7.56751  ? 61  LEU D CB  1 
ATOM   1330 C CG  . LEU D 1 38 ? 18.83144  7.02428   -9.65970  1.000 7.77695  ? 61  LEU D CG  1 
ATOM   1331 C CD1 . LEU D 1 38 ? 19.97968  6.40515   -8.84536  1.000 10.37503 ? 61  LEU D CD1 1 
ATOM   1332 C CD2 . LEU D 1 38 ? 18.23246  6.01210   -10.61558 1.000 9.98695  ? 61  LEU D CD2 1 
ATOM   1333 N N   . ARG D 1 39 ? 17.88686  10.70385  -9.11854  1.000 7.11778  ? 62  ARG D N   1 
ATOM   1334 C CA  . ARG D 1 39 ? 18.41791  11.78530  -9.94477  1.000 9.99979  ? 62  ARG D CA  1 
ATOM   1335 C C   . ARG D 1 39 ? 19.24443  12.74396  -9.10132  1.000 11.24112 ? 62  ARG D C   1 
ATOM   1336 O O   . ARG D 1 39 ? 20.28577  13.23634  -9.54765  1.000 13.75724 ? 62  ARG D O   1 
ATOM   1337 C CB  . ARG D 1 39 ? 17.28972  12.53896  -10.64718 1.000 11.14633 ? 62  ARG D CB  1 
ATOM   1338 C CG  . ARG D 1 39 ? 17.77621  13.80488  -11.35358 1.000 11.58648 ? 62  ARG D CG  1 
ATOM   1339 C CD  . ARG D 1 39 ? 18.67976  13.44971  -12.51891 1.000 15.24942 ? 62  ARG D CD  1 
ATOM   1340 N NE  . ARG D 1 39 ? 19.18205  14.63970  -13.19521 1.000 17.37827 ? 62  ARG D NE  1 
ATOM   1341 C CZ  . ARG D 1 39 ? 20.23388  15.34054  -12.79505 1.000 18.91355 ? 62  ARG D CZ  1 
ATOM   1342 N NH1 . ARG D 1 39 ? 20.94094  14.98811  -11.73332 1.000 16.76282 ? 62  ARG D NH1 1 
ATOM   1343 N NH2 . ARG D 1 39 ? 20.58817  16.42481  -13.47969 1.000 23.00030 ? 62  ARG D NH2 1 
ATOM   1344 N N   . ILE D 1 40 ? 18.79868  13.00786  -7.87312  1.000 8.79161  ? 63  ILE D N   1 
ATOM   1345 C CA  . ILE D 1 40 ? 19.58604  13.83901  -6.96234  1.000 11.45387 ? 63  ILE D CA  1 
ATOM   1346 C C   . ILE D 1 40 ? 20.91866  13.16713  -6.64748  1.000 16.24013 ? 63  ILE D C   1 
ATOM   1347 O O   . ILE D 1 40 ? 21.97904  13.80471  -6.70294  1.000 17.39213 ? 63  ILE D O   1 
ATOM   1348 C CB  . ILE D 1 40 ? 18.77201  14.15310  -5.69084  1.000 11.39624 ? 63  ILE D CB  1 
ATOM   1349 C CG1 . ILE D 1 40 ? 17.76887  15.25827  -6.00698  1.000 16.90961 ? 63  ILE D CG1 1 
ATOM   1350 C CG2 . ILE D 1 40 ? 19.68964  14.59402  -4.53444  1.000 17.72408 ? 63  ILE D CG2 1 
ATOM   1351 C CD1 . ILE D 1 40 ? 16.74297  15.47046  -4.94563  1.000 20.68974 ? 63  ILE D CD1 1 
ATOM   1352 N N   . THR D 1 41 ? 20.89672  11.86471  -6.33601  1.000 10.97393 ? 64  THR D N   1 
ATOM   1353 C CA  . THR D 1 41 ? 22.15547  11.18222  -6.04323  1.000 13.56719 ? 64  THR D CA  1 
ATOM   1354 C C   . THR D 1 41 ? 23.12588  11.25016  -7.21521  1.000 15.79549 ? 64  THR D C   1 
ATOM   1355 O O   . THR D 1 41 ? 24.34207  11.35132  -7.00443  1.000 16.32463 ? 64  THR D O   1 
ATOM   1356 C CB  . THR D 1 41 ? 21.92632  9.72256   -5.64078  1.000 15.49332 ? 64  THR D CB  1 
ATOM   1357 O OG1 . THR D 1 41 ? 21.73144  8.91363   -6.81068  1.000 25.28459 ? 64  THR D OG1 1 
ATOM   1358 C CG2 . THR D 1 41 ? 20.82901  9.54668   -4.60960  1.000 16.19498 ? 64  THR D CG2 1 
ATOM   1359 N N   . GLU D 1 42 ? 22.62412  11.21057  -8.44641  1.000 13.95890 ? 65  GLU D N   1 
ATOM   1360 C CA  . GLU D 1 42 ? 23.50839  11.18497  -9.60896  1.000 14.32808 ? 65  GLU D CA  1 
ATOM   1361 C C   . GLU D 1 42 ? 24.15657  12.54606  -9.83474  1.000 20.17975 ? 65  GLU D C   1 
ATOM   1362 O O   . GLU D 1 42 ? 25.17341  12.64486  -10.52846 1.000 26.44685 ? 65  GLU D O   1 
ATOM   1363 C CB  . GLU D 1 42 ? 22.75175  10.74851  -10.86368 1.000 14.45941 ? 65  GLU D CB  1 
ATOM   1364 C CG  . GLU D 1 42 ? 22.39849  9.27984   -10.85619 1.000 14.81453 ? 65  GLU D CG  1 
ATOM   1365 C CD  . GLU D 1 42 ? 21.81105  8.79811   -12.16736 1.000 13.64514 ? 65  GLU D CD  1 
ATOM   1366 O OE1 . GLU D 1 42 ? 21.72156  9.59071   -13.13058 1.000 16.76304 ? 65  GLU D OE1 1 
ATOM   1367 O OE2 . GLU D 1 42 ? 21.43482  7.61243   -12.23179 1.000 13.91786 ? 65  GLU D OE2 1 
HETATM 1368 N N   . NH2 D 1 43 ? 23.57332  13.59187  -9.25238  1.000 18.38129 ? 66  NH2 D N   1 
HETATM 1369 H HN1 . NH2 D 1 43 ? 22.73838  13.46543  -8.69128  1.000 22.05754 ? 66  NH2 D HN1 1 
HETATM 1370 H HN2 . NH2 D 1 43 ? 23.96499  14.52147  -9.36929  1.000 22.05754 ? 66  NH2 D HN2 1 
HETATM 1371 O O   . HOH E 2 .  ? 9.57168   -3.20628  -5.79080  1.000 37.55777 ? 101 HOH A O   1 
HETATM 1372 O O   . HOH E 2 .  ? 16.28193  4.39277   0.50195   1.000 26.01258 ? 102 HOH A O   1 
HETATM 1373 O O   . HOH E 2 .  ? 28.03341  0.60784   -4.83632  1.000 18.82445 ? 103 HOH A O   1 
HETATM 1374 O O   . HOH E 2 .  ? -21.16442 0.01430   5.60038   1.000 17.50451 ? 104 HOH A O   1 
HETATM 1375 O O   . HOH E 2 .  ? 17.64456  0.77004   5.69076   1.000 15.56258 ? 105 HOH A O   1 
HETATM 1376 O O   . HOH E 2 .  ? 19.89092  0.94636   -2.09995  1.000 25.72696 ? 106 HOH A O   1 
HETATM 1377 O O   . HOH E 2 .  ? 0.43827   1.15078   -2.69203  1.000 14.40398 ? 107 HOH A O   1 
HETATM 1378 O O   . HOH E 2 .  ? 13.34711  -3.31369  7.25158   1.000 12.29998 ? 108 HOH A O   1 
HETATM 1379 O O   . HOH E 2 .  ? 18.78080  -5.44261  -2.84814  1.000 19.58350 ? 109 HOH A O   1 
HETATM 1380 O O   . HOH E 2 .  ? 31.78231  -5.92552  2.10642   1.000 24.24512 ? 110 HOH A O   1 
HETATM 1381 O O   . HOH E 2 .  ? 11.77159  -1.36734  6.34710   1.000 11.00325 ? 111 HOH A O   1 
HETATM 1382 O O   . HOH E 2 .  ? 24.86992  -9.95590  1.18793   1.000 17.02391 ? 112 HOH A O   1 
HETATM 1383 O O   . HOH E 2 .  ? 15.70544  -6.03629  -3.04943  1.000 20.70675 ? 113 HOH A O   1 
HETATM 1384 O O   . HOH E 2 .  ? 31.10974  -0.48709  -4.68734  1.000 10.40445 ? 114 HOH A O   1 
HETATM 1385 O O   . HOH E 2 .  ? 5.95520   -0.78935  -5.87126  1.000 27.73373 ? 115 HOH A O   1 
HETATM 1386 O O   . HOH E 2 .  ? 5.72272   1.29418   -5.84100  1.000 23.49391 ? 116 HOH A O   1 
HETATM 1387 O O   . HOH E 2 .  ? 0.09758   1.32898   0.35118   1.000 14.45134 ? 117 HOH A O   1 
HETATM 1388 O O   . HOH E 2 .  ? -4.82454  -4.04333  8.01519   1.000 30.05072 ? 118 HOH A O   1 
HETATM 1389 O O   . HOH E 2 .  ? 33.46638  0.37648   -2.74128  1.000 25.33323 ? 119 HOH A O   1 
HETATM 1390 O O   . HOH F 2 .  ? -5.02302  -0.18626  6.08310   1.000 26.25892 ? 101 HOH B O   1 
HETATM 1391 O O   . HOH F 2 .  ? -26.78222 -12.77127 10.29030  1.000 22.81212 ? 102 HOH B O   1 
HETATM 1392 O O   . HOH F 2 .  ? -33.07840 -1.87163  8.89817   1.000 26.78236 ? 103 HOH B O   1 
HETATM 1393 O O   . HOH F 2 .  ? 9.00474   8.44421   0.80201   1.000 29.58458 ? 104 HOH B O   1 
HETATM 1394 O O   . HOH F 2 .  ? 0.03518   13.45649  8.53737   1.000 30.32661 ? 105 HOH B O   1 
HETATM 1395 O O   . HOH F 2 .  ? -14.33790 9.68492   2.45223   1.000 21.52742 ? 106 HOH B O   1 
HETATM 1396 O O   . HOH F 2 .  ? -0.77942  0.40772   4.86704   1.000 16.31939 ? 107 HOH B O   1 
HETATM 1397 O O   . HOH F 2 .  ? -19.56047 -5.51263  10.60699  1.000 29.30558 ? 108 HOH B O   1 
HETATM 1398 O O   . HOH F 2 .  ? 19.74329  27.59466  -9.45669  1.000 22.03531 ? 109 HOH B O   1 
HETATM 1399 O O   . HOH F 2 .  ? 2.51824   18.21529  3.57375   1.000 28.91390 ? 110 HOH B O   1 
HETATM 1400 O O   . HOH F 2 .  ? -22.43493 10.62501  13.44354  1.000 25.69374 ? 111 HOH B O   1 
HETATM 1401 O O   . HOH F 2 .  ? -26.95523 -7.64426  13.39086  1.000 27.73195 ? 112 HOH B O   1 
HETATM 1402 O O   . HOH F 2 .  ? 4.34374   16.50395  -5.98647  1.000 28.38849 ? 113 HOH B O   1 
HETATM 1403 O O   . HOH F 2 .  ? -14.66917 12.05577  4.68177   1.000 11.18434 ? 114 HOH B O   1 
HETATM 1404 O O   . HOH F 2 .  ? -26.19239 -1.63663  16.38056  1.000 14.55004 ? 115 HOH B O   1 
HETATM 1405 O O   . HOH F 2 .  ? -24.88588 -5.90608  13.24934  1.000 20.86433 ? 116 HOH B O   1 
HETATM 1406 O O   . HOH F 2 .  ? 9.93901   14.78700  -12.84730 1.000 27.69390 ? 117 HOH B O   1 
HETATM 1407 O O   . HOH F 2 .  ? -7.40439  -4.77007  7.99789   1.000 28.57202 ? 118 HOH B O   1 
HETATM 1408 O O   . HOH F 2 .  ? -1.52987  2.83023   1.09704   1.000 11.13966 ? 119 HOH B O   1 
HETATM 1409 O O   . HOH F 2 .  ? -29.82736 4.36730   10.34938  1.000 27.47912 ? 120 HOH B O   1 
HETATM 1410 O O   . HOH F 2 .  ? -4.16581  -2.25921  9.39540   1.000 34.76261 ? 121 HOH B O   1 
HETATM 1411 O O   . HOH F 2 .  ? -22.75984 -1.66147  16.01703  1.000 23.57622 ? 122 HOH B O   1 
HETATM 1412 O O   . HOH F 2 .  ? -10.99246 11.71215  7.52226   1.000 26.39121 ? 123 HOH B O   1 
HETATM 1413 O O   . HOH F 2 .  ? -10.11835 12.41439  5.96293   1.000 31.67797 ? 124 HOH B O   1 
HETATM 1414 O O   . HOH G 2 .  ? 27.11030  -17.45382 9.43778   1.000 22.61132 ? 101 HOH C O   1 
HETATM 1415 O O   . HOH G 2 .  ? 23.54330  -10.83633 11.78418  1.000 20.19212 ? 102 HOH C O   1 
HETATM 1416 O O   . HOH G 2 .  ? 11.63134  -11.35423 -2.62229  1.000 21.85222 ? 103 HOH C O   1 
HETATM 1417 O O   . HOH G 2 .  ? -7.60808  -5.24534  -7.48668  1.000 20.12868 ? 104 HOH C O   1 
HETATM 1418 O O   . HOH G 2 .  ? -24.19554 -5.15744  -6.14138  1.000 22.42247 ? 105 HOH C O   1 
HETATM 1419 O O   . HOH G 2 .  ? 2.92650   -10.45605 8.93847   1.000 17.91310 ? 106 HOH C O   1 
HETATM 1420 O O   . HOH G 2 .  ? 14.56804  -12.24399 -4.94954  1.000 20.58345 ? 107 HOH C O   1 
HETATM 1421 O O   . HOH G 2 .  ? -23.86235 -2.64840  -15.94000 1.000 20.90749 ? 108 HOH C O   1 
HETATM 1422 O O   . HOH G 2 .  ? 1.66737   -3.88777  -6.65719  1.000 13.77445 ? 109 HOH C O   1 
HETATM 1423 O O   . HOH G 2 .  ? 6.47019   -11.18827 -12.05724 1.000 39.91111 ? 110 HOH C O   1 
HETATM 1424 O O   . HOH G 2 .  ? 21.87660  -17.00182 10.02395  1.000 27.83338 ? 111 HOH C O   1 
HETATM 1425 O O   . HOH G 2 .  ? 30.43587  -16.78026 9.06194   1.000 8.90518  ? 112 HOH C O   1 
HETATM 1426 O O   . HOH G 2 .  ? -12.01713 -5.55180  -11.08644 1.000 29.91619 ? 113 HOH C O   1 
HETATM 1427 O O   . HOH G 2 .  ? 18.91910  -16.89373 -1.98566  1.000 13.54001 ? 114 HOH C O   1 
HETATM 1428 O O   . HOH G 2 .  ? 29.21248  -13.19057 11.77113  1.000 18.97627 ? 115 HOH C O   1 
HETATM 1429 O O   . HOH G 2 .  ? -7.34463  -3.43893  -4.90802  1.000 11.94673 ? 116 HOH C O   1 
HETATM 1430 O O   . HOH G 2 .  ? -1.67475  -9.84125  -9.26615  1.000 32.35325 ? 117 HOH C O   1 
HETATM 1431 O O   . HOH G 2 .  ? 29.30327  -5.41271  11.15794  1.000 22.73463 ? 118 HOH C O   1 
HETATM 1432 O O   . HOH G 2 .  ? -19.55240 -17.45457 -4.79034  1.000 31.43855 ? 119 HOH C O   1 
HETATM 1433 O O   . HOH G 2 .  ? 16.84844  -11.03736 9.81876   1.000 33.57176 ? 120 HOH C O   1 
HETATM 1434 O O   . HOH H 2 .  ? -17.41531 0.39953   -7.97241  1.000 19.88569 ? 101 HOH D O   1 
HETATM 1435 O O   . HOH H 2 .  ? 9.96219   5.66768   -3.15190  1.000 25.13190 ? 102 HOH D O   1 
HETATM 1436 O O   . HOH H 2 .  ? 2.71921   12.75949  -11.24572 1.000 22.09329 ? 103 HOH D O   1 
HETATM 1437 O O   . HOH H 2 .  ? -4.87078  9.60746   -8.14879  1.000 25.98834 ? 104 HOH D O   1 
HETATM 1438 O O   . HOH H 2 .  ? -6.31512  4.28527   -9.90677  1.000 27.23341 ? 105 HOH D O   1 
HETATM 1439 O O   . HOH H 2 .  ? 3.26149   0.92983   -0.17588  1.000 14.44545 ? 106 HOH D O   1 
HETATM 1440 O O   . HOH H 2 .  ? -19.08694 7.24444   0.14327   1.000 19.74519 ? 107 HOH D O   1 
HETATM 1441 O O   . HOH H 2 .  ? 4.47094   1.87559   -10.26146 1.000 9.91956  ? 108 HOH D O   1 
HETATM 1442 O O   . HOH H 2 .  ? 20.79766  6.94149   -14.89162 1.000 15.56434 ? 109 HOH D O   1 
HETATM 1443 O O   . HOH H 2 .  ? -4.82265  7.10852   -8.25535  1.000 21.68610 ? 110 HOH D O   1 
HETATM 1444 O O   . HOH H 2 .  ? -32.97693 4.36353   -1.37432  1.000 24.86171 ? 111 HOH D O   1 
HETATM 1445 O O   . HOH H 2 .  ? -14.48773 12.09639  -6.22384  1.000 32.46411 ? 112 HOH D O   1 
HETATM 1446 O O   . HOH H 2 .  ? -5.09466  14.10511  -1.44843  1.000 31.40829 ? 113 HOH D O   1 
HETATM 1447 O O   . HOH H 2 .  ? -16.42824 8.51435   0.65107   1.000 24.21313 ? 114 HOH D O   1 
HETATM 1448 O O   . HOH H 2 .  ? -32.82797 0.02649   0.92850   1.000 13.77782 ? 115 HOH D O   1 
HETATM 1449 O O   . HOH H 2 .  ? -25.97865 -6.22485  -2.98807  1.000 6.06022  ? 116 HOH D O   1 
HETATM 1450 O O   . HOH H 2 .  ? 8.93000   6.16682   -0.98142  1.000 31.45732 ? 117 HOH D O   1 
HETATM 1451 O O   . HOH H 2 .  ? 23.63018  17.88358  -14.08575 1.000 27.79459 ? 118 HOH D O   1 
HETATM 1452 O O   . HOH H 2 .  ? -6.13036  -1.02736  -5.25766  1.000 23.07769 ? 119 HOH D O   1 
HETATM 1453 O O   . HOH H 2 .  ? -34.48074 1.93853   -0.19238  1.000 22.32800 ? 120 HOH D O   1 
HETATM 1454 O O   . HOH H 2 .  ? -26.84179 8.03966   8.53632   1.000 27.09673 ? 121 HOH D O   1 
HETATM 1455 O O   . HOH H 2 .  ? 15.61725  3.43987   -7.49646  1.000 32.82116 ? 122 HOH D O   1 
# 
